data_6U78
#
_entry.id   6U78
#
_cell.length_a   87.784
_cell.length_b   173.691
_cell.length_c   173.515
_cell.angle_alpha   90.000
_cell.angle_beta   90.000
_cell.angle_gamma   90.000
#
_symmetry.space_group_name_H-M   'P 21 21 2'
#
loop_
_entity.id
_entity.type
_entity.pdbx_description
1 polymer Aminotransferase
2 non-polymer "PYRIDOXAL-5'-PHOSPHATE"
3 non-polymer 'GLUTAMIC ACID'
4 non-polymer 'SULFATE ION'
5 non-polymer GLYCEROL
6 water water
#
_entity_poly.entity_id   1
_entity_poly.type   'polypeptide(L)'
_entity_poly.pdbx_seq_one_letter_code
;VSFDSLSPQELAALHARHQQDYAALQGMKLALDLTRGKPSAEQLDLSNQLLSLPGDDYRDPEGTDTRNYGGQHGLPGLRA
IFAELLGIAVPNLIAGNNSSLELMHDIVAFSMLYGGVDSPRPWIQEQDGIKFLCPVPGYDRHFAITETMGIEMIPIPMLQ
DGPDVDLIEELVAVDPAIKGMWTVPVFGNPSGVTYSWETVRRLVQMRTAAPDFRLFWDNAYAVHTLTLDFPRQVDVLGLA
AKAGNPNRPYVFASTSKITFAGGGVSFFGGSLGNIAWYLQYAGKKSIGPDKVNQLRHLRFFGDADGVRLHMLRHQQILAP
KFALVAEVLDQRLSESKIASWTEPKGGYFISLDVLPGTARRTVALAKDVGIAVTEAGASFPYRKDPDDKNIRIAPSFPSV
PDLRNAVDGLATCALLAATETLLNQGLASSAPNVR
;
_entity_poly.pdbx_strand_id   A,B,C,D
#
loop_
_chem_comp.id
_chem_comp.type
_chem_comp.name
_chem_comp.formula
GOL non-polymer GLYCEROL 'C3 H8 O3'
PLP non-polymer PYRIDOXAL-5'-PHOSPHATE 'C8 H10 N O6 P'
SO4 non-polymer 'SULFATE ION' 'O4 S -2'
#
# COMPACT_ATOMS: atom_id res chain seq x y z
N SER A 7 -13.26 -33.34 -14.12
CA SER A 7 -14.69 -33.41 -14.39
C SER A 7 -15.51 -32.88 -13.21
N PRO A 8 -16.70 -32.36 -13.49
CA PRO A 8 -17.65 -32.10 -12.39
C PRO A 8 -18.17 -33.38 -11.75
N GLN A 9 -18.13 -34.50 -12.47
CA GLN A 9 -18.63 -35.75 -11.92
C GLN A 9 -17.59 -36.46 -11.06
N GLU A 10 -16.32 -36.43 -11.47
CA GLU A 10 -15.27 -36.97 -10.61
C GLU A 10 -15.08 -36.11 -9.38
N LEU A 11 -15.43 -34.83 -9.46
CA LEU A 11 -15.48 -33.98 -8.27
C LEU A 11 -16.58 -34.43 -7.34
N ALA A 12 -17.76 -34.77 -7.88
CA ALA A 12 -18.85 -35.26 -7.07
C ALA A 12 -18.53 -36.61 -6.44
N ALA A 13 -17.74 -37.44 -7.14
CA ALA A 13 -17.34 -38.72 -6.57
C ALA A 13 -16.40 -38.54 -5.39
N LEU A 14 -15.44 -37.63 -5.51
CA LEU A 14 -14.51 -37.39 -4.41
C LEU A 14 -15.21 -36.73 -3.23
N HIS A 15 -16.15 -35.82 -3.50
CA HIS A 15 -16.90 -35.19 -2.43
C HIS A 15 -17.62 -36.22 -1.57
N ALA A 16 -18.14 -37.27 -2.20
CA ALA A 16 -18.82 -38.33 -1.45
C ALA A 16 -17.87 -39.05 -0.50
N ARG A 17 -16.67 -39.37 -0.99
CA ARG A 17 -15.65 -39.96 -0.12
C ARG A 17 -15.34 -39.03 1.06
N HIS A 18 -15.28 -37.73 0.80
CA HIS A 18 -15.05 -36.77 1.88
C HIS A 18 -16.23 -36.69 2.83
N GLN A 19 -17.45 -36.98 2.34
CA GLN A 19 -18.61 -36.97 3.22
C GLN A 19 -18.56 -38.14 4.20
N GLN A 20 -18.16 -39.32 3.71
CA GLN A 20 -18.03 -40.48 4.60
C GLN A 20 -16.92 -40.27 5.61
N ASP A 21 -15.79 -39.69 5.20
CA ASP A 21 -14.70 -39.42 6.13
C ASP A 21 -15.14 -38.43 7.20
N TYR A 22 -15.88 -37.39 6.81
CA TYR A 22 -16.44 -36.49 7.80
C TYR A 22 -17.47 -37.18 8.67
N ALA A 23 -18.29 -38.05 8.07
CA ALA A 23 -19.24 -38.83 8.84
C ALA A 23 -18.52 -39.72 9.85
N ALA A 24 -17.47 -40.42 9.39
CA ALA A 24 -16.70 -41.27 10.30
C ALA A 24 -16.01 -40.43 11.36
N LEU A 25 -15.42 -39.30 10.96
CA LEU A 25 -14.73 -38.45 11.93
C LEU A 25 -15.69 -37.88 12.95
N GLN A 26 -16.86 -37.44 12.51
CA GLN A 26 -17.89 -36.99 13.44
C GLN A 26 -18.28 -38.10 14.40
N GLY A 27 -18.35 -39.34 13.91
CA GLY A 27 -18.74 -40.46 14.75
C GLY A 27 -17.77 -40.72 15.88
N MET A 28 -16.50 -40.34 15.72
CA MET A 28 -15.52 -40.55 16.76
C MET A 28 -15.72 -39.61 17.95
N LYS A 29 -16.61 -38.61 17.82
CA LYS A 29 -16.97 -37.67 18.88
C LYS A 29 -15.76 -37.23 19.71
N LEU A 30 -14.91 -36.39 19.13
CA LEU A 30 -13.66 -36.00 19.77
C LEU A 30 -13.83 -34.70 20.53
N ALA A 31 -12.75 -34.29 21.21
CA ALA A 31 -12.71 -33.06 21.99
C ALA A 31 -11.26 -32.56 21.99
N LEU A 32 -10.83 -32.06 20.84
CA LEU A 32 -9.47 -31.61 20.63
C LEU A 32 -9.45 -30.09 20.41
N ASP A 33 -8.25 -29.53 20.39
CA ASP A 33 -8.08 -28.08 20.37
C ASP A 33 -6.72 -27.75 19.80
N LEU A 34 -6.70 -26.99 18.70
CA LEU A 34 -5.46 -26.51 18.07
C LEU A 34 -5.31 -25.00 18.19
N THR A 35 -6.01 -24.37 19.12
CA THR A 35 -5.98 -22.92 19.25
C THR A 35 -5.03 -22.42 20.34
N ARG A 36 -4.56 -23.31 21.22
CA ARG A 36 -3.84 -22.91 22.42
C ARG A 36 -2.38 -22.64 22.08
N GLY A 37 -2.02 -21.36 22.02
CA GLY A 37 -0.63 -20.98 21.90
C GLY A 37 0.04 -20.85 23.24
N LYS A 38 0.19 -21.98 23.94
CA LYS A 38 0.76 -22.00 25.28
C LYS A 38 1.63 -23.25 25.43
N PRO A 39 2.65 -23.19 26.28
CA PRO A 39 3.52 -24.36 26.45
C PRO A 39 2.76 -25.54 27.03
N SER A 40 3.23 -26.74 26.70
CA SER A 40 2.66 -27.93 27.29
C SER A 40 3.10 -28.04 28.75
N ALA A 41 2.40 -28.91 29.49
CA ALA A 41 2.80 -29.17 30.87
C ALA A 41 4.22 -29.71 30.95
N GLU A 42 4.64 -30.46 29.94
CA GLU A 42 5.99 -31.01 29.93
C GLU A 42 7.03 -29.90 29.82
N GLN A 43 6.76 -28.89 28.98
CA GLN A 43 7.66 -27.74 28.89
C GLN A 43 7.72 -26.98 30.21
N LEU A 44 6.57 -26.74 30.83
CA LEU A 44 6.52 -26.02 32.08
C LEU A 44 7.24 -26.75 33.22
N ASP A 45 7.34 -28.09 33.12
CA ASP A 45 8.08 -28.84 34.12
C ASP A 45 9.58 -28.53 34.09
N LEU A 46 10.10 -28.06 32.95
CA LEU A 46 11.52 -27.78 32.84
C LEU A 46 11.98 -26.73 33.85
N SER A 47 11.09 -25.81 34.22
CA SER A 47 11.42 -24.70 35.12
C SER A 47 10.69 -24.79 36.45
N ASN A 48 10.37 -26.00 36.89
CA ASN A 48 9.69 -26.17 38.17
C ASN A 48 10.56 -25.74 39.35
N GLN A 49 11.87 -25.57 39.13
CA GLN A 49 12.73 -25.04 40.19
C GLN A 49 12.27 -23.65 40.63
N LEU A 50 11.64 -22.89 39.73
CA LEU A 50 11.17 -21.54 40.07
C LEU A 50 10.18 -21.56 41.23
N LEU A 51 9.42 -22.64 41.38
CA LEU A 51 8.41 -22.71 42.42
C LEU A 51 9.01 -22.66 43.82
N SER A 52 10.30 -22.94 43.96
CA SER A 52 10.99 -22.90 45.24
C SER A 52 12.01 -21.77 45.34
N LEU A 53 12.13 -20.95 44.31
CA LEU A 53 13.08 -19.85 44.26
C LEU A 53 12.42 -18.56 44.70
N PRO A 54 13.21 -17.55 45.12
CA PRO A 54 14.67 -17.48 45.18
C PRO A 54 15.28 -18.14 46.41
N GLY A 55 14.46 -18.42 47.41
CA GLY A 55 14.95 -18.92 48.68
C GLY A 55 15.15 -17.80 49.68
N ASP A 56 15.87 -18.13 50.75
CA ASP A 56 16.04 -17.18 51.84
C ASP A 56 16.83 -15.95 51.42
N ASP A 57 17.76 -16.09 50.48
CA ASP A 57 18.55 -14.95 50.00
C ASP A 57 17.68 -14.11 49.07
N TYR A 58 17.05 -13.08 49.61
CA TYR A 58 16.16 -12.20 48.86
C TYR A 58 16.89 -11.05 48.19
N ARG A 59 18.21 -10.98 48.31
CA ARG A 59 18.98 -9.87 47.76
C ARG A 59 19.58 -10.26 46.41
N ASP A 60 19.57 -9.30 45.49
CA ASP A 60 20.22 -9.48 44.20
C ASP A 60 21.71 -9.23 44.35
N PRO A 61 22.52 -9.53 43.31
CA PRO A 61 23.97 -9.34 43.43
C PRO A 61 24.40 -7.93 43.86
N GLU A 62 23.54 -6.94 43.67
CA GLU A 62 23.84 -5.57 44.08
C GLU A 62 23.49 -5.29 45.53
N GLY A 63 22.91 -6.26 46.24
CA GLY A 63 22.52 -6.10 47.62
C GLY A 63 21.15 -5.53 47.84
N THR A 64 20.37 -5.31 46.78
CA THR A 64 19.07 -4.68 46.92
C THR A 64 18.04 -5.68 47.45
N ASP A 65 17.30 -5.24 48.47
CA ASP A 65 16.19 -6.02 49.04
C ASP A 65 15.03 -6.02 48.04
N THR A 66 14.87 -7.14 47.33
CA THR A 66 13.83 -7.23 46.32
C THR A 66 12.42 -7.26 46.91
N ARG A 67 12.29 -7.41 48.23
CA ARG A 67 10.98 -7.48 48.86
C ARG A 67 10.35 -6.12 49.12
N ASN A 68 11.06 -5.02 48.83
CA ASN A 68 10.58 -3.69 49.18
C ASN A 68 10.47 -2.82 47.93
N TYR A 69 9.74 -1.72 48.08
CA TYR A 69 9.52 -0.78 46.98
C TYR A 69 10.83 -0.27 46.40
N GLY A 70 10.81 0.08 45.13
CA GLY A 70 11.93 0.74 44.48
C GLY A 70 12.46 0.05 43.25
N GLY A 71 13.04 0.85 42.34
CA GLY A 71 13.69 0.32 41.16
C GLY A 71 12.79 0.14 39.96
N GLN A 72 12.74 1.16 39.10
CA GLN A 72 11.88 1.09 37.92
C GLN A 72 12.50 0.30 36.79
N HIS A 73 13.84 0.30 36.68
CA HIS A 73 14.49 -0.32 35.53
C HIS A 73 14.50 -1.85 35.62
N GLY A 74 14.43 -2.40 36.83
CA GLY A 74 14.52 -3.83 37.01
C GLY A 74 15.93 -4.26 37.41
N LEU A 75 16.02 -5.53 37.82
CA LEU A 75 17.27 -6.08 38.31
C LEU A 75 18.33 -6.06 37.22
N PRO A 76 19.46 -5.38 37.42
CA PRO A 76 20.49 -5.35 36.38
C PRO A 76 21.04 -6.73 36.02
N GLY A 77 21.12 -7.64 36.99
CA GLY A 77 21.62 -8.97 36.70
C GLY A 77 20.76 -9.71 35.69
N LEU A 78 19.44 -9.55 35.80
CA LEU A 78 18.55 -10.20 34.83
C LEU A 78 18.58 -9.47 33.48
N ARG A 79 18.61 -8.14 33.51
CA ARG A 79 18.70 -7.38 32.27
C ARG A 79 20.01 -7.67 31.53
N ALA A 80 21.07 -8.01 32.26
CA ALA A 80 22.33 -8.33 31.62
C ALA A 80 22.26 -9.63 30.85
N ILE A 81 21.49 -10.61 31.35
CA ILE A 81 21.37 -11.89 30.67
C ILE A 81 20.70 -11.70 29.32
N PHE A 82 19.61 -10.94 29.27
CA PHE A 82 18.89 -10.69 28.04
C PHE A 82 19.47 -9.55 27.22
N ALA A 83 20.32 -8.71 27.82
CA ALA A 83 21.14 -7.80 27.04
C ALA A 83 21.95 -8.57 26.00
N GLU A 84 22.62 -9.64 26.44
CA GLU A 84 23.42 -10.45 25.54
C GLU A 84 22.54 -11.19 24.54
N LEU A 85 21.42 -11.75 25.00
CA LEU A 85 20.56 -12.54 24.13
C LEU A 85 19.94 -11.70 23.02
N LEU A 86 19.68 -10.42 23.27
CA LEU A 86 19.03 -9.56 22.32
C LEU A 86 19.99 -8.63 21.59
N GLY A 87 21.21 -8.47 22.08
CA GLY A 87 22.12 -7.51 21.49
C GLY A 87 21.80 -6.07 21.82
N ILE A 88 21.45 -5.79 23.07
CA ILE A 88 21.07 -4.46 23.52
C ILE A 88 21.81 -4.16 24.82
N ALA A 89 22.32 -2.94 24.94
CA ALA A 89 23.03 -2.56 26.15
C ALA A 89 22.10 -2.59 27.35
N VAL A 90 22.68 -2.81 28.54
CA VAL A 90 21.88 -2.92 29.76
C VAL A 90 21.12 -1.63 30.06
N PRO A 91 21.73 -0.44 30.02
CA PRO A 91 20.94 0.79 30.26
C PRO A 91 19.85 1.02 29.22
N ASN A 92 19.91 0.33 28.09
CA ASN A 92 18.88 0.42 27.06
C ASN A 92 17.83 -0.67 27.20
N LEU A 93 17.82 -1.40 28.32
CA LEU A 93 16.90 -2.50 28.53
C LEU A 93 16.39 -2.47 29.96
N ILE A 94 15.06 -2.53 30.12
CA ILE A 94 14.44 -2.60 31.42
C ILE A 94 13.65 -3.91 31.52
N ALA A 95 13.26 -4.26 32.74
CA ALA A 95 12.52 -5.48 33.01
C ALA A 95 11.24 -5.13 33.77
N GLY A 96 10.11 -5.65 33.29
CA GLY A 96 8.83 -5.35 33.90
C GLY A 96 8.19 -6.54 34.59
N ASN A 97 6.87 -6.68 34.43
CA ASN A 97 6.14 -7.74 35.10
C ASN A 97 5.97 -8.95 34.19
N ASN A 98 4.80 -9.58 34.24
CA ASN A 98 4.57 -10.87 33.59
C ASN A 98 4.10 -10.75 32.14
N SER A 99 3.94 -9.54 31.62
CA SER A 99 3.32 -9.37 30.30
C SER A 99 4.11 -8.36 29.49
N SER A 100 4.71 -8.82 28.38
CA SER A 100 5.29 -7.90 27.42
C SER A 100 4.22 -7.20 26.61
N LEU A 101 3.09 -7.87 26.38
CA LEU A 101 1.96 -7.24 25.73
C LEU A 101 1.49 -6.01 26.48
N GLU A 102 1.57 -6.04 27.82
CA GLU A 102 1.19 -4.89 28.62
C GLU A 102 2.15 -3.72 28.42
N LEU A 103 3.43 -4.01 28.17
CA LEU A 103 4.37 -2.94 27.85
C LEU A 103 4.02 -2.29 26.51
N MET A 104 3.68 -3.10 25.50
CA MET A 104 3.29 -2.56 24.21
C MET A 104 2.04 -1.70 24.33
N HIS A 105 1.02 -2.23 25.03
CA HIS A 105 -0.23 -1.51 25.18
C HIS A 105 -0.03 -0.17 25.89
N ASP A 106 0.75 -0.17 26.97
CA ASP A 106 1.00 1.08 27.69
C ASP A 106 1.70 2.10 26.81
N ILE A 107 2.65 1.64 25.99
CA ILE A 107 3.40 2.57 25.15
C ILE A 107 2.52 3.15 24.05
N VAL A 108 1.56 2.37 23.54
CA VAL A 108 0.59 2.91 22.59
C VAL A 108 -0.34 3.90 23.30
N ALA A 109 -0.79 3.55 24.50
CA ALA A 109 -1.68 4.45 25.25
C ALA A 109 -0.97 5.73 25.65
N PHE A 110 0.31 5.62 26.05
CA PHE A 110 1.10 6.82 26.34
C PHE A 110 1.25 7.68 25.09
N SER A 111 1.46 7.03 23.94
CA SER A 111 1.63 7.77 22.69
C SER A 111 0.37 8.51 22.29
N MET A 112 -0.80 7.93 22.58
CA MET A 112 -2.04 8.61 22.24
C MET A 112 -2.37 9.72 23.22
N LEU A 113 -2.10 9.50 24.51
CA LEU A 113 -2.44 10.47 25.54
C LEU A 113 -1.40 11.57 25.69
N TYR A 114 -0.11 11.23 25.61
CA TYR A 114 0.96 12.19 25.82
C TYR A 114 1.90 12.34 24.64
N GLY A 115 1.81 11.48 23.63
CA GLY A 115 2.74 11.50 22.52
C GLY A 115 4.08 10.91 22.89
N GLY A 116 4.80 10.49 21.86
CA GLY A 116 6.15 9.99 22.04
C GLY A 116 7.10 11.08 22.52
N VAL A 117 8.36 10.67 22.72
CA VAL A 117 9.36 11.60 23.25
C VAL A 117 9.65 12.74 22.28
N ASP A 118 9.29 12.59 21.01
CA ASP A 118 9.52 13.63 20.01
C ASP A 118 8.28 13.84 19.14
N SER A 119 7.10 13.62 19.71
CA SER A 119 5.87 13.80 18.96
C SER A 119 5.51 15.29 18.87
N PRO A 120 4.94 15.74 17.76
CA PRO A 120 4.45 17.12 17.70
C PRO A 120 3.32 17.37 18.67
N ARG A 121 2.49 16.36 18.92
CA ARG A 121 1.38 16.43 19.84
C ARG A 121 0.93 15.01 20.14
N PRO A 122 0.20 14.80 21.24
CA PRO A 122 -0.35 13.46 21.50
C PRO A 122 -1.20 12.98 20.33
N TRP A 123 -1.15 11.66 20.08
CA TRP A 123 -1.80 11.09 18.91
C TRP A 123 -3.32 11.29 18.93
N ILE A 124 -3.91 11.38 20.13
CA ILE A 124 -5.34 11.61 20.22
C ILE A 124 -5.72 13.00 19.71
N GLN A 125 -4.76 13.92 19.64
CA GLN A 125 -5.04 15.27 19.19
C GLN A 125 -4.90 15.43 17.68
N GLU A 126 -4.40 14.41 16.97
CA GLU A 126 -4.49 14.38 15.52
C GLU A 126 -5.94 14.12 15.14
N GLN A 127 -6.64 15.15 14.67
CA GLN A 127 -8.08 15.07 14.51
C GLN A 127 -8.51 14.33 13.24
N ASP A 128 -7.57 14.01 12.34
CA ASP A 128 -7.92 13.17 11.21
C ASP A 128 -7.68 11.69 11.47
N GLY A 129 -6.68 11.35 12.29
CA GLY A 129 -6.52 9.97 12.72
C GLY A 129 -5.11 9.47 12.79
N ILE A 130 -4.96 8.23 13.27
CA ILE A 130 -3.67 7.57 13.42
C ILE A 130 -3.74 6.23 12.68
N LYS A 131 -2.62 5.81 12.11
CA LYS A 131 -2.56 4.58 11.33
C LYS A 131 -1.31 3.78 11.69
N PHE A 132 -1.46 2.45 11.73
CA PHE A 132 -0.38 1.52 11.95
C PHE A 132 -0.26 0.59 10.76
N LEU A 133 0.97 0.22 10.41
CA LEU A 133 1.20 -0.77 9.37
C LEU A 133 1.34 -2.15 10.02
N CYS A 134 0.67 -3.14 9.45
CA CYS A 134 0.57 -4.47 10.06
C CYS A 134 0.88 -5.53 9.02
N PRO A 135 2.14 -5.97 8.94
CA PRO A 135 2.48 -7.11 8.08
C PRO A 135 1.66 -8.34 8.45
N VAL A 136 1.12 -8.99 7.44
CA VAL A 136 0.22 -10.14 7.63
C VAL A 136 0.82 -11.37 6.98
N PRO A 137 0.58 -12.59 7.51
CA PRO A 137 -0.21 -12.86 8.73
C PRO A 137 0.50 -12.42 10.01
N GLY A 138 -0.25 -11.81 10.92
CA GLY A 138 0.34 -11.23 12.12
C GLY A 138 -0.28 -11.67 13.42
N TYR A 139 0.03 -10.93 14.48
CA TYR A 139 -0.42 -11.26 15.84
C TYR A 139 -1.75 -10.57 16.11
N ASP A 140 -2.76 -11.36 16.48
CA ASP A 140 -4.09 -10.81 16.70
C ASP A 140 -4.11 -9.82 17.86
N ARG A 141 -3.33 -10.11 18.92
CA ARG A 141 -3.30 -9.22 20.07
C ARG A 141 -2.56 -7.93 19.78
N HIS A 142 -1.66 -7.92 18.79
CA HIS A 142 -1.13 -6.66 18.28
C HIS A 142 -2.25 -5.82 17.71
N PHE A 143 -3.11 -6.43 16.90
CA PHE A 143 -4.16 -5.68 16.22
C PHE A 143 -5.27 -5.28 17.18
N ALA A 144 -5.50 -6.06 18.23
CA ALA A 144 -6.52 -5.71 19.22
C ALA A 144 -6.17 -4.40 19.92
N ILE A 145 -4.88 -4.17 20.16
CA ILE A 145 -4.46 -2.90 20.77
C ILE A 145 -4.84 -1.73 19.88
N THR A 146 -4.43 -1.78 18.61
CA THR A 146 -4.70 -0.66 17.71
C THR A 146 -6.18 -0.55 17.36
N GLU A 147 -6.88 -1.68 17.26
CA GLU A 147 -8.31 -1.62 16.97
C GLU A 147 -9.08 -0.99 18.12
N THR A 148 -8.77 -1.39 19.36
CA THR A 148 -9.46 -0.82 20.51
C THR A 148 -9.16 0.66 20.68
N MET A 149 -7.92 1.07 20.37
CA MET A 149 -7.52 2.46 20.52
C MET A 149 -7.98 3.34 19.36
N GLY A 150 -8.73 2.81 18.40
CA GLY A 150 -9.15 3.59 17.26
C GLY A 150 -8.08 3.86 16.23
N ILE A 151 -6.96 3.15 16.27
CA ILE A 151 -5.89 3.30 15.30
C ILE A 151 -6.22 2.40 14.11
N GLU A 152 -6.28 2.99 12.92
CA GLU A 152 -6.56 2.21 11.72
C GLU A 152 -5.32 1.42 11.30
N MET A 153 -5.56 0.24 10.74
CA MET A 153 -4.50 -0.72 10.46
C MET A 153 -4.46 -1.02 8.97
N ILE A 154 -3.26 -1.04 8.40
CA ILE A 154 -3.04 -1.22 6.98
C ILE A 154 -2.28 -2.53 6.79
N PRO A 155 -2.90 -3.58 6.25
CA PRO A 155 -2.18 -4.84 6.05
C PRO A 155 -1.04 -4.68 5.06
N ILE A 156 0.04 -5.42 5.31
CA ILE A 156 1.23 -5.41 4.46
C ILE A 156 1.61 -6.85 4.14
N PRO A 157 1.88 -7.18 2.87
CA PRO A 157 2.27 -8.55 2.55
C PRO A 157 3.61 -8.91 3.17
N MET A 158 3.73 -10.19 3.55
CA MET A 158 4.96 -10.72 4.12
C MET A 158 5.73 -11.46 3.03
N LEU A 159 7.03 -11.18 2.93
CA LEU A 159 7.89 -11.80 1.93
C LEU A 159 8.79 -12.82 2.61
N GLN A 160 9.88 -13.20 1.94
CA GLN A 160 10.74 -14.25 2.49
C GLN A 160 11.64 -13.73 3.60
N ASP A 161 12.20 -12.54 3.43
CA ASP A 161 13.16 -11.98 4.38
C ASP A 161 12.55 -10.89 5.26
N GLY A 162 11.22 -10.82 5.30
CA GLY A 162 10.55 -9.76 6.02
C GLY A 162 9.39 -9.20 5.21
N PRO A 163 8.85 -8.07 5.64
CA PRO A 163 7.71 -7.48 4.93
C PRO A 163 8.15 -6.79 3.64
N ASP A 164 7.15 -6.33 2.88
CA ASP A 164 7.38 -5.61 1.64
C ASP A 164 7.94 -4.22 1.92
N VAL A 165 9.27 -4.12 1.97
CA VAL A 165 9.91 -2.85 2.35
C VAL A 165 9.66 -1.78 1.31
N ASP A 166 9.60 -2.15 0.03
CA ASP A 166 9.29 -1.16 -1.01
C ASP A 166 7.94 -0.52 -0.77
N LEU A 167 6.93 -1.34 -0.44
CA LEU A 167 5.58 -0.82 -0.21
C LEU A 167 5.53 0.02 1.07
N ILE A 168 6.19 -0.44 2.13
CA ILE A 168 6.20 0.30 3.39
C ILE A 168 6.81 1.68 3.20
N GLU A 169 7.89 1.76 2.41
CA GLU A 169 8.61 3.02 2.27
C GLU A 169 7.79 4.04 1.49
N GLU A 170 6.89 3.60 0.62
CA GLU A 170 6.02 4.54 -0.08
C GLU A 170 4.89 5.03 0.83
N LEU A 171 4.34 4.15 1.66
CA LEU A 171 3.25 4.54 2.54
C LEU A 171 3.72 5.57 3.57
N VAL A 172 4.80 5.26 4.29
CA VAL A 172 5.29 6.15 5.34
C VAL A 172 5.82 7.46 4.78
N ALA A 173 6.16 7.50 3.49
CA ALA A 173 6.67 8.74 2.91
C ALA A 173 5.56 9.74 2.61
N VAL A 174 4.38 9.26 2.23
CA VAL A 174 3.29 10.14 1.84
C VAL A 174 2.31 10.42 2.98
N ASP A 175 2.21 9.55 3.97
CA ASP A 175 1.18 9.67 4.99
C ASP A 175 1.78 10.06 6.33
N PRO A 176 1.57 11.28 6.81
CA PRO A 176 1.99 11.62 8.19
C PRO A 176 1.16 10.91 9.25
N ALA A 177 -0.01 10.37 8.89
CA ALA A 177 -0.86 9.70 9.87
C ALA A 177 -0.30 8.34 10.27
N ILE A 178 0.64 7.78 9.51
CA ILE A 178 1.22 6.48 9.82
C ILE A 178 2.27 6.67 10.91
N LYS A 179 1.95 6.26 12.13
CA LYS A 179 2.80 6.49 13.28
C LYS A 179 3.57 5.26 13.74
N GLY A 180 3.21 4.07 13.29
CA GLY A 180 3.88 2.89 13.77
C GLY A 180 3.65 1.68 12.89
N MET A 181 4.20 0.56 13.34
CA MET A 181 4.06 -0.71 12.61
C MET A 181 4.29 -1.87 13.57
N TRP A 182 3.41 -2.87 13.50
CA TRP A 182 3.56 -4.08 14.30
C TRP A 182 4.52 -5.04 13.60
N THR A 183 5.51 -5.55 14.34
CA THR A 183 6.46 -6.50 13.79
C THR A 183 6.76 -7.59 14.81
N VAL A 184 7.02 -8.79 14.30
CA VAL A 184 7.68 -9.84 15.06
C VAL A 184 8.92 -10.22 14.26
N PRO A 185 10.08 -9.63 14.57
CA PRO A 185 11.22 -9.72 13.64
C PRO A 185 11.90 -11.07 13.61
N VAL A 186 11.58 -11.99 14.53
CA VAL A 186 12.20 -13.31 14.56
C VAL A 186 11.11 -14.33 14.80
N PHE A 187 11.02 -15.32 13.90
CA PHE A 187 10.03 -16.40 14.00
C PHE A 187 8.63 -15.84 14.17
N GLY A 188 8.21 -15.07 13.16
CA GLY A 188 6.96 -14.33 13.20
C GLY A 188 5.74 -15.15 13.58
N ASN A 189 4.81 -14.52 14.31
CA ASN A 189 3.55 -15.14 14.65
C ASN A 189 2.51 -14.71 13.62
N PRO A 190 2.06 -15.59 12.72
CA PRO A 190 2.45 -17.00 12.61
C PRO A 190 3.27 -17.34 11.37
N SER A 191 3.74 -16.33 10.63
CA SER A 191 4.42 -16.58 9.37
C SER A 191 5.70 -17.37 9.55
N GLY A 192 6.33 -17.31 10.72
CA GLY A 192 7.61 -17.96 10.93
C GLY A 192 8.77 -17.28 10.26
N VAL A 193 8.56 -16.07 9.73
CA VAL A 193 9.57 -15.34 8.96
C VAL A 193 10.46 -14.55 9.91
N THR A 194 11.76 -14.57 9.65
CA THR A 194 12.75 -13.80 10.40
C THR A 194 13.28 -12.69 9.51
N TYR A 195 13.36 -11.47 10.05
CA TYR A 195 13.77 -10.33 9.25
C TYR A 195 15.26 -10.42 8.90
N SER A 196 15.57 -10.07 7.65
CA SER A 196 16.95 -10.03 7.18
C SER A 196 17.67 -8.79 7.73
N TRP A 197 19.00 -8.84 7.72
CA TRP A 197 19.78 -7.66 8.07
C TRP A 197 19.44 -6.48 7.18
N GLU A 198 19.18 -6.75 5.89
CA GLU A 198 18.85 -5.67 4.97
C GLU A 198 17.47 -5.09 5.27
N THR A 199 16.51 -5.95 5.61
CA THR A 199 15.18 -5.46 5.99
C THR A 199 15.26 -4.58 7.22
N VAL A 200 16.01 -5.01 8.24
CA VAL A 200 16.20 -4.18 9.43
C VAL A 200 16.84 -2.85 9.05
N ARG A 201 17.87 -2.90 8.20
CA ARG A 201 18.63 -1.70 7.86
C ARG A 201 17.76 -0.67 7.16
N ARG A 202 16.90 -1.10 6.24
CA ARG A 202 16.08 -0.16 5.50
C ARG A 202 14.91 0.37 6.32
N LEU A 203 14.36 -0.44 7.22
CA LEU A 203 13.24 0.01 8.04
C LEU A 203 13.65 1.12 9.00
N VAL A 204 14.89 1.07 9.50
CA VAL A 204 15.37 2.12 10.39
C VAL A 204 15.94 3.31 9.65
N GLN A 205 16.10 3.20 8.33
CA GLN A 205 16.63 4.28 7.52
C GLN A 205 15.58 5.00 6.68
N MET A 206 14.45 4.35 6.40
CA MET A 206 13.45 4.93 5.51
C MET A 206 12.91 6.25 6.07
N ARG A 207 12.68 7.21 5.18
CA ARG A 207 12.11 8.49 5.58
C ARG A 207 10.62 8.33 5.83
N THR A 208 10.15 8.98 6.89
CA THR A 208 8.75 8.92 7.30
C THR A 208 8.17 10.32 7.32
N ALA A 209 6.94 10.46 6.81
CA ALA A 209 6.25 11.73 6.91
C ALA A 209 5.98 12.09 8.36
N ALA A 210 5.73 11.09 9.20
CA ALA A 210 5.58 11.32 10.63
C ALA A 210 6.97 11.36 11.29
N PRO A 211 7.34 12.45 11.95
CA PRO A 211 8.66 12.49 12.61
C PRO A 211 8.79 11.52 13.77
N ASP A 212 7.68 11.07 14.35
CA ASP A 212 7.67 10.15 15.49
C ASP A 212 7.19 8.76 15.10
N PHE A 213 7.58 8.29 13.92
CA PHE A 213 7.25 6.93 13.52
C PHE A 213 7.99 5.93 14.40
N ARG A 214 7.35 4.82 14.70
CA ARG A 214 7.87 3.85 15.65
C ARG A 214 7.77 2.44 15.09
N LEU A 215 8.84 1.66 15.28
CA LEU A 215 8.86 0.25 14.95
C LEU A 215 8.60 -0.54 16.23
N PHE A 216 7.46 -1.21 16.30
CA PHE A 216 7.13 -2.01 17.48
C PHE A 216 7.78 -3.38 17.30
N TRP A 217 9.01 -3.49 17.81
CA TRP A 217 9.91 -4.61 17.53
C TRP A 217 9.70 -5.71 18.57
N ASP A 218 8.58 -6.43 18.41
CA ASP A 218 8.20 -7.47 19.36
C ASP A 218 9.00 -8.72 19.07
N ASN A 219 10.19 -8.82 19.65
CA ASN A 219 11.05 -9.99 19.51
C ASN A 219 10.62 -11.07 20.51
N ALA A 220 9.38 -11.53 20.33
CA ALA A 220 8.78 -12.45 21.29
C ALA A 220 9.39 -13.84 21.21
N TYR A 221 9.95 -14.22 20.07
CA TYR A 221 10.53 -15.54 19.91
C TYR A 221 12.01 -15.43 19.56
N ALA A 222 12.72 -14.59 20.32
CA ALA A 222 14.10 -14.26 19.98
C ALA A 222 15.04 -15.45 20.09
N VAL A 223 14.77 -16.37 21.01
CA VAL A 223 15.65 -17.52 21.22
C VAL A 223 14.83 -18.80 21.19
N HIS A 224 13.67 -18.76 20.54
CA HIS A 224 12.73 -19.88 20.57
C HIS A 224 12.87 -20.71 19.29
N THR A 225 14.04 -21.34 19.18
CA THR A 225 14.39 -22.11 17.99
C THR A 225 13.73 -23.48 18.00
N LEU A 226 13.46 -24.00 16.81
CA LEU A 226 13.01 -25.37 16.63
C LEU A 226 14.10 -26.28 16.07
N THR A 227 15.31 -25.75 15.90
CA THR A 227 16.49 -26.52 15.56
C THR A 227 17.50 -26.39 16.70
N LEU A 228 18.75 -26.76 16.41
CA LEU A 228 19.85 -26.55 17.35
C LEU A 228 20.60 -25.26 17.07
N ASP A 229 20.12 -24.44 16.14
CA ASP A 229 20.74 -23.16 15.79
C ASP A 229 19.94 -22.02 16.39
N PHE A 230 20.64 -21.02 16.91
CA PHE A 230 19.99 -19.82 17.41
C PHE A 230 20.18 -18.67 16.44
N PRO A 231 19.15 -17.86 16.19
CA PRO A 231 19.28 -16.79 15.21
C PRO A 231 20.12 -15.64 15.75
N ARG A 232 20.95 -15.08 14.90
CA ARG A 232 21.72 -13.90 15.26
C ARG A 232 20.81 -12.68 15.28
N GLN A 233 20.71 -12.03 16.43
CA GLN A 233 19.88 -10.84 16.54
C GLN A 233 20.51 -9.68 15.78
N VAL A 234 19.69 -8.98 15.01
CA VAL A 234 20.14 -7.77 14.32
C VAL A 234 20.03 -6.59 15.28
N ASP A 235 21.07 -5.78 15.33
CA ASP A 235 21.11 -4.62 16.23
C ASP A 235 20.27 -3.51 15.61
N VAL A 236 18.95 -3.58 15.87
CA VAL A 236 18.03 -2.59 15.33
C VAL A 236 18.24 -1.22 15.99
N LEU A 237 18.61 -1.21 17.27
CA LEU A 237 18.83 0.06 17.95
C LEU A 237 20.11 0.73 17.47
N GLY A 238 21.16 -0.05 17.22
CA GLY A 238 22.41 0.53 16.73
C GLY A 238 22.29 1.04 15.32
N LEU A 239 21.60 0.31 14.45
CA LEU A 239 21.39 0.77 13.09
C LEU A 239 20.54 2.04 13.06
N ALA A 240 19.54 2.11 13.93
CA ALA A 240 18.69 3.30 13.98
C ALA A 240 19.46 4.51 14.48
N ALA A 241 20.32 4.33 15.48
CA ALA A 241 21.11 5.43 15.98
C ALA A 241 22.09 5.93 14.93
N LYS A 242 22.77 5.01 14.24
CA LYS A 242 23.70 5.41 13.18
C LYS A 242 22.98 6.10 12.03
N ALA A 243 21.70 5.81 11.84
CA ALA A 243 20.92 6.40 10.75
C ALA A 243 20.22 7.69 11.15
N GLY A 244 20.37 8.13 12.40
CA GLY A 244 19.73 9.35 12.86
C GLY A 244 18.31 9.20 13.35
N ASN A 245 17.83 7.97 13.52
CA ASN A 245 16.48 7.71 14.04
C ASN A 245 16.57 6.86 15.29
N PRO A 246 17.22 7.35 16.35
CA PRO A 246 17.47 6.48 17.51
C PRO A 246 16.20 6.08 18.24
N ASN A 247 15.15 6.91 18.17
CA ASN A 247 13.91 6.66 18.89
C ASN A 247 12.93 5.79 18.12
N ARG A 248 13.24 5.40 16.89
CA ARG A 248 12.27 4.65 16.08
C ARG A 248 11.93 3.29 16.66
N PRO A 249 12.89 2.44 17.08
CA PRO A 249 12.50 1.09 17.52
C PRO A 249 12.09 1.00 18.99
N TYR A 250 10.95 0.35 19.23
CA TYR A 250 10.56 -0.15 20.55
C TYR A 250 10.76 -1.65 20.54
N VAL A 251 11.66 -2.15 21.39
CA VAL A 251 11.97 -3.58 21.44
C VAL A 251 11.26 -4.21 22.62
N PHE A 252 10.72 -5.42 22.41
CA PHE A 252 10.01 -6.16 23.44
C PHE A 252 10.42 -7.62 23.39
N ALA A 253 10.38 -8.26 24.56
CA ALA A 253 10.63 -9.70 24.68
C ALA A 253 10.00 -10.17 25.98
N SER A 254 10.05 -11.49 26.20
CA SER A 254 9.43 -12.05 27.40
C SER A 254 9.96 -13.45 27.63
N THR A 255 9.86 -13.89 28.89
CA THR A 255 10.16 -15.26 29.29
C THR A 255 8.90 -16.10 29.47
N SER A 256 7.77 -15.63 28.94
CA SER A 256 6.51 -16.36 29.11
C SER A 256 6.58 -17.72 28.45
N LYS A 257 7.26 -17.82 27.31
CA LYS A 257 7.49 -19.10 26.65
C LYS A 257 8.92 -19.59 26.89
N ILE A 258 9.56 -19.10 27.95
CA ILE A 258 10.82 -19.63 28.43
C ILE A 258 10.66 -20.25 29.82
N THR A 259 9.82 -19.65 30.66
CA THR A 259 9.66 -20.07 32.04
C THR A 259 8.22 -20.49 32.25
N PHE A 260 7.37 -19.62 32.80
CA PHE A 260 5.95 -19.85 32.93
C PHE A 260 5.20 -18.84 32.07
N ALA A 261 4.17 -19.32 31.37
CA ALA A 261 3.33 -18.45 30.56
C ALA A 261 2.41 -17.66 31.49
N GLY A 262 2.70 -16.37 31.66
CA GLY A 262 1.99 -15.55 32.60
C GLY A 262 2.61 -15.46 33.98
N GLY A 263 3.74 -16.13 34.19
CA GLY A 263 4.47 -16.02 35.44
C GLY A 263 5.92 -15.62 35.22
N GLY A 264 6.24 -15.17 34.01
CA GLY A 264 7.58 -14.79 33.64
C GLY A 264 7.82 -13.30 33.79
N VAL A 265 8.86 -12.83 33.10
CA VAL A 265 9.28 -11.43 33.15
C VAL A 265 9.26 -10.86 31.73
N SER A 266 8.91 -9.59 31.63
CA SER A 266 8.88 -8.87 30.36
C SER A 266 10.07 -7.92 30.26
N PHE A 267 10.36 -7.50 29.04
CA PHE A 267 11.49 -6.62 28.77
C PHE A 267 11.13 -5.59 27.72
N PHE A 268 11.71 -4.40 27.85
CA PHE A 268 11.54 -3.32 26.89
C PHE A 268 12.90 -2.71 26.59
N GLY A 269 13.16 -2.44 25.32
CA GLY A 269 14.45 -1.89 24.90
C GLY A 269 14.28 -0.72 23.95
N GLY A 270 15.14 0.27 24.11
CA GLY A 270 15.11 1.43 23.24
C GLY A 270 16.22 2.39 23.57
N SER A 271 16.17 3.55 22.92
CA SER A 271 17.13 4.60 23.22
C SER A 271 16.93 5.10 24.64
N LEU A 272 17.97 5.75 25.19
CA LEU A 272 17.89 6.25 26.56
C LEU A 272 16.79 7.29 26.71
N GLY A 273 16.44 8.00 25.64
CA GLY A 273 15.31 8.91 25.71
C GLY A 273 13.98 8.18 25.77
N ASN A 274 13.85 7.09 25.00
CA ASN A 274 12.62 6.30 25.04
C ASN A 274 12.45 5.59 26.38
N ILE A 275 13.57 5.12 26.96
CA ILE A 275 13.51 4.52 28.28
C ILE A 275 13.05 5.55 29.32
N ALA A 276 13.65 6.73 29.29
CA ALA A 276 13.26 7.78 30.22
C ALA A 276 11.82 8.23 29.97
N TRP A 277 11.42 8.29 28.70
CA TRP A 277 10.06 8.70 28.36
C TRP A 277 9.04 7.71 28.92
N TYR A 278 9.26 6.41 28.69
CA TYR A 278 8.33 5.40 29.19
C TYR A 278 8.26 5.39 30.70
N LEU A 279 9.42 5.46 31.37
CA LEU A 279 9.44 5.36 32.83
C LEU A 279 8.82 6.58 33.50
N GLN A 280 8.89 7.74 32.84
CA GLN A 280 8.27 8.94 33.41
C GLN A 280 6.76 8.75 33.55
N TYR A 281 6.12 8.13 32.56
CA TYR A 281 4.69 7.90 32.59
C TYR A 281 4.32 6.57 33.25
N ALA A 282 5.19 5.56 33.16
CA ALA A 282 4.99 4.35 33.94
C ALA A 282 5.12 4.62 35.43
N GLY A 283 5.85 5.68 35.81
CA GLY A 283 5.95 6.06 37.22
C GLY A 283 4.69 6.65 37.78
N LYS A 284 3.81 7.21 36.93
CA LYS A 284 2.49 7.62 37.37
C LYS A 284 1.54 6.45 37.53
N LYS A 285 1.90 5.29 37.01
CA LYS A 285 1.08 4.08 37.03
C LYS A 285 1.51 3.10 38.10
N SER A 286 2.81 2.91 38.30
CA SER A 286 3.30 1.91 39.24
C SER A 286 4.59 2.39 39.89
N ILE A 287 4.77 2.02 41.16
CA ILE A 287 6.00 2.34 41.87
C ILE A 287 7.17 1.58 41.26
N GLY A 288 6.92 0.39 40.72
CA GLY A 288 7.96 -0.41 40.11
C GLY A 288 7.50 -1.84 39.89
N PRO A 289 8.26 -2.61 39.13
CA PRO A 289 7.87 -3.98 38.81
C PRO A 289 8.23 -4.94 39.95
N ASP A 290 7.90 -6.21 39.74
CA ASP A 290 8.11 -7.27 40.72
C ASP A 290 9.56 -7.69 40.67
N LYS A 291 10.35 -7.25 41.66
CA LYS A 291 11.77 -7.60 41.70
C LYS A 291 11.98 -9.03 42.17
N VAL A 292 11.08 -9.56 43.00
CA VAL A 292 11.26 -10.91 43.54
C VAL A 292 11.18 -11.94 42.42
N ASN A 293 10.24 -11.77 41.49
CA ASN A 293 10.14 -12.67 40.36
C ASN A 293 11.33 -12.51 39.42
N GLN A 294 11.85 -11.29 39.29
CA GLN A 294 13.03 -11.06 38.47
C GLN A 294 14.27 -11.71 39.08
N LEU A 295 14.34 -11.76 40.41
CA LEU A 295 15.42 -12.50 41.06
C LEU A 295 15.21 -14.00 40.96
N ARG A 296 13.94 -14.45 40.95
CA ARG A 296 13.66 -15.86 40.72
C ARG A 296 14.24 -16.33 39.40
N HIS A 297 14.03 -15.56 38.33
CA HIS A 297 14.53 -15.95 37.03
C HIS A 297 16.05 -15.80 36.95
N LEU A 298 16.59 -14.79 37.62
CA LEU A 298 18.05 -14.62 37.66
C LEU A 298 18.74 -15.84 38.26
N ARG A 299 18.27 -16.27 39.44
CA ARG A 299 18.85 -17.45 40.08
C ARG A 299 18.63 -18.69 39.23
N PHE A 300 17.46 -18.81 38.60
CA PHE A 300 17.16 -20.01 37.83
C PHE A 300 18.01 -20.09 36.58
N PHE A 301 18.09 -19.00 35.83
CA PHE A 301 18.87 -18.99 34.59
C PHE A 301 20.37 -19.09 34.89
N GLY A 302 20.88 -18.21 35.74
CA GLY A 302 22.30 -18.15 36.00
C GLY A 302 23.00 -17.20 35.04
N ASP A 303 22.88 -17.47 33.74
CA ASP A 303 23.56 -16.66 32.73
C ASP A 303 22.85 -16.86 31.39
N ALA A 304 23.30 -16.12 30.38
CA ALA A 304 22.68 -16.19 29.06
C ALA A 304 22.88 -17.55 28.42
N ASP A 305 24.03 -18.18 28.65
CA ASP A 305 24.24 -19.54 28.16
C ASP A 305 23.29 -20.53 28.79
N GLY A 306 22.76 -20.22 29.97
CA GLY A 306 21.79 -21.11 30.60
C GLY A 306 20.45 -21.10 29.88
N VAL A 307 19.97 -19.92 29.50
CA VAL A 307 18.70 -19.82 28.78
C VAL A 307 18.81 -20.53 27.44
N ARG A 308 19.93 -20.36 26.75
CA ARG A 308 20.13 -21.04 25.48
C ARG A 308 20.01 -22.54 25.64
N LEU A 309 20.60 -23.10 26.69
CA LEU A 309 20.45 -24.52 26.97
C LEU A 309 19.00 -24.84 27.33
N HIS A 310 18.33 -23.95 28.06
CA HIS A 310 16.93 -24.15 28.41
C HIS A 310 16.05 -24.20 27.17
N MET A 311 16.37 -23.38 26.16
CA MET A 311 15.57 -23.35 24.94
C MET A 311 15.76 -24.62 24.12
N LEU A 312 16.91 -25.29 24.25
CA LEU A 312 17.13 -26.54 23.53
C LEU A 312 16.37 -27.70 24.16
N ARG A 313 16.03 -27.60 25.45
CA ARG A 313 15.15 -28.58 26.06
C ARG A 313 13.69 -28.34 25.68
N HIS A 314 13.31 -27.07 25.53
CA HIS A 314 12.01 -26.76 24.92
C HIS A 314 11.95 -27.30 23.50
N GLN A 315 13.04 -27.15 22.75
CA GLN A 315 13.06 -27.59 21.36
C GLN A 315 12.86 -29.11 21.26
N GLN A 316 13.43 -29.86 22.19
CA GLN A 316 13.26 -31.32 22.16
C GLN A 316 11.82 -31.72 22.36
N ILE A 317 11.05 -30.93 23.11
CA ILE A 317 9.64 -31.22 23.30
C ILE A 317 8.80 -30.71 22.13
N LEU A 318 9.18 -29.56 21.55
CA LEU A 318 8.38 -28.87 20.54
C LEU A 318 8.62 -29.43 19.14
N ALA A 319 9.88 -29.59 18.74
CA ALA A 319 10.20 -29.98 17.36
C ALA A 319 9.47 -31.23 16.88
N PRO A 320 9.31 -32.31 17.67
CA PRO A 320 8.51 -33.44 17.17
C PRO A 320 7.06 -33.09 16.89
N LYS A 321 6.50 -32.11 17.60
CA LYS A 321 5.12 -31.73 17.37
C LYS A 321 4.96 -30.96 16.07
N PHE A 322 5.88 -30.03 15.80
CA PHE A 322 5.87 -29.34 14.50
C PHE A 322 6.15 -30.31 13.37
N ALA A 323 7.03 -31.28 13.59
CA ALA A 323 7.30 -32.30 12.58
C ALA A 323 6.08 -33.18 12.34
N LEU A 324 5.31 -33.47 13.39
CA LEU A 324 4.12 -34.29 13.24
C LEU A 324 3.06 -33.58 12.40
N VAL A 325 2.82 -32.30 12.68
CA VAL A 325 1.83 -31.53 11.92
C VAL A 325 2.22 -31.48 10.45
N ALA A 326 3.51 -31.31 10.17
CA ALA A 326 3.97 -31.28 8.78
C ALA A 326 3.77 -32.62 8.10
N GLU A 327 3.99 -33.72 8.82
CA GLU A 327 3.82 -35.04 8.23
C GLU A 327 2.35 -35.32 7.91
N VAL A 328 1.45 -34.95 8.83
CA VAL A 328 0.03 -35.24 8.64
C VAL A 328 -0.53 -34.40 7.50
N LEU A 329 -0.21 -33.10 7.49
CA LEU A 329 -0.69 -32.24 6.42
C LEU A 329 -0.11 -32.66 5.07
N ASP A 330 1.14 -33.13 5.06
CA ASP A 330 1.75 -33.59 3.81
C ASP A 330 1.06 -34.84 3.30
N GLN A 331 0.66 -35.74 4.19
CA GLN A 331 0.04 -36.99 3.76
C GLN A 331 -1.37 -36.75 3.24
N ARG A 332 -2.17 -35.97 3.97
CA ARG A 332 -3.57 -35.79 3.61
C ARG A 332 -3.77 -34.77 2.50
N LEU A 333 -2.92 -33.74 2.42
CA LEU A 333 -3.22 -32.57 1.60
C LEU A 333 -2.29 -32.34 0.42
N SER A 334 -1.12 -32.98 0.38
CA SER A 334 -0.19 -32.70 -0.71
C SER A 334 -0.76 -33.13 -2.06
N GLU A 335 -1.43 -34.28 -2.10
CA GLU A 335 -2.03 -34.76 -3.34
C GLU A 335 -3.09 -33.78 -3.84
N SER A 336 -3.86 -33.19 -2.93
CA SER A 336 -4.95 -32.31 -3.32
C SER A 336 -4.44 -31.04 -4.01
N LYS A 337 -3.25 -30.58 -3.65
CA LYS A 337 -2.68 -29.33 -4.16
C LYS A 337 -3.53 -28.12 -3.81
N ILE A 338 -4.41 -28.26 -2.82
CA ILE A 338 -5.25 -27.14 -2.40
C ILE A 338 -4.62 -26.30 -1.31
N ALA A 339 -3.62 -26.82 -0.61
CA ALA A 339 -3.13 -26.20 0.61
C ALA A 339 -1.63 -25.96 0.55
N SER A 340 -1.19 -25.00 1.37
CA SER A 340 0.21 -24.75 1.63
C SER A 340 0.38 -24.39 3.09
N TRP A 341 1.55 -24.66 3.64
CA TRP A 341 1.77 -24.42 5.06
C TRP A 341 3.26 -24.21 5.30
N THR A 342 3.55 -23.37 6.29
CA THR A 342 4.94 -23.11 6.67
C THR A 342 5.54 -24.33 7.36
N GLU A 343 6.87 -24.42 7.30
CA GLU A 343 7.66 -25.35 8.09
C GLU A 343 8.66 -24.50 8.87
N PRO A 344 8.21 -23.86 9.94
CA PRO A 344 9.02 -22.79 10.55
C PRO A 344 10.25 -23.33 11.27
N LYS A 345 11.32 -22.52 11.24
CA LYS A 345 12.54 -22.83 11.96
C LYS A 345 12.45 -22.48 13.44
N GLY A 346 11.40 -21.76 13.84
CA GLY A 346 11.22 -21.41 15.23
C GLY A 346 9.83 -20.87 15.46
N GLY A 347 9.62 -20.31 16.64
CA GLY A 347 8.32 -19.79 17.00
C GLY A 347 7.39 -20.89 17.51
N TYR A 348 6.12 -20.52 17.62
CA TYR A 348 5.11 -21.39 18.22
C TYR A 348 3.96 -21.72 17.29
N PHE A 349 4.05 -21.39 16.00
CA PHE A 349 2.87 -21.49 15.14
C PHE A 349 3.24 -21.91 13.73
N ILE A 350 2.37 -22.74 13.14
CA ILE A 350 2.39 -23.08 11.73
C ILE A 350 1.21 -22.38 11.07
N SER A 351 1.44 -21.77 9.92
CA SER A 351 0.41 -21.04 9.19
C SER A 351 -0.02 -21.86 7.98
N LEU A 352 -1.30 -22.24 7.94
CA LEU A 352 -1.84 -23.09 6.90
C LEU A 352 -2.78 -22.28 6.01
N ASP A 353 -2.60 -22.40 4.69
CA ASP A 353 -3.47 -21.77 3.71
C ASP A 353 -4.23 -22.89 2.98
N VAL A 354 -5.55 -22.85 3.04
CA VAL A 354 -6.37 -23.84 2.37
C VAL A 354 -6.96 -23.24 1.10
N LEU A 355 -7.95 -23.91 0.51
CA LEU A 355 -8.57 -23.40 -0.70
C LEU A 355 -9.27 -22.07 -0.38
N PRO A 356 -9.04 -21.02 -1.17
CA PRO A 356 -9.66 -19.73 -0.88
C PRO A 356 -11.18 -19.85 -0.81
N GLY A 357 -11.77 -19.14 0.16
CA GLY A 357 -13.20 -19.22 0.39
C GLY A 357 -13.66 -20.42 1.18
N THR A 358 -12.74 -21.14 1.83
CA THR A 358 -13.09 -22.31 2.63
C THR A 358 -12.55 -22.26 4.05
N ALA A 359 -11.81 -21.21 4.43
CA ALA A 359 -11.21 -21.17 5.75
C ALA A 359 -12.27 -21.09 6.84
N ARG A 360 -13.20 -20.13 6.73
CA ARG A 360 -14.29 -20.04 7.69
C ARG A 360 -15.09 -21.33 7.73
N ARG A 361 -15.36 -21.91 6.55
CA ARG A 361 -16.09 -23.16 6.49
C ARG A 361 -15.30 -24.31 7.12
N THR A 362 -13.98 -24.34 6.90
CA THR A 362 -13.16 -25.41 7.45
C THR A 362 -13.23 -25.45 8.97
N VAL A 363 -13.16 -24.28 9.61
CA VAL A 363 -13.21 -24.24 11.07
C VAL A 363 -14.62 -24.55 11.57
N ALA A 364 -15.64 -24.12 10.84
CA ALA A 364 -17.02 -24.45 11.22
C ALA A 364 -17.25 -25.96 11.15
N LEU A 365 -16.75 -26.60 10.08
CA LEU A 365 -16.87 -28.06 9.97
C LEU A 365 -16.08 -28.75 11.08
N ALA A 366 -14.89 -28.24 11.39
CA ALA A 366 -14.10 -28.82 12.48
C ALA A 366 -14.76 -28.60 13.83
N LYS A 367 -15.36 -27.42 14.04
CA LYS A 367 -16.01 -27.12 15.31
C LYS A 367 -17.09 -28.13 15.63
N ASP A 368 -17.81 -28.58 14.60
CA ASP A 368 -18.95 -29.47 14.79
C ASP A 368 -18.57 -30.94 14.71
N VAL A 369 -17.28 -31.26 14.79
CA VAL A 369 -16.82 -32.61 15.11
C VAL A 369 -15.93 -32.63 16.34
N GLY A 370 -15.92 -31.54 17.10
CA GLY A 370 -15.18 -31.50 18.35
C GLY A 370 -13.75 -31.06 18.27
N ILE A 371 -13.35 -30.38 17.20
CA ILE A 371 -11.97 -29.93 17.01
C ILE A 371 -11.99 -28.41 16.94
N ALA A 372 -11.40 -27.75 17.94
CA ALA A 372 -11.34 -26.30 18.01
C ALA A 372 -10.14 -25.81 17.21
N VAL A 373 -10.39 -24.93 16.24
CA VAL A 373 -9.37 -24.38 15.37
C VAL A 373 -9.43 -22.86 15.46
N THR A 374 -8.26 -22.21 15.38
CA THR A 374 -8.19 -20.75 15.41
C THR A 374 -9.14 -20.15 14.39
N GLU A 375 -9.86 -19.11 14.80
CA GLU A 375 -10.84 -18.47 13.91
C GLU A 375 -10.18 -18.04 12.61
N ALA A 376 -10.89 -18.22 11.51
CA ALA A 376 -10.38 -17.80 10.21
C ALA A 376 -10.22 -16.29 10.19
N GLY A 377 -9.04 -15.83 9.80
CA GLY A 377 -8.74 -14.42 9.75
C GLY A 377 -8.14 -13.82 11.00
N ALA A 378 -7.89 -14.64 12.03
CA ALA A 378 -7.35 -14.12 13.28
C ALA A 378 -6.02 -13.41 13.08
N SER A 379 -5.24 -13.83 12.08
CA SER A 379 -3.92 -13.28 11.83
C SER A 379 -3.96 -11.97 11.05
N PHE A 380 -5.14 -11.38 10.86
CA PHE A 380 -5.29 -10.18 10.05
C PHE A 380 -6.06 -9.12 10.82
N PRO A 381 -5.78 -7.84 10.57
CA PRO A 381 -6.51 -6.78 11.27
C PRO A 381 -8.00 -6.86 10.98
N TYR A 382 -8.79 -6.65 12.04
CA TYR A 382 -10.24 -6.77 11.99
C TYR A 382 -10.72 -8.16 11.60
N ARG A 383 -9.81 -9.15 11.66
CA ARG A 383 -10.11 -10.53 11.29
C ARG A 383 -10.54 -10.66 9.83
N LYS A 384 -10.01 -9.78 8.97
CA LYS A 384 -10.40 -9.73 7.56
C LYS A 384 -9.31 -10.36 6.71
N ASP A 385 -9.41 -11.67 6.49
CA ASP A 385 -8.58 -12.34 5.50
C ASP A 385 -9.26 -12.19 4.14
N PRO A 386 -8.69 -11.41 3.21
CA PRO A 386 -9.40 -11.15 1.95
C PRO A 386 -9.62 -12.38 1.09
N ASP A 387 -8.81 -13.43 1.25
CA ASP A 387 -8.95 -14.63 0.45
C ASP A 387 -9.68 -15.75 1.18
N ASP A 388 -9.99 -15.58 2.46
CA ASP A 388 -10.67 -16.59 3.28
C ASP A 388 -9.97 -17.95 3.14
N LYS A 389 -8.68 -17.96 3.50
CA LYS A 389 -7.85 -19.14 3.31
C LYS A 389 -6.90 -19.44 4.45
N ASN A 390 -6.53 -18.46 5.29
CA ASN A 390 -5.48 -18.64 6.28
C ASN A 390 -6.03 -19.22 7.57
N ILE A 391 -5.29 -20.18 8.13
CA ILE A 391 -5.63 -20.81 9.40
C ILE A 391 -4.35 -20.96 10.21
N ARG A 392 -4.33 -20.43 11.43
CA ARG A 392 -3.19 -20.57 12.32
C ARG A 392 -3.29 -21.88 13.10
N ILE A 393 -2.18 -22.60 13.19
CA ILE A 393 -2.10 -23.86 13.90
C ILE A 393 -1.13 -23.69 15.07
N ALA A 394 -1.61 -23.99 16.28
CA ALA A 394 -0.79 -23.91 17.49
C ALA A 394 -0.53 -25.31 18.01
N PRO A 395 0.59 -25.94 17.68
CA PRO A 395 0.83 -27.33 18.05
C PRO A 395 1.58 -27.55 19.35
N SER A 396 1.81 -26.51 20.16
CA SER A 396 2.70 -26.64 21.31
C SER A 396 2.06 -27.42 22.45
N PHE A 397 0.78 -27.20 22.71
CA PHE A 397 0.17 -27.70 23.93
C PHE A 397 -0.20 -29.18 23.91
N PRO A 398 -1.01 -29.66 22.95
CA PRO A 398 -1.58 -31.00 23.09
C PRO A 398 -0.54 -32.10 22.97
N SER A 399 -0.90 -33.26 23.51
CA SER A 399 -0.06 -34.44 23.39
C SER A 399 0.06 -34.85 21.93
N VAL A 400 1.12 -35.61 21.63
CA VAL A 400 1.31 -36.10 20.26
C VAL A 400 0.10 -36.88 19.74
N PRO A 401 -0.50 -37.81 20.51
CA PRO A 401 -1.70 -38.48 19.97
C PRO A 401 -2.87 -37.54 19.77
N ASP A 402 -3.15 -36.66 20.74
CA ASP A 402 -4.20 -35.67 20.55
C ASP A 402 -3.92 -34.78 19.34
N LEU A 403 -2.65 -34.43 19.14
CA LEU A 403 -2.26 -33.60 18.01
C LEU A 403 -2.46 -34.34 16.69
N ARG A 404 -2.10 -35.63 16.65
CA ARG A 404 -2.23 -36.41 15.42
C ARG A 404 -3.67 -36.47 14.95
N ASN A 405 -4.61 -36.60 15.89
CA ASN A 405 -6.02 -36.71 15.52
C ASN A 405 -6.62 -35.36 15.16
N ALA A 406 -6.19 -34.29 15.85
CA ALA A 406 -6.72 -32.97 15.55
C ALA A 406 -6.32 -32.52 14.15
N VAL A 407 -5.04 -32.68 13.80
CA VAL A 407 -4.59 -32.27 12.47
C VAL A 407 -5.19 -33.16 11.40
N ASP A 408 -5.28 -34.47 11.66
CA ASP A 408 -5.91 -35.36 10.70
C ASP A 408 -7.39 -35.03 10.52
N GLY A 409 -8.05 -34.65 11.61
CA GLY A 409 -9.44 -34.21 11.49
C GLY A 409 -9.57 -32.89 10.75
N LEU A 410 -8.67 -31.95 11.03
CA LEU A 410 -8.68 -30.67 10.33
C LEU A 410 -8.48 -30.86 8.84
N ALA A 411 -7.61 -31.81 8.45
CA ALA A 411 -7.39 -32.08 7.04
C ALA A 411 -8.65 -32.62 6.37
N THR A 412 -9.40 -33.47 7.08
CA THR A 412 -10.64 -34.00 6.53
C THR A 412 -11.65 -32.89 6.27
N CYS A 413 -11.78 -31.94 7.19
CA CYS A 413 -12.72 -30.83 7.00
C CYS A 413 -12.25 -29.90 5.89
N ALA A 414 -10.95 -29.66 5.79
CA ALA A 414 -10.44 -28.79 4.74
C ALA A 414 -10.70 -29.39 3.36
N LEU A 415 -10.60 -30.71 3.24
CA LEU A 415 -10.90 -31.37 1.98
C LEU A 415 -12.40 -31.32 1.68
N LEU A 416 -13.23 -31.55 2.69
CA LEU A 416 -14.67 -31.45 2.49
C LEU A 416 -15.08 -30.05 2.10
N ALA A 417 -14.58 -29.03 2.81
CA ALA A 417 -14.88 -27.65 2.48
C ALA A 417 -14.36 -27.29 1.09
N ALA A 418 -13.32 -27.97 0.62
CA ALA A 418 -12.76 -27.68 -0.69
C ALA A 418 -13.70 -28.13 -1.80
N THR A 419 -14.02 -29.43 -1.83
CA THR A 419 -14.92 -29.95 -2.86
C THR A 419 -16.29 -29.30 -2.78
N GLU A 420 -16.75 -29.01 -1.55
CA GLU A 420 -18.02 -28.31 -1.38
C GLU A 420 -18.02 -26.97 -2.09
N THR A 421 -16.91 -26.25 -2.04
CA THR A 421 -16.83 -24.95 -2.70
C THR A 421 -16.70 -25.09 -4.22
N LEU A 422 -15.88 -26.04 -4.67
CA LEU A 422 -15.75 -26.26 -6.11
C LEU A 422 -17.07 -26.76 -6.70
N LEU A 423 -17.76 -27.65 -6.00
CA LEU A 423 -18.99 -28.24 -6.51
C LEU A 423 -20.10 -27.20 -6.64
N ASN A 424 -20.74 -26.84 -5.52
CA ASN A 424 -21.93 -26.00 -5.59
C ASN A 424 -21.67 -24.64 -6.23
N GLN A 425 -20.42 -24.29 -6.48
CA GLN A 425 -20.09 -23.09 -7.25
C GLN A 425 -18.88 -23.34 -8.15
N SER B 2 9.96 -33.38 1.54
CA SER B 2 10.03 -31.97 1.18
C SER B 2 11.44 -31.43 1.39
N PHE B 3 11.88 -30.58 0.48
CA PHE B 3 13.23 -30.03 0.55
C PHE B 3 13.46 -29.22 1.82
N ASP B 4 12.39 -28.73 2.45
CA ASP B 4 12.54 -28.05 3.73
C ASP B 4 13.05 -29.02 4.79
N SER B 5 14.28 -28.77 5.26
CA SER B 5 14.84 -29.39 6.46
C SER B 5 15.13 -30.89 6.30
N LEU B 6 15.66 -31.30 5.16
CA LEU B 6 16.37 -32.57 5.10
C LEU B 6 17.84 -32.32 5.36
N SER B 7 18.59 -33.39 5.62
CA SER B 7 19.90 -33.22 6.23
C SER B 7 20.83 -32.41 5.32
N PRO B 8 21.95 -31.92 5.87
CA PRO B 8 23.03 -31.48 4.99
C PRO B 8 23.58 -32.60 4.13
N GLN B 9 23.43 -33.86 4.58
CA GLN B 9 23.86 -35.00 3.78
C GLN B 9 22.84 -35.36 2.68
N GLU B 10 21.54 -35.29 2.99
CA GLU B 10 20.51 -35.43 1.96
C GLU B 10 20.66 -34.35 0.89
N LEU B 11 20.96 -33.13 1.31
CA LEU B 11 21.16 -32.03 0.40
C LEU B 11 22.27 -32.35 -0.60
N ALA B 12 23.41 -32.80 -0.09
CA ALA B 12 24.55 -33.08 -0.95
C ALA B 12 24.25 -34.25 -1.90
N ALA B 13 23.56 -35.28 -1.40
CA ALA B 13 23.24 -36.44 -2.24
C ALA B 13 22.30 -36.04 -3.37
N LEU B 14 21.24 -35.30 -3.06
CA LEU B 14 20.27 -34.92 -4.07
C LEU B 14 20.85 -33.94 -5.08
N HIS B 15 21.67 -33.00 -4.62
CA HIS B 15 22.31 -32.05 -5.52
C HIS B 15 23.12 -32.77 -6.59
N ALA B 16 23.88 -33.79 -6.18
CA ALA B 16 24.69 -34.56 -7.14
C ALA B 16 23.81 -35.21 -8.20
N ARG B 17 22.67 -35.78 -7.80
CA ARG B 17 21.74 -36.32 -8.79
C ARG B 17 21.24 -35.23 -9.73
N HIS B 18 21.00 -34.03 -9.20
CA HIS B 18 20.63 -32.90 -10.05
C HIS B 18 21.81 -32.46 -10.92
N GLN B 19 23.04 -32.68 -10.46
CA GLN B 19 24.21 -32.34 -11.26
C GLN B 19 24.23 -33.15 -12.55
N GLN B 20 24.01 -34.46 -12.45
CA GLN B 20 24.07 -35.32 -13.62
C GLN B 20 22.80 -35.23 -14.47
N ASP B 21 21.66 -34.92 -13.84
CA ASP B 21 20.47 -34.56 -14.62
C ASP B 21 20.76 -33.35 -15.50
N TYR B 22 21.38 -32.32 -14.91
CA TYR B 22 21.78 -31.15 -15.69
C TYR B 22 22.82 -31.52 -16.72
N ALA B 23 23.78 -32.38 -16.35
CA ALA B 23 24.82 -32.79 -17.29
C ALA B 23 24.23 -33.59 -18.45
N ALA B 24 23.33 -34.52 -18.16
CA ALA B 24 22.69 -35.30 -19.22
C ALA B 24 21.87 -34.40 -20.13
N LEU B 25 21.07 -33.50 -19.55
CA LEU B 25 20.30 -32.55 -20.33
C LEU B 25 21.22 -31.62 -21.12
N GLN B 26 22.27 -31.11 -20.46
CA GLN B 26 23.31 -30.34 -21.14
C GLN B 26 23.76 -31.02 -22.44
N GLY B 27 24.01 -32.33 -22.37
CA GLY B 27 24.49 -33.07 -23.52
C GLY B 27 23.51 -33.18 -24.67
N MET B 28 22.22 -32.98 -24.40
CA MET B 28 21.23 -33.06 -25.47
C MET B 28 21.22 -31.84 -26.38
N LYS B 29 21.87 -30.75 -25.96
CA LYS B 29 22.00 -29.51 -26.73
C LYS B 29 20.69 -29.15 -27.42
N LEU B 30 19.81 -28.50 -26.67
CA LEU B 30 18.48 -28.20 -27.19
C LEU B 30 18.41 -26.78 -27.73
N ALA B 31 17.29 -26.48 -28.36
CA ALA B 31 17.01 -25.15 -28.88
C ALA B 31 15.50 -24.90 -28.71
N LEU B 32 15.06 -24.84 -27.47
CA LEU B 32 13.66 -24.64 -27.13
C LEU B 32 13.46 -23.25 -26.54
N ASP B 33 12.19 -22.87 -26.39
CA ASP B 33 11.85 -21.48 -26.05
C ASP B 33 10.48 -21.47 -25.39
N LEU B 34 10.42 -20.97 -24.16
CA LEU B 34 9.17 -20.80 -23.42
C LEU B 34 8.82 -19.33 -23.20
N THR B 35 9.37 -18.44 -24.02
CA THR B 35 9.18 -17.01 -23.83
C THR B 35 8.13 -16.40 -24.75
N ARG B 36 7.80 -17.08 -25.85
CA ARG B 36 6.98 -16.50 -26.91
C ARG B 36 5.51 -16.53 -26.51
N GLY B 37 4.98 -15.39 -26.09
CA GLY B 37 3.56 -15.27 -25.83
C GLY B 37 2.80 -14.96 -27.10
N LYS B 38 2.75 -15.91 -28.02
CA LYS B 38 2.09 -15.72 -29.31
C LYS B 38 1.36 -16.99 -29.70
N PRO B 39 0.30 -16.88 -30.51
CA PRO B 39 -0.42 -18.09 -30.94
C PRO B 39 0.44 -18.97 -31.81
N SER B 40 0.27 -20.28 -31.66
CA SER B 40 0.92 -21.23 -32.55
C SER B 40 0.37 -21.05 -33.97
N ALA B 41 1.14 -21.54 -34.94
CA ALA B 41 0.69 -21.49 -36.33
C ALA B 41 -0.63 -22.23 -36.51
N GLU B 42 -0.85 -23.28 -35.70
CA GLU B 42 -2.11 -24.03 -35.79
C GLU B 42 -3.28 -23.16 -35.36
N GLN B 43 -3.10 -22.35 -34.32
CA GLN B 43 -4.15 -21.39 -33.94
C GLN B 43 -4.40 -20.39 -35.05
N LEU B 44 -3.31 -19.85 -35.62
CA LEU B 44 -3.45 -18.87 -36.69
C LEU B 44 -4.17 -19.45 -37.90
N ASP B 45 -4.07 -20.76 -38.10
CA ASP B 45 -4.75 -21.41 -39.22
C ASP B 45 -6.27 -21.31 -39.10
N LEU B 46 -6.79 -21.15 -37.88
CA LEU B 46 -8.23 -21.02 -37.70
C LEU B 46 -8.79 -19.82 -38.44
N SER B 47 -7.96 -18.80 -38.65
CA SER B 47 -8.40 -17.53 -39.21
C SER B 47 -7.88 -17.30 -40.63
N ASN B 48 -7.44 -18.36 -41.33
CA ASN B 48 -6.90 -18.19 -42.66
C ASN B 48 -7.95 -17.70 -43.66
N GLN B 49 -9.24 -17.80 -43.31
CA GLN B 49 -10.27 -17.21 -44.16
C GLN B 49 -10.07 -15.71 -44.34
N LEU B 50 -9.44 -15.05 -43.36
CA LEU B 50 -9.21 -13.61 -43.44
C LEU B 50 -8.32 -13.24 -44.62
N LEU B 51 -7.46 -14.16 -45.05
CA LEU B 51 -6.48 -13.86 -46.08
C LEU B 51 -7.10 -13.63 -47.45
N SER B 52 -8.38 -13.93 -47.63
CA SER B 52 -9.09 -13.66 -48.87
C SER B 52 -10.29 -12.75 -48.66
N LEU B 53 -10.47 -12.22 -47.46
CA LEU B 53 -11.55 -11.30 -47.14
C LEU B 53 -11.08 -9.86 -47.30
N PRO B 54 -12.01 -8.90 -47.47
CA PRO B 54 -13.47 -9.00 -47.45
C PRO B 54 -14.09 -9.46 -48.77
N GLY B 55 -13.31 -9.47 -49.85
CA GLY B 55 -13.83 -9.76 -51.16
C GLY B 55 -14.16 -8.49 -51.92
N ASP B 56 -14.94 -8.66 -53.00
CA ASP B 56 -15.24 -7.54 -53.87
C ASP B 56 -16.15 -6.51 -53.21
N ASP B 57 -16.94 -6.93 -52.22
CA ASP B 57 -17.83 -6.01 -51.51
C ASP B 57 -17.01 -5.31 -50.42
N TYR B 58 -16.49 -4.13 -50.77
CA TYR B 58 -15.69 -3.32 -49.86
C TYR B 58 -16.52 -2.43 -48.95
N ARG B 59 -17.85 -2.54 -49.00
CA ARG B 59 -18.73 -1.68 -48.23
C ARG B 59 -19.19 -2.39 -46.96
N ASP B 60 -19.24 -1.63 -45.87
CA ASP B 60 -19.78 -2.13 -44.62
C ASP B 60 -21.30 -2.07 -44.66
N PRO B 61 -22.00 -2.64 -43.67
CA PRO B 61 -23.47 -2.62 -43.72
C PRO B 61 -24.09 -1.24 -43.84
N GLU B 62 -23.36 -0.18 -43.49
CA GLU B 62 -23.89 1.18 -43.59
C GLU B 62 -23.68 1.81 -44.95
N GLY B 63 -23.03 1.12 -45.88
CA GLY B 63 -22.73 1.66 -47.18
C GLY B 63 -21.40 2.38 -47.29
N THR B 64 -20.58 2.35 -46.24
CA THR B 64 -19.32 3.08 -46.24
C THR B 64 -18.29 2.38 -47.11
N ASP B 65 -17.65 3.15 -47.99
CA ASP B 65 -16.49 2.68 -48.75
C ASP B 65 -15.31 2.63 -47.79
N THR B 66 -14.94 1.42 -47.36
CA THR B 66 -13.85 1.27 -46.41
C THR B 66 -12.47 1.55 -47.01
N ARG B 67 -12.38 1.65 -48.34
CA ARG B 67 -11.11 1.88 -49.00
C ARG B 67 -10.67 3.34 -48.97
N ASN B 68 -11.48 4.25 -48.45
CA ASN B 68 -11.20 5.67 -48.52
C ASN B 68 -11.12 6.29 -47.13
N TYR B 69 -10.47 7.46 -47.08
CA TYR B 69 -10.27 8.19 -45.84
C TYR B 69 -11.58 8.41 -45.11
N GLY B 70 -11.51 8.47 -43.78
CA GLY B 70 -12.63 8.90 -42.96
C GLY B 70 -13.00 7.95 -41.84
N GLY B 71 -13.62 8.51 -40.79
CA GLY B 71 -14.15 7.73 -39.69
C GLY B 71 -13.15 7.44 -38.59
N GLN B 72 -13.23 8.20 -37.50
CA GLN B 72 -12.33 7.99 -36.36
C GLN B 72 -12.81 6.87 -35.45
N HIS B 73 -14.12 6.61 -35.42
CA HIS B 73 -14.67 5.65 -34.46
C HIS B 73 -14.45 4.21 -34.89
N GLY B 74 -14.40 3.94 -36.19
CA GLY B 74 -14.32 2.59 -36.69
C GLY B 74 -15.67 2.06 -37.13
N LEU B 75 -15.64 0.88 -37.73
CA LEU B 75 -16.83 0.28 -38.30
C LEU B 75 -17.85 -0.03 -37.21
N PRO B 76 -19.07 0.52 -37.28
CA PRO B 76 -20.08 0.22 -36.25
C PRO B 76 -20.43 -1.26 -36.16
N GLY B 77 -20.41 -1.97 -37.28
CA GLY B 77 -20.75 -3.39 -37.24
C GLY B 77 -19.78 -4.19 -36.40
N LEU B 78 -18.48 -3.90 -36.52
CA LEU B 78 -17.49 -4.61 -35.73
C LEU B 78 -17.53 -4.16 -34.28
N ARG B 79 -17.72 -2.86 -34.03
CA ARG B 79 -17.82 -2.38 -32.66
C ARG B 79 -19.02 -2.97 -31.95
N ALA B 80 -20.08 -3.31 -32.70
CA ALA B 80 -21.25 -3.92 -32.08
C ALA B 80 -20.96 -5.33 -31.61
N ILE B 81 -20.17 -6.08 -32.38
CA ILE B 81 -19.81 -7.45 -32.00
C ILE B 81 -19.11 -7.46 -30.65
N PHE B 82 -18.15 -6.55 -30.46
CA PHE B 82 -17.40 -6.47 -29.21
C PHE B 82 -18.06 -5.59 -28.17
N ALA B 83 -19.09 -4.83 -28.57
CA ALA B 83 -19.96 -4.19 -27.60
C ALA B 83 -20.62 -5.24 -26.71
N GLU B 84 -21.19 -6.27 -27.34
CA GLU B 84 -21.84 -7.34 -26.59
C GLU B 84 -20.82 -8.16 -25.80
N LEU B 85 -19.66 -8.45 -26.39
CA LEU B 85 -18.68 -9.29 -25.72
C LEU B 85 -18.09 -8.61 -24.49
N LEU B 86 -18.04 -7.29 -24.47
CA LEU B 86 -17.43 -6.54 -23.38
C LEU B 86 -18.42 -5.87 -22.45
N GLY B 87 -19.69 -5.79 -22.83
CA GLY B 87 -20.67 -5.11 -22.01
C GLY B 87 -20.48 -3.61 -22.06
N ILE B 88 -20.32 -3.07 -23.27
CA ILE B 88 -20.08 -1.65 -23.48
C ILE B 88 -20.94 -1.22 -24.67
N ALA B 89 -21.64 -0.10 -24.53
CA ALA B 89 -22.44 0.41 -25.63
C ALA B 89 -21.56 0.77 -26.83
N VAL B 90 -22.15 0.71 -28.03
CA VAL B 90 -21.38 0.99 -29.24
C VAL B 90 -20.84 2.42 -29.27
N PRO B 91 -21.61 3.46 -28.94
CA PRO B 91 -21.02 4.80 -28.89
C PRO B 91 -19.89 4.93 -27.87
N ASN B 92 -19.82 4.02 -26.90
CA ASN B 92 -18.75 4.02 -25.91
C ASN B 92 -17.58 3.14 -26.32
N LEU B 93 -17.53 2.69 -27.57
CA LEU B 93 -16.50 1.77 -28.04
C LEU B 93 -16.06 2.16 -29.44
N ILE B 94 -14.76 2.30 -29.64
CA ILE B 94 -14.20 2.56 -30.95
C ILE B 94 -13.26 1.40 -31.30
N ALA B 95 -12.90 1.33 -32.59
CA ALA B 95 -11.99 0.32 -33.08
C ALA B 95 -10.81 1.01 -33.77
N GLY B 96 -9.60 0.54 -33.48
CA GLY B 96 -8.40 1.12 -34.07
C GLY B 96 -7.64 0.18 -34.98
N ASN B 97 -6.32 0.19 -34.86
CA ASN B 97 -5.47 -0.61 -35.75
C ASN B 97 -5.10 -1.94 -35.11
N ASN B 98 -3.84 -2.34 -35.24
CA ASN B 98 -3.42 -3.70 -34.92
C ASN B 98 -2.88 -3.87 -33.50
N SER B 99 -2.84 -2.80 -32.70
CA SER B 99 -2.24 -2.89 -31.37
C SER B 99 -3.11 -2.15 -30.37
N SER B 100 -3.61 -2.88 -29.37
CA SER B 100 -4.25 -2.23 -28.23
C SER B 100 -3.21 -1.59 -27.32
N LEU B 101 -1.99 -2.14 -27.30
CA LEU B 101 -0.89 -1.51 -26.56
C LEU B 101 -0.62 -0.10 -27.07
N GLU B 102 -0.79 0.12 -28.39
CA GLU B 102 -0.59 1.43 -28.96
C GLU B 102 -1.67 2.41 -28.50
N LEU B 103 -2.87 1.91 -28.20
CA LEU B 103 -3.90 2.78 -27.63
C LEU B 103 -3.55 3.18 -26.20
N MET B 104 -3.11 2.23 -25.38
CA MET B 104 -2.70 2.56 -24.02
C MET B 104 -1.53 3.52 -24.02
N HIS B 105 -0.55 3.30 -24.90
CA HIS B 105 0.61 4.17 -24.96
C HIS B 105 0.20 5.60 -25.32
N ASP B 106 -0.65 5.75 -26.34
CA ASP B 106 -1.09 7.08 -26.74
C ASP B 106 -1.84 7.79 -25.63
N ILE B 107 -2.67 7.05 -24.90
CA ILE B 107 -3.50 7.68 -23.87
C ILE B 107 -2.64 8.16 -22.71
N VAL B 108 -1.58 7.43 -22.36
CA VAL B 108 -0.65 7.91 -21.36
C VAL B 108 0.13 9.11 -21.89
N ALA B 109 0.58 9.05 -23.15
CA ALA B 109 1.28 10.18 -23.74
C ALA B 109 0.37 11.40 -23.82
N PHE B 110 -0.90 11.20 -24.17
CA PHE B 110 -1.83 12.32 -24.28
C PHE B 110 -2.01 13.05 -22.95
N SER B 111 -2.19 12.29 -21.85
CA SER B 111 -2.38 12.87 -20.52
C SER B 111 -1.09 13.46 -19.97
N MET B 112 0.06 12.93 -20.40
CA MET B 112 1.33 13.56 -20.07
C MET B 112 1.44 14.92 -20.77
N LEU B 113 1.14 14.96 -22.07
CA LEU B 113 1.32 16.19 -22.83
C LEU B 113 0.15 17.14 -22.67
N TYR B 114 -1.10 16.62 -22.66
CA TYR B 114 -2.29 17.45 -22.64
C TYR B 114 -3.16 17.26 -21.41
N GLY B 115 -2.97 16.22 -20.63
CA GLY B 115 -3.86 15.91 -19.55
C GLY B 115 -5.14 15.23 -20.01
N GLY B 116 -5.77 14.51 -19.09
CA GLY B 116 -7.04 13.88 -19.37
C GLY B 116 -8.16 14.88 -19.54
N VAL B 117 -9.36 14.35 -19.77
CA VAL B 117 -10.52 15.19 -20.06
C VAL B 117 -10.88 16.07 -18.87
N ASP B 118 -10.43 15.73 -17.67
CA ASP B 118 -10.74 16.51 -16.47
C ASP B 118 -9.50 16.71 -15.60
N SER B 119 -8.32 16.79 -16.22
CA SER B 119 -7.10 16.98 -15.46
C SER B 119 -6.93 18.43 -15.05
N PRO B 120 -6.35 18.69 -13.88
CA PRO B 120 -6.03 20.07 -13.52
C PRO B 120 -4.96 20.68 -14.41
N ARG B 121 -4.05 19.86 -14.92
CA ARG B 121 -2.99 20.27 -15.82
C ARG B 121 -2.36 19.01 -16.41
N PRO B 122 -1.63 19.15 -17.53
CA PRO B 122 -0.94 17.97 -18.07
C PRO B 122 -0.01 17.35 -17.05
N TRP B 123 0.10 16.01 -17.12
CA TRP B 123 0.86 15.27 -16.12
C TRP B 123 2.33 15.64 -16.12
N ILE B 124 2.86 16.07 -17.28
CA ILE B 124 4.25 16.50 -17.34
C ILE B 124 4.48 17.78 -16.55
N GLN B 125 3.41 18.53 -16.28
CA GLN B 125 3.52 19.79 -15.54
C GLN B 125 3.33 19.61 -14.04
N GLU B 126 3.10 18.39 -13.57
CA GLU B 126 3.13 18.08 -12.15
C GLU B 126 4.59 18.02 -11.72
N GLN B 127 5.02 19.00 -10.92
CA GLN B 127 6.43 19.16 -10.62
C GLN B 127 6.96 18.16 -9.59
N ASP B 128 6.07 17.48 -8.85
CA ASP B 128 6.53 16.44 -7.95
C ASP B 128 6.68 15.09 -8.65
N GLY B 129 5.79 14.78 -9.58
CA GLY B 129 5.87 13.54 -10.33
C GLY B 129 4.53 12.86 -10.50
N ILE B 130 4.52 11.78 -11.29
CA ILE B 130 3.32 10.99 -11.54
C ILE B 130 3.60 9.55 -11.12
N LYS B 131 2.58 8.88 -10.58
CA LYS B 131 2.72 7.52 -10.10
C LYS B 131 1.56 6.66 -10.61
N PHE B 132 1.88 5.40 -10.91
CA PHE B 132 0.90 4.39 -11.29
C PHE B 132 0.97 3.24 -10.31
N LEU B 133 -0.18 2.66 -9.99
CA LEU B 133 -0.22 1.43 -9.23
C LEU B 133 -0.15 0.24 -10.17
N CYS B 134 0.65 -0.76 -9.80
CA CYS B 134 0.94 -1.88 -10.69
C CYS B 134 0.76 -3.20 -9.94
N PRO B 135 -0.44 -3.79 -10.02
CA PRO B 135 -0.64 -5.14 -9.49
C PRO B 135 0.36 -6.12 -10.10
N VAL B 136 0.97 -6.93 -9.24
CA VAL B 136 2.02 -7.86 -9.66
C VAL B 136 1.65 -9.29 -9.25
N PRO B 137 1.99 -10.30 -10.05
CA PRO B 137 2.73 -10.20 -11.31
C PRO B 137 1.90 -9.60 -12.44
N GLY B 138 2.52 -8.71 -13.21
CA GLY B 138 1.80 -7.99 -14.25
C GLY B 138 2.43 -8.07 -15.62
N TYR B 139 2.01 -7.16 -16.50
CA TYR B 139 2.43 -7.15 -17.89
C TYR B 139 3.65 -6.26 -18.05
N ASP B 140 4.72 -6.81 -18.63
CA ASP B 140 5.97 -6.06 -18.77
C ASP B 140 5.78 -4.84 -19.67
N ARG B 141 5.00 -4.97 -20.74
CA ARG B 141 4.79 -3.86 -21.66
C ARG B 141 3.88 -2.80 -21.09
N HIS B 142 3.06 -3.13 -20.10
CA HIS B 142 2.39 -2.10 -19.30
C HIS B 142 3.43 -1.24 -18.59
N PHE B 143 4.40 -1.89 -17.95
CA PHE B 143 5.37 -1.17 -17.13
C PHE B 143 6.38 -0.41 -17.99
N ALA B 144 6.68 -0.93 -19.18
CA ALA B 144 7.60 -0.23 -20.08
C ALA B 144 7.05 1.13 -20.47
N ILE B 145 5.73 1.24 -20.62
CA ILE B 145 5.12 2.52 -20.97
C ILE B 145 5.35 3.55 -19.87
N THR B 146 5.03 3.18 -18.63
CA THR B 146 5.19 4.12 -17.51
C THR B 146 6.66 4.34 -17.19
N GLU B 147 7.51 3.32 -17.34
CA GLU B 147 8.93 3.51 -17.09
C GLU B 147 9.56 4.44 -18.12
N THR B 148 9.22 4.25 -19.41
CA THR B 148 9.78 5.11 -20.44
C THR B 148 9.36 6.56 -20.26
N MET B 149 8.15 6.79 -19.75
CA MET B 149 7.64 8.14 -19.58
C MET B 149 7.90 8.69 -18.17
N GLY B 150 8.80 8.08 -17.42
CA GLY B 150 9.20 8.61 -16.13
C GLY B 150 8.12 8.57 -15.06
N ILE B 151 7.10 7.73 -15.24
CA ILE B 151 6.05 7.56 -14.24
C ILE B 151 6.49 6.49 -13.25
N GLU B 152 6.55 6.85 -11.97
CA GLU B 152 6.93 5.89 -10.94
C GLU B 152 5.83 4.83 -10.79
N MET B 153 6.24 3.61 -10.48
CA MET B 153 5.33 2.47 -10.40
C MET B 153 5.39 1.85 -9.01
N ILE B 154 4.21 1.58 -8.44
CA ILE B 154 4.07 1.04 -7.09
C ILE B 154 3.49 -0.36 -7.22
N PRO B 155 4.27 -1.41 -6.98
CA PRO B 155 3.72 -2.78 -7.06
C PRO B 155 2.62 -3.00 -6.04
N ILE B 156 1.60 -3.75 -6.45
CA ILE B 156 0.46 -4.08 -5.61
C ILE B 156 0.28 -5.59 -5.61
N PRO B 157 0.14 -6.23 -4.44
CA PRO B 157 -0.04 -7.69 -4.43
C PRO B 157 -1.37 -8.10 -5.03
N MET B 158 -1.36 -9.25 -5.69
CA MET B 158 -2.56 -9.83 -6.28
C MET B 158 -3.15 -10.86 -5.33
N LEU B 159 -4.47 -10.83 -5.20
CA LEU B 159 -5.21 -11.75 -4.37
C LEU B 159 -5.99 -12.73 -5.26
N GLN B 160 -6.98 -13.41 -4.68
CA GLN B 160 -7.74 -14.38 -5.45
C GLN B 160 -8.73 -13.71 -6.40
N ASP B 161 -9.44 -12.69 -5.92
CA ASP B 161 -10.49 -12.03 -6.69
C ASP B 161 -10.03 -10.71 -7.32
N GLY B 162 -8.72 -10.46 -7.35
CA GLY B 162 -8.19 -9.22 -7.86
C GLY B 162 -7.07 -8.70 -6.98
N PRO B 163 -6.71 -7.44 -7.15
CA PRO B 163 -5.62 -6.86 -6.36
C PRO B 163 -6.09 -6.50 -4.95
N ASP B 164 -5.10 -6.13 -4.12
CA ASP B 164 -5.35 -5.72 -2.75
C ASP B 164 -6.12 -4.41 -2.72
N VAL B 165 -7.46 -4.49 -2.66
CA VAL B 165 -8.28 -3.29 -2.75
C VAL B 165 -8.13 -2.42 -1.51
N ASP B 166 -8.00 -3.05 -0.33
CA ASP B 166 -7.77 -2.29 0.89
C ASP B 166 -6.51 -1.43 0.77
N LEU B 167 -5.45 -2.01 0.21
CA LEU B 167 -4.20 -1.27 0.05
C LEU B 167 -4.32 -0.18 -1.00
N ILE B 168 -4.97 -0.48 -2.13
CA ILE B 168 -5.13 0.50 -3.20
C ILE B 168 -5.90 1.72 -2.69
N GLU B 169 -6.96 1.48 -1.91
CA GLU B 169 -7.80 2.58 -1.46
C GLU B 169 -7.07 3.51 -0.49
N GLU B 170 -6.07 2.98 0.24
CA GLU B 170 -5.30 3.85 1.12
C GLU B 170 -4.31 4.70 0.33
N LEU B 171 -3.67 4.11 -0.69
CA LEU B 171 -2.69 4.84 -1.48
C LEU B 171 -3.34 5.99 -2.25
N VAL B 172 -4.40 5.69 -3.00
CA VAL B 172 -5.06 6.70 -3.80
C VAL B 172 -5.74 7.76 -2.94
N ALA B 173 -5.97 7.48 -1.67
CA ALA B 173 -6.67 8.44 -0.81
C ALA B 173 -5.75 9.56 -0.35
N VAL B 174 -4.47 9.26 -0.09
CA VAL B 174 -3.55 10.25 0.49
C VAL B 174 -2.54 10.77 -0.52
N ASP B 175 -2.45 10.20 -1.71
CA ASP B 175 -1.43 10.59 -2.68
C ASP B 175 -2.08 11.15 -3.94
N PRO B 176 -2.06 12.47 -4.16
CA PRO B 176 -2.58 13.02 -5.43
C PRO B 176 -1.74 12.67 -6.63
N ALA B 177 -0.49 12.22 -6.43
CA ALA B 177 0.38 11.86 -7.54
C ALA B 177 -0.02 10.54 -8.19
N ILE B 178 -0.87 9.74 -7.55
CA ILE B 178 -1.32 8.47 -8.11
C ILE B 178 -2.40 8.79 -9.14
N LYS B 179 -2.04 8.70 -10.43
CA LYS B 179 -2.95 9.08 -11.50
C LYS B 179 -3.61 7.89 -12.20
N GLY B 180 -3.08 6.68 -12.02
CA GLY B 180 -3.64 5.54 -12.74
C GLY B 180 -3.16 4.23 -12.15
N MET B 181 -3.61 3.14 -12.79
CA MET B 181 -3.25 1.80 -12.36
C MET B 181 -3.36 0.86 -13.54
N TRP B 182 -2.34 0.01 -13.72
CA TRP B 182 -2.36 -1.00 -14.77
C TRP B 182 -3.14 -2.23 -14.30
N THR B 183 -4.12 -2.65 -15.11
CA THR B 183 -4.90 -3.83 -14.78
C THR B 183 -5.10 -4.70 -16.01
N VAL B 184 -5.21 -6.00 -15.78
CA VAL B 184 -5.75 -6.95 -16.75
C VAL B 184 -6.89 -7.67 -16.04
N PRO B 185 -8.13 -7.22 -16.19
CA PRO B 185 -9.19 -7.65 -15.27
C PRO B 185 -9.73 -9.05 -15.51
N VAL B 186 -9.38 -9.70 -16.62
CA VAL B 186 -9.83 -11.06 -16.91
C VAL B 186 -8.63 -11.86 -17.38
N PHE B 187 -8.38 -12.99 -16.72
CA PHE B 187 -7.27 -13.90 -17.06
C PHE B 187 -5.96 -13.12 -17.14
N GLY B 188 -5.59 -12.54 -16.01
CA GLY B 188 -4.44 -11.65 -15.93
C GLY B 188 -3.15 -12.20 -16.50
N ASN B 189 -2.36 -11.31 -17.10
CA ASN B 189 -1.03 -11.64 -17.57
C ASN B 189 -0.05 -11.32 -16.45
N PRO B 190 0.56 -12.32 -15.78
CA PRO B 190 0.38 -13.75 -15.99
C PRO B 190 -0.33 -14.45 -14.83
N SER B 191 -0.91 -13.67 -13.91
CA SER B 191 -1.51 -14.25 -12.72
C SER B 191 -2.68 -15.18 -13.04
N GLY B 192 -3.33 -15.00 -14.18
CA GLY B 192 -4.53 -15.75 -14.49
C GLY B 192 -5.75 -15.36 -13.70
N VAL B 193 -5.66 -14.31 -12.88
CA VAL B 193 -6.75 -13.91 -11.99
C VAL B 193 -7.76 -13.08 -12.77
N THR B 194 -9.03 -13.29 -12.47
CA THR B 194 -10.12 -12.46 -12.99
C THR B 194 -10.72 -11.66 -11.84
N TYR B 195 -10.95 -10.37 -12.08
CA TYR B 195 -11.48 -9.50 -11.03
C TYR B 195 -12.93 -9.85 -10.72
N SER B 196 -13.28 -9.83 -9.44
CA SER B 196 -14.64 -10.08 -9.02
C SER B 196 -15.50 -8.84 -9.22
N TRP B 197 -16.82 -9.03 -9.21
CA TRP B 197 -17.73 -7.90 -9.26
C TRP B 197 -17.51 -6.97 -8.07
N GLU B 198 -17.20 -7.54 -6.90
CA GLU B 198 -16.94 -6.73 -5.73
C GLU B 198 -15.68 -5.90 -5.90
N THR B 199 -14.62 -6.48 -6.47
CA THR B 199 -13.38 -5.74 -6.68
C THR B 199 -13.61 -4.56 -7.61
N VAL B 200 -14.25 -4.81 -8.75
CA VAL B 200 -14.53 -3.73 -9.70
C VAL B 200 -15.42 -2.67 -9.06
N ARG B 201 -16.39 -3.10 -8.27
CA ARG B 201 -17.30 -2.16 -7.62
C ARG B 201 -16.55 -1.20 -6.72
N ARG B 202 -15.59 -1.71 -5.95
CA ARG B 202 -14.84 -0.85 -5.03
C ARG B 202 -13.84 0.05 -5.77
N LEU B 203 -13.26 -0.45 -6.87
CA LEU B 203 -12.26 0.33 -7.58
C LEU B 203 -12.88 1.54 -8.26
N VAL B 204 -14.11 1.42 -8.76
CA VAL B 204 -14.78 2.55 -9.40
C VAL B 204 -15.49 3.45 -8.40
N GLN B 205 -15.55 3.05 -7.12
CA GLN B 205 -16.18 3.86 -6.08
C GLN B 205 -15.19 4.53 -5.14
N MET B 206 -13.98 4.00 -5.00
CA MET B 206 -13.03 4.54 -4.05
C MET B 206 -12.69 5.99 -4.38
N ARG B 207 -12.52 6.79 -3.33
CA ARG B 207 -12.17 8.19 -3.48
C ARG B 207 -10.67 8.33 -3.71
N THR B 208 -10.30 9.19 -4.66
CA THR B 208 -8.91 9.39 -5.04
C THR B 208 -8.52 10.83 -4.78
N ALA B 209 -7.30 11.02 -4.25
CA ALA B 209 -6.77 12.37 -4.09
C ALA B 209 -6.57 13.05 -5.44
N ALA B 210 -6.28 12.26 -6.47
CA ALA B 210 -6.21 12.79 -7.83
C ALA B 210 -7.61 12.80 -8.45
N PRO B 211 -8.12 13.95 -8.89
CA PRO B 211 -9.46 13.96 -9.50
C PRO B 211 -9.53 13.24 -10.83
N ASP B 212 -8.40 13.07 -11.51
CA ASP B 212 -8.35 12.42 -12.83
C ASP B 212 -7.69 11.05 -12.75
N PHE B 213 -7.97 10.30 -11.69
CA PHE B 213 -7.47 8.94 -11.60
C PHE B 213 -8.11 8.05 -12.66
N ARG B 214 -7.33 7.13 -13.20
CA ARG B 214 -7.75 6.32 -14.33
C ARG B 214 -7.43 4.85 -14.10
N LEU B 215 -8.42 4.00 -14.32
CA LEU B 215 -8.23 2.55 -14.31
C LEU B 215 -7.93 2.10 -15.73
N PHE B 216 -6.69 1.70 -15.98
CA PHE B 216 -6.33 1.20 -17.31
C PHE B 216 -6.80 -0.25 -17.39
N TRP B 217 -7.99 -0.43 -17.95
CA TRP B 217 -8.75 -1.68 -17.90
C TRP B 217 -8.45 -2.51 -19.15
N ASP B 218 -7.22 -3.03 -19.22
CA ASP B 218 -6.76 -3.77 -20.38
C ASP B 218 -7.39 -5.16 -20.36
N ASN B 219 -8.60 -5.25 -20.91
CA ASN B 219 -9.30 -6.54 -21.04
C ASN B 219 -8.76 -7.31 -22.24
N ALA B 220 -7.47 -7.68 -22.14
CA ALA B 220 -6.80 -8.33 -23.26
C ALA B 220 -7.32 -9.73 -23.51
N TYR B 221 -7.72 -10.45 -22.47
CA TYR B 221 -8.13 -11.84 -22.57
C TYR B 221 -9.61 -12.00 -22.19
N ALA B 222 -10.44 -11.10 -22.70
CA ALA B 222 -11.84 -11.02 -22.28
C ALA B 222 -12.63 -12.27 -22.67
N VAL B 223 -12.25 -12.94 -23.75
CA VAL B 223 -13.02 -14.08 -24.24
C VAL B 223 -12.08 -15.27 -24.45
N HIS B 224 -10.92 -15.24 -23.79
CA HIS B 224 -9.85 -16.19 -24.08
C HIS B 224 -9.83 -17.29 -23.02
N THR B 225 -10.88 -18.11 -23.04
CA THR B 225 -11.09 -19.13 -22.04
C THR B 225 -10.28 -20.39 -22.35
N LEU B 226 -9.86 -21.07 -21.30
CA LEU B 226 -9.23 -22.38 -21.40
C LEU B 226 -10.18 -23.51 -21.04
N THR B 227 -11.43 -23.19 -20.70
CA THR B 227 -12.50 -24.16 -20.52
C THR B 227 -13.56 -23.92 -21.58
N LEU B 228 -14.71 -24.56 -21.42
CA LEU B 228 -15.84 -24.34 -22.32
C LEU B 228 -16.75 -23.22 -21.85
N ASP B 229 -16.39 -22.53 -20.77
CA ASP B 229 -17.21 -21.47 -20.19
C ASP B 229 -16.54 -20.12 -20.41
N PHE B 230 -17.35 -19.09 -20.66
CA PHE B 230 -16.88 -17.74 -20.86
C PHE B 230 -17.16 -16.88 -19.65
N PRO B 231 -16.24 -16.00 -19.26
CA PRO B 231 -16.46 -15.16 -18.08
C PRO B 231 -17.44 -14.03 -18.37
N ARG B 232 -18.35 -13.81 -17.43
CA ARG B 232 -19.28 -12.68 -17.52
C ARG B 232 -18.51 -11.38 -17.27
N GLN B 233 -18.56 -10.48 -18.23
CA GLN B 233 -17.82 -9.22 -18.12
C GLN B 233 -18.48 -8.32 -17.09
N VAL B 234 -17.67 -7.75 -16.20
CA VAL B 234 -18.14 -6.73 -15.28
C VAL B 234 -18.35 -5.43 -16.03
N ASP B 235 -19.48 -4.78 -15.79
CA ASP B 235 -19.77 -3.49 -16.42
C ASP B 235 -19.06 -2.40 -15.63
N VAL B 236 -17.75 -2.27 -15.90
CA VAL B 236 -16.94 -1.29 -15.19
C VAL B 236 -17.35 0.13 -15.55
N LEU B 237 -17.80 0.36 -16.78
CA LEU B 237 -18.20 1.70 -17.18
C LEU B 237 -19.53 2.10 -16.56
N GLY B 238 -20.48 1.17 -16.49
CA GLY B 238 -21.75 1.46 -15.87
C GLY B 238 -21.64 1.67 -14.37
N LEU B 239 -20.84 0.84 -13.70
CA LEU B 239 -20.63 1.01 -12.27
C LEU B 239 -19.94 2.34 -11.98
N ALA B 240 -19.01 2.75 -12.84
CA ALA B 240 -18.32 4.01 -12.63
C ALA B 240 -19.26 5.19 -12.84
N ALA B 241 -20.11 5.13 -13.87
CA ALA B 241 -21.08 6.20 -14.09
C ALA B 241 -22.07 6.29 -12.94
N LYS B 242 -22.55 5.15 -12.44
CA LYS B 242 -23.46 5.14 -11.30
C LYS B 242 -22.80 5.68 -10.04
N ALA B 243 -21.47 5.59 -9.94
CA ALA B 243 -20.74 6.06 -8.78
C ALA B 243 -20.25 7.49 -8.91
N GLY B 244 -20.53 8.16 -10.02
CA GLY B 244 -20.09 9.52 -10.23
C GLY B 244 -18.68 9.66 -10.75
N ASN B 245 -18.05 8.57 -11.16
CA ASN B 245 -16.70 8.59 -11.74
C ASN B 245 -16.74 8.03 -13.16
N PRO B 246 -17.50 8.66 -14.07
CA PRO B 246 -17.71 8.03 -15.38
C PRO B 246 -16.44 7.95 -16.21
N ASN B 247 -15.48 8.86 -16.00
CA ASN B 247 -14.26 8.91 -16.78
C ASN B 247 -13.14 8.03 -16.21
N ARG B 248 -13.35 7.38 -15.08
CA ARG B 248 -12.26 6.63 -14.45
C ARG B 248 -11.76 5.46 -15.29
N PRO B 249 -12.61 4.61 -15.89
CA PRO B 249 -12.07 3.46 -16.62
C PRO B 249 -11.71 3.74 -18.09
N TYR B 250 -10.51 3.34 -18.48
CA TYR B 250 -10.12 3.19 -19.88
C TYR B 250 -10.12 1.70 -20.21
N VAL B 251 -11.00 1.29 -21.10
CA VAL B 251 -11.13 -0.13 -21.46
C VAL B 251 -10.40 -0.40 -22.77
N PHE B 252 -9.67 -1.51 -22.82
CA PHE B 252 -8.92 -1.92 -24.00
C PHE B 252 -9.15 -3.40 -24.27
N ALA B 253 -9.19 -3.75 -25.55
CA ALA B 253 -9.29 -5.14 -25.99
C ALA B 253 -8.63 -5.27 -27.35
N SER B 254 -8.49 -6.52 -27.80
CA SER B 254 -7.75 -6.80 -29.02
C SER B 254 -8.18 -8.13 -29.60
N THR B 255 -8.08 -8.25 -30.92
CA THR B 255 -8.20 -9.53 -31.60
C THR B 255 -6.85 -10.11 -31.98
N SER B 256 -5.77 -9.66 -31.32
CA SER B 256 -4.43 -10.16 -31.63
C SER B 256 -4.34 -11.66 -31.38
N LYS B 257 -4.87 -12.13 -30.25
CA LYS B 257 -4.95 -13.55 -29.96
C LYS B 257 -6.34 -14.11 -30.21
N ILE B 258 -7.05 -13.51 -31.15
CA ILE B 258 -8.32 -14.03 -31.66
C ILE B 258 -8.22 -14.40 -33.14
N THR B 259 -7.54 -13.57 -33.93
CA THR B 259 -7.29 -13.84 -35.33
C THR B 259 -5.79 -13.93 -35.61
N PHE B 260 -5.18 -12.80 -35.96
CA PHE B 260 -3.75 -12.72 -36.25
C PHE B 260 -3.08 -11.83 -35.20
N ALA B 261 -1.96 -12.29 -34.66
CA ALA B 261 -1.18 -11.50 -33.71
C ALA B 261 -0.41 -10.44 -34.48
N GLY B 262 -0.81 -9.18 -34.33
CA GLY B 262 -0.25 -8.10 -35.10
C GLY B 262 -0.97 -7.80 -36.39
N GLY B 263 -2.02 -8.56 -36.72
CA GLY B 263 -2.81 -8.30 -37.90
C GLY B 263 -4.29 -8.14 -37.59
N GLY B 264 -4.60 -7.96 -36.31
CA GLY B 264 -5.96 -7.84 -35.84
C GLY B 264 -6.39 -6.41 -35.64
N VAL B 265 -7.46 -6.24 -34.85
CA VAL B 265 -8.05 -4.94 -34.57
C VAL B 265 -8.01 -4.70 -33.06
N SER B 266 -7.79 -3.44 -32.68
CA SER B 266 -7.80 -3.02 -31.29
C SER B 266 -9.09 -2.28 -30.98
N PHE B 267 -9.39 -2.14 -29.68
CA PHE B 267 -10.60 -1.48 -29.23
C PHE B 267 -10.30 -0.64 -28.00
N PHE B 268 -11.02 0.48 -27.88
CA PHE B 268 -10.96 1.35 -26.71
C PHE B 268 -12.37 1.71 -26.29
N GLY B 269 -12.62 1.66 -24.99
CA GLY B 269 -13.93 1.95 -24.46
C GLY B 269 -13.87 2.90 -23.28
N GLY B 270 -14.86 3.77 -23.19
CA GLY B 270 -14.93 4.71 -22.07
C GLY B 270 -16.18 5.56 -22.18
N SER B 271 -16.27 6.54 -21.29
CA SER B 271 -17.37 7.49 -21.35
C SER B 271 -17.28 8.31 -22.64
N LEU B 272 -18.41 8.87 -23.05
CA LEU B 272 -18.45 9.66 -24.27
C LEU B 272 -17.47 10.82 -24.23
N GLY B 273 -17.17 11.34 -23.03
CA GLY B 273 -16.18 12.39 -22.91
C GLY B 273 -14.77 11.89 -23.15
N ASN B 274 -14.45 10.70 -22.64
CA ASN B 274 -13.13 10.13 -22.88
C ASN B 274 -12.96 9.73 -24.33
N ILE B 275 -14.03 9.22 -24.96
CA ILE B 275 -13.97 8.91 -26.38
C ILE B 275 -13.69 10.17 -27.19
N ALA B 276 -14.45 11.24 -26.92
CA ALA B 276 -14.22 12.51 -27.61
C ALA B 276 -12.84 13.07 -27.28
N TRP B 277 -12.40 12.91 -26.03
CA TRP B 277 -11.09 13.40 -25.64
C TRP B 277 -9.98 12.68 -26.41
N TYR B 278 -10.03 11.35 -26.45
CA TYR B 278 -9.01 10.59 -27.17
C TYR B 278 -9.02 10.93 -28.65
N LEU B 279 -10.21 11.06 -29.25
CA LEU B 279 -10.32 11.22 -30.69
C LEU B 279 -9.87 12.61 -31.15
N GLN B 280 -10.01 13.63 -30.30
CA GLN B 280 -9.54 14.96 -30.68
C GLN B 280 -8.02 14.98 -30.84
N TYR B 281 -7.30 14.29 -29.97
CA TYR B 281 -5.85 14.21 -30.05
C TYR B 281 -5.37 13.12 -30.99
N ALA B 282 -6.09 12.01 -31.09
CA ALA B 282 -5.79 11.01 -32.11
C ALA B 282 -6.02 11.55 -33.51
N GLY B 283 -6.86 12.59 -33.66
CA GLY B 283 -7.07 13.21 -34.95
C GLY B 283 -5.90 14.07 -35.42
N LYS B 284 -5.11 14.61 -34.49
CA LYS B 284 -3.86 15.27 -34.83
C LYS B 284 -2.78 14.27 -35.23
N LYS B 285 -3.01 12.98 -34.95
CA LYS B 285 -2.07 11.90 -35.16
C LYS B 285 -2.33 11.12 -36.45
N SER B 286 -3.59 10.87 -36.78
CA SER B 286 -3.94 10.10 -37.96
C SER B 286 -5.35 10.45 -38.39
N ILE B 287 -5.60 10.35 -39.69
CA ILE B 287 -6.93 10.63 -40.24
C ILE B 287 -7.95 9.62 -39.73
N GLY B 288 -7.51 8.40 -39.42
CA GLY B 288 -8.39 7.37 -38.94
C GLY B 288 -7.75 6.00 -39.04
N PRO B 289 -8.40 5.00 -38.45
CA PRO B 289 -7.84 3.64 -38.45
C PRO B 289 -8.16 2.91 -39.76
N ASP B 290 -7.66 1.68 -39.84
CA ASP B 290 -7.81 0.85 -41.04
C ASP B 290 -9.20 0.24 -41.07
N LYS B 291 -10.07 0.76 -41.94
CA LYS B 291 -11.43 0.24 -42.05
C LYS B 291 -11.53 -1.03 -42.86
N VAL B 292 -10.56 -1.30 -43.75
CA VAL B 292 -10.62 -2.51 -44.54
C VAL B 292 -10.37 -3.74 -43.67
N ASN B 293 -9.42 -3.63 -42.73
CA ASN B 293 -9.17 -4.75 -41.82
C ASN B 293 -10.32 -4.94 -40.84
N GLN B 294 -10.94 -3.85 -40.41
CA GLN B 294 -12.13 -3.96 -39.56
C GLN B 294 -13.29 -4.57 -40.33
N LEU B 295 -13.37 -4.33 -41.64
CA LEU B 295 -14.35 -5.01 -42.47
C LEU B 295 -14.01 -6.49 -42.64
N ARG B 296 -12.72 -6.80 -42.71
CA ARG B 296 -12.28 -8.20 -42.78
C ARG B 296 -12.76 -8.98 -41.56
N HIS B 297 -12.54 -8.42 -40.37
CA HIS B 297 -12.94 -9.11 -39.15
C HIS B 297 -14.45 -9.17 -39.00
N LEU B 298 -15.16 -8.14 -39.45
CA LEU B 298 -16.62 -8.15 -39.38
C LEU B 298 -17.20 -9.28 -40.23
N ARG B 299 -16.72 -9.41 -41.47
CA ARG B 299 -17.20 -10.49 -42.33
C ARG B 299 -16.80 -11.85 -41.79
N PHE B 300 -15.59 -11.95 -41.23
CA PHE B 300 -15.10 -13.23 -40.72
C PHE B 300 -15.90 -13.67 -39.50
N PHE B 301 -16.11 -12.77 -38.54
CA PHE B 301 -16.82 -13.14 -37.31
C PHE B 301 -18.31 -13.35 -37.57
N GLY B 302 -18.94 -12.41 -38.26
CA GLY B 302 -20.37 -12.49 -38.49
C GLY B 302 -21.16 -11.88 -37.35
N ASP B 303 -20.94 -12.37 -36.14
CA ASP B 303 -21.67 -11.89 -34.97
C ASP B 303 -20.85 -12.23 -33.73
N ALA B 304 -21.37 -11.84 -32.56
CA ALA B 304 -20.67 -12.10 -31.31
C ALA B 304 -20.65 -13.58 -30.96
N ASP B 305 -21.70 -14.32 -31.32
CA ASP B 305 -21.70 -15.76 -31.10
C ASP B 305 -20.63 -16.44 -31.94
N GLY B 306 -20.23 -15.82 -33.06
CA GLY B 306 -19.15 -16.38 -33.86
C GLY B 306 -17.80 -16.25 -33.18
N VAL B 307 -17.56 -15.11 -32.51
CA VAL B 307 -16.30 -14.94 -31.78
C VAL B 307 -16.19 -15.98 -30.67
N ARG B 308 -17.29 -16.23 -29.96
CA ARG B 308 -17.27 -17.22 -28.88
C ARG B 308 -16.92 -18.60 -29.42
N LEU B 309 -17.53 -18.99 -30.54
CA LEU B 309 -17.22 -20.28 -31.16
C LEU B 309 -15.76 -20.32 -31.60
N HIS B 310 -15.26 -19.20 -32.13
CA HIS B 310 -13.86 -19.12 -32.53
C HIS B 310 -12.93 -19.33 -31.33
N MET B 311 -13.33 -18.84 -30.17
CA MET B 311 -12.50 -18.98 -28.97
C MET B 311 -12.52 -20.40 -28.42
N LEU B 312 -13.57 -21.18 -28.71
CA LEU B 312 -13.56 -22.58 -28.32
C LEU B 312 -12.63 -23.39 -29.21
N ARG B 313 -12.44 -22.96 -30.45
CA ARG B 313 -11.45 -23.60 -31.32
C ARG B 313 -10.04 -23.34 -30.83
N HIS B 314 -9.76 -22.11 -30.40
CA HIS B 314 -8.47 -21.81 -29.77
C HIS B 314 -8.29 -22.63 -28.50
N GLN B 315 -9.36 -22.78 -27.72
CA GLN B 315 -9.28 -23.54 -26.46
C GLN B 315 -8.90 -24.98 -26.71
N GLN B 316 -9.35 -25.55 -27.83
CA GLN B 316 -9.02 -26.95 -28.12
C GLN B 316 -7.53 -27.12 -28.42
N ILE B 317 -6.89 -26.08 -28.96
CA ILE B 317 -5.46 -26.16 -29.21
C ILE B 317 -4.66 -25.80 -27.95
N LEU B 318 -5.17 -24.89 -27.14
CA LEU B 318 -4.42 -24.34 -26.01
C LEU B 318 -4.53 -25.18 -24.76
N ALA B 319 -5.74 -25.63 -24.41
CA ALA B 319 -5.93 -26.38 -23.17
C ALA B 319 -5.01 -27.58 -23.00
N PRO B 320 -4.76 -28.42 -24.01
CA PRO B 320 -3.80 -29.52 -23.81
C PRO B 320 -2.39 -29.06 -23.50
N LYS B 321 -1.99 -27.89 -23.99
CA LYS B 321 -0.64 -27.39 -23.73
C LYS B 321 -0.51 -26.91 -22.28
N PHE B 322 -1.51 -26.20 -21.78
CA PHE B 322 -1.50 -25.80 -20.37
C PHE B 322 -1.59 -27.02 -19.46
N ALA B 323 -2.38 -28.01 -19.85
CA ALA B 323 -2.45 -29.25 -19.07
C ALA B 323 -1.12 -29.99 -19.08
N LEU B 324 -0.39 -29.93 -20.20
CA LEU B 324 0.90 -30.60 -20.28
C LEU B 324 1.90 -29.97 -19.32
N VAL B 325 2.00 -28.63 -19.33
CA VAL B 325 2.92 -27.95 -18.43
C VAL B 325 2.58 -28.27 -16.98
N ALA B 326 1.29 -28.32 -16.66
CA ALA B 326 0.88 -28.65 -15.30
C ALA B 326 1.29 -30.06 -14.92
N GLU B 327 1.17 -31.01 -15.85
CA GLU B 327 1.51 -32.39 -15.56
C GLU B 327 3.02 -32.57 -15.40
N VAL B 328 3.81 -31.84 -16.19
CA VAL B 328 5.25 -31.95 -16.09
C VAL B 328 5.76 -31.29 -14.82
N LEU B 329 5.23 -30.10 -14.50
CA LEU B 329 5.61 -29.45 -13.25
C LEU B 329 5.21 -30.28 -12.04
N ASP B 330 4.03 -30.90 -12.09
CA ASP B 330 3.57 -31.71 -10.96
C ASP B 330 4.43 -32.95 -10.78
N GLN B 331 4.87 -33.56 -11.87
CA GLN B 331 5.68 -34.77 -11.77
C GLN B 331 7.06 -34.46 -11.21
N ARG B 332 7.71 -33.42 -11.72
CA ARG B 332 9.10 -33.16 -11.36
C ARG B 332 9.24 -32.40 -10.05
N LEU B 333 8.26 -31.57 -9.69
CA LEU B 333 8.46 -30.57 -8.64
C LEU B 333 7.59 -30.74 -7.41
N SER B 334 6.53 -31.55 -7.45
CA SER B 334 5.59 -31.58 -6.34
C SER B 334 6.20 -32.17 -5.08
N GLU B 335 6.99 -33.25 -5.21
CA GLU B 335 7.65 -33.82 -4.04
C GLU B 335 8.63 -32.84 -3.42
N SER B 336 9.28 -32.03 -4.25
CA SER B 336 10.27 -31.09 -3.75
C SER B 336 9.65 -30.07 -2.79
N LYS B 337 8.42 -29.67 -3.05
CA LYS B 337 7.72 -28.62 -2.29
C LYS B 337 8.42 -27.27 -2.39
N ILE B 338 9.28 -27.08 -3.39
CA ILE B 338 9.95 -25.81 -3.59
C ILE B 338 9.14 -24.85 -4.46
N ALA B 339 8.23 -25.36 -5.27
CA ALA B 339 7.61 -24.57 -6.32
C ALA B 339 6.09 -24.59 -6.19
N SER B 340 5.48 -23.54 -6.74
CA SER B 340 4.05 -23.45 -6.94
C SER B 340 3.81 -22.77 -8.28
N TRP B 341 2.65 -23.06 -8.88
CA TRP B 341 2.35 -22.53 -10.19
C TRP B 341 0.84 -22.41 -10.35
N THR B 342 0.42 -21.45 -11.17
CA THR B 342 -1.00 -21.27 -11.43
C THR B 342 -1.52 -22.37 -12.35
N GLU B 343 -2.82 -22.61 -12.25
CA GLU B 343 -3.56 -23.45 -13.20
C GLU B 343 -4.66 -22.56 -13.76
N PRO B 344 -4.33 -21.71 -14.74
CA PRO B 344 -5.29 -20.69 -15.17
C PRO B 344 -6.45 -21.31 -15.94
N LYS B 345 -7.62 -20.71 -15.77
CA LYS B 345 -8.79 -21.10 -16.55
C LYS B 345 -8.93 -20.27 -17.82
N GLY B 346 -7.97 -19.40 -18.10
CA GLY B 346 -7.96 -18.62 -19.32
C GLY B 346 -6.64 -17.88 -19.44
N GLY B 347 -6.52 -17.13 -20.53
CA GLY B 347 -5.31 -16.37 -20.77
C GLY B 347 -4.26 -17.18 -21.52
N TYR B 348 -3.02 -16.68 -21.45
CA TYR B 348 -1.93 -17.22 -22.24
C TYR B 348 -0.69 -17.57 -21.43
N PHE B 349 -0.75 -17.54 -20.11
CA PHE B 349 0.46 -17.66 -19.31
C PHE B 349 0.22 -18.44 -18.03
N ILE B 350 1.23 -19.19 -17.62
CA ILE B 350 1.30 -19.84 -16.31
C ILE B 350 2.37 -19.13 -15.50
N SER B 351 2.07 -18.82 -14.24
CA SER B 351 3.00 -18.14 -13.36
C SER B 351 3.61 -19.14 -12.39
N LEU B 352 4.92 -19.36 -12.51
CA LEU B 352 5.64 -20.34 -11.71
C LEU B 352 6.52 -19.63 -10.68
N ASP B 353 6.41 -20.04 -9.42
CA ASP B 353 7.25 -19.56 -8.34
C ASP B 353 8.15 -20.69 -7.90
N VAL B 354 9.46 -20.47 -7.97
CA VAL B 354 10.43 -21.46 -7.52
C VAL B 354 10.95 -21.04 -6.15
N LEU B 355 12.04 -21.67 -5.71
CA LEU B 355 12.61 -21.34 -4.41
C LEU B 355 13.12 -19.90 -4.45
N PRO B 356 12.78 -19.07 -3.46
CA PRO B 356 13.24 -17.67 -3.47
C PRO B 356 14.76 -17.59 -3.56
N GLY B 357 15.22 -16.62 -4.34
CA GLY B 357 16.64 -16.46 -4.60
C GLY B 357 17.21 -17.39 -5.63
N THR B 358 16.37 -18.07 -6.41
CA THR B 358 16.82 -19.00 -7.43
C THR B 358 16.23 -18.73 -8.81
N ALA B 359 15.37 -17.72 -8.96
CA ALA B 359 14.72 -17.49 -10.25
C ALA B 359 15.73 -17.08 -11.31
N ARG B 360 16.52 -16.03 -11.05
CA ARG B 360 17.54 -15.61 -12.00
C ARG B 360 18.54 -16.73 -12.28
N ARG B 361 18.88 -17.49 -11.24
CA ARG B 361 19.79 -18.62 -11.43
C ARG B 361 19.15 -19.70 -12.31
N THR B 362 17.86 -19.98 -12.10
CA THR B 362 17.17 -20.99 -12.91
C THR B 362 17.16 -20.60 -14.37
N VAL B 363 16.91 -19.32 -14.67
CA VAL B 363 16.93 -18.85 -16.05
C VAL B 363 18.32 -18.96 -16.65
N ALA B 364 19.35 -18.62 -15.87
CA ALA B 364 20.72 -18.73 -16.35
C ALA B 364 21.08 -20.18 -16.64
N LEU B 365 20.75 -21.09 -15.71
CA LEU B 365 21.02 -22.51 -15.94
C LEU B 365 20.28 -23.01 -17.17
N ALA B 366 19.04 -22.55 -17.37
CA ALA B 366 18.28 -22.98 -18.53
C ALA B 366 18.86 -22.43 -19.83
N LYS B 367 19.34 -21.19 -19.81
CA LYS B 367 19.92 -20.59 -21.01
C LYS B 367 21.18 -21.34 -21.44
N ASP B 368 21.98 -21.80 -20.48
CA ASP B 368 23.22 -22.53 -20.74
C ASP B 368 22.98 -23.92 -21.25
N VAL B 369 21.77 -24.17 -21.77
CA VAL B 369 21.28 -25.53 -21.95
C VAL B 369 20.42 -25.52 -23.20
N GLY B 370 20.12 -24.32 -23.68
CA GLY B 370 19.40 -24.12 -24.92
C GLY B 370 17.90 -23.95 -24.77
N ILE B 371 17.40 -23.68 -23.57
CA ILE B 371 15.98 -23.47 -23.32
C ILE B 371 15.80 -22.04 -22.85
N ALA B 372 15.17 -21.21 -23.70
CA ALA B 372 14.99 -19.79 -23.40
C ALA B 372 13.81 -19.64 -22.45
N VAL B 373 14.04 -18.96 -21.33
CA VAL B 373 13.03 -18.72 -20.32
C VAL B 373 12.91 -17.22 -20.11
N THR B 374 11.67 -16.75 -19.95
CA THR B 374 11.40 -15.36 -19.64
C THR B 374 12.30 -14.88 -18.51
N GLU B 375 12.92 -13.72 -18.69
CA GLU B 375 13.82 -13.17 -17.69
C GLU B 375 13.13 -13.09 -16.33
N ALA B 376 13.88 -13.40 -15.28
CA ALA B 376 13.32 -13.36 -13.93
C ALA B 376 13.00 -11.91 -13.57
N GLY B 377 11.76 -11.69 -13.12
CA GLY B 377 11.30 -10.37 -12.77
C GLY B 377 10.58 -9.63 -13.88
N ALA B 378 10.41 -10.24 -15.05
CA ALA B 378 9.79 -9.55 -16.18
C ALA B 378 8.38 -9.09 -15.90
N SER B 379 7.67 -9.73 -14.97
CA SER B 379 6.30 -9.37 -14.64
C SER B 379 6.20 -8.36 -13.51
N PHE B 380 7.29 -7.69 -13.18
CA PHE B 380 7.33 -6.70 -12.11
C PHE B 380 7.92 -5.41 -12.66
N PRO B 381 7.47 -4.25 -12.15
CA PRO B 381 8.05 -2.99 -12.60
C PRO B 381 9.55 -2.93 -12.30
N TYR B 382 10.30 -2.43 -13.27
CA TYR B 382 11.76 -2.34 -13.20
C TYR B 382 12.42 -3.71 -13.09
N ARG B 383 11.67 -4.78 -13.42
CA ARG B 383 12.16 -6.16 -13.32
C ARG B 383 12.56 -6.52 -11.89
N LYS B 384 11.89 -5.93 -10.90
CA LYS B 384 12.27 -6.06 -9.50
C LYS B 384 11.32 -7.03 -8.81
N ASP B 385 11.69 -8.32 -8.82
CA ASP B 385 11.00 -9.32 -8.02
C ASP B 385 11.67 -9.38 -6.65
N PRO B 386 11.02 -8.92 -5.57
CA PRO B 386 11.72 -8.84 -4.27
C PRO B 386 12.13 -10.19 -3.72
N ASP B 387 11.48 -11.29 -4.13
CA ASP B 387 11.80 -12.61 -3.62
C ASP B 387 12.63 -13.43 -4.59
N ASP B 388 12.88 -12.94 -5.80
CA ASP B 388 13.67 -13.63 -6.82
C ASP B 388 13.19 -15.07 -6.99
N LYS B 389 11.90 -15.20 -7.32
CA LYS B 389 11.26 -16.51 -7.40
C LYS B 389 10.32 -16.68 -8.59
N ASN B 390 9.83 -15.62 -9.21
CA ASN B 390 8.79 -15.73 -10.22
C ASN B 390 9.39 -16.00 -11.59
N ILE B 391 8.74 -16.90 -12.34
CA ILE B 391 9.11 -17.23 -13.71
C ILE B 391 7.84 -17.38 -14.52
N ARG B 392 7.70 -16.59 -15.58
CA ARG B 392 6.55 -16.71 -16.46
C ARG B 392 6.79 -17.81 -17.49
N ILE B 393 5.75 -18.59 -17.75
CA ILE B 393 5.79 -19.66 -18.76
C ILE B 393 4.74 -19.36 -19.80
N ALA B 394 5.18 -19.24 -21.06
CA ALA B 394 4.27 -19.03 -22.19
C ALA B 394 4.15 -20.32 -22.99
N PRO B 395 3.11 -21.14 -22.75
CA PRO B 395 3.02 -22.44 -23.41
C PRO B 395 2.25 -22.47 -24.73
N SER B 396 1.86 -21.32 -25.27
CA SER B 396 0.93 -21.33 -26.40
C SER B 396 1.60 -21.76 -27.70
N PHE B 397 2.85 -21.35 -27.92
CA PHE B 397 3.46 -21.49 -29.24
C PHE B 397 4.02 -22.88 -29.55
N PRO B 398 4.92 -23.43 -28.74
CA PRO B 398 5.68 -24.60 -29.20
C PRO B 398 4.79 -25.83 -29.38
N SER B 399 5.31 -26.78 -30.15
CA SER B 399 4.66 -28.07 -30.27
C SER B 399 4.65 -28.79 -28.92
N VAL B 400 3.69 -29.69 -28.75
CA VAL B 400 3.59 -30.46 -27.51
C VAL B 400 4.88 -31.20 -27.18
N PRO B 401 5.55 -31.89 -28.12
CA PRO B 401 6.84 -32.50 -27.77
C PRO B 401 7.90 -31.49 -27.37
N ASP B 402 8.07 -30.41 -28.16
CA ASP B 402 9.01 -29.37 -27.78
C ASP B 402 8.64 -28.75 -26.44
N LEU B 403 7.34 -28.64 -26.15
CA LEU B 403 6.89 -28.09 -24.88
C LEU B 403 7.26 -29.01 -23.72
N ARG B 404 7.07 -30.32 -23.89
CA ARG B 404 7.38 -31.25 -22.81
C ARG B 404 8.86 -31.23 -22.45
N ASN B 405 9.73 -31.08 -23.45
CA ASN B 405 11.16 -31.09 -23.17
C ASN B 405 11.61 -29.78 -22.51
N ALA B 406 11.04 -28.65 -22.93
CA ALA B 406 11.42 -27.37 -22.34
C ALA B 406 11.02 -27.30 -20.88
N VAL B 407 9.79 -27.70 -20.56
CA VAL B 407 9.33 -27.64 -19.18
C VAL B 407 10.06 -28.67 -18.33
N ASP B 408 10.30 -29.87 -18.88
CA ASP B 408 11.09 -30.85 -18.16
C ASP B 408 12.51 -30.36 -17.94
N GLY B 409 13.08 -29.65 -18.93
CA GLY B 409 14.39 -29.06 -18.75
C GLY B 409 14.38 -27.96 -17.70
N LEU B 410 13.38 -27.09 -17.76
CA LEU B 410 13.24 -26.03 -16.77
C LEU B 410 13.15 -26.60 -15.35
N ALA B 411 12.42 -27.71 -15.20
CA ALA B 411 12.28 -28.33 -13.88
C ALA B 411 13.62 -28.84 -13.36
N THR B 412 14.45 -29.39 -14.25
CA THR B 412 15.77 -29.87 -13.84
C THR B 412 16.62 -28.72 -13.31
N CYS B 413 16.62 -27.58 -14.00
CA CYS B 413 17.41 -26.44 -13.56
C CYS B 413 16.84 -25.81 -12.30
N ALA B 414 15.50 -25.78 -12.17
CA ALA B 414 14.89 -25.23 -10.98
C ALA B 414 15.22 -26.07 -9.75
N LEU B 415 15.34 -27.38 -9.92
CA LEU B 415 15.74 -28.25 -8.81
C LEU B 415 17.21 -28.06 -8.47
N LEU B 416 18.07 -27.96 -9.48
CA LEU B 416 19.49 -27.75 -9.24
C LEU B 416 19.74 -26.41 -8.56
N ALA B 417 19.10 -25.35 -9.06
CA ALA B 417 19.23 -24.04 -8.41
C ALA B 417 18.70 -24.07 -6.99
N ALA B 418 17.75 -24.96 -6.70
CA ALA B 418 17.19 -25.05 -5.35
C ALA B 418 18.20 -25.65 -4.38
N THR B 419 18.69 -26.85 -4.66
CA THR B 419 19.68 -27.48 -3.80
C THR B 419 20.94 -26.64 -3.72
N GLU B 420 21.31 -25.96 -4.80
CA GLU B 420 22.50 -25.13 -4.82
C GLU B 420 22.44 -24.04 -3.77
N THR B 421 21.26 -23.46 -3.56
CA THR B 421 21.08 -22.40 -2.57
C THR B 421 21.09 -23.01 -1.17
N LEU B 422 22.10 -22.65 -0.37
CA LEU B 422 22.29 -23.15 0.99
C LEU B 422 22.49 -24.67 1.04
N PRO C 8 7.77 41.33 74.01
CA PRO C 8 7.66 41.03 72.59
C PRO C 8 9.00 40.60 71.98
N GLN C 9 10.11 41.10 72.53
CA GLN C 9 11.41 40.60 72.13
C GLN C 9 11.80 39.35 72.89
N GLU C 10 11.01 38.92 73.88
CA GLU C 10 11.17 37.57 74.42
C GLU C 10 11.11 36.54 73.32
N LEU C 11 10.43 36.87 72.22
CA LEU C 11 10.54 36.09 70.99
C LEU C 11 12.00 36.00 70.54
N ALA C 12 12.69 37.14 70.52
CA ALA C 12 14.08 37.15 70.06
C ALA C 12 14.98 36.34 70.99
N ALA C 13 14.68 36.33 72.29
CA ALA C 13 15.45 35.49 73.20
C ALA C 13 15.24 34.01 72.88
N LEU C 14 14.00 33.60 72.63
CA LEU C 14 13.73 32.20 72.33
C LEU C 14 14.28 31.81 70.97
N HIS C 15 14.22 32.71 69.99
CA HIS C 15 14.77 32.44 68.67
C HIS C 15 16.26 32.13 68.75
N ALA C 16 16.99 32.84 69.61
CA ALA C 16 18.41 32.57 69.79
C ALA C 16 18.64 31.17 70.35
N ARG C 17 17.84 30.77 71.34
CA ARG C 17 17.92 29.41 71.85
C ARG C 17 17.65 28.39 70.76
N HIS C 18 16.69 28.68 69.88
CA HIS C 18 16.42 27.80 68.75
C HIS C 18 17.56 27.80 67.74
N GLN C 19 18.27 28.93 67.61
CA GLN C 19 19.41 28.97 66.70
C GLN C 19 20.54 28.07 67.16
N GLN C 20 20.82 28.07 68.47
CA GLN C 20 21.89 27.23 69.00
C GLN C 20 21.51 25.75 68.95
N ASP C 21 20.24 25.44 69.21
CA ASP C 21 19.79 24.06 69.09
C ASP C 21 19.87 23.60 67.64
N TYR C 22 19.52 24.48 66.70
CA TYR C 22 19.73 24.16 65.29
C TYR C 22 21.21 24.05 64.96
N ALA C 23 22.02 24.95 65.53
CA ALA C 23 23.46 24.87 65.33
C ALA C 23 24.02 23.55 65.87
N ALA C 24 23.58 23.15 67.06
CA ALA C 24 24.01 21.88 67.62
C ALA C 24 23.49 20.70 66.80
N LEU C 25 22.21 20.77 66.40
CA LEU C 25 21.64 19.72 65.55
C LEU C 25 22.43 19.58 64.26
N GLN C 26 22.67 20.70 63.57
CA GLN C 26 23.43 20.66 62.33
C GLN C 26 24.82 20.07 62.55
N GLY C 27 25.45 20.39 63.68
CA GLY C 27 26.81 19.92 63.93
C GLY C 27 26.89 18.41 64.05
N MET C 28 25.78 17.76 64.40
CA MET C 28 25.80 16.31 64.56
C MET C 28 25.82 15.57 63.23
N LYS C 29 25.66 16.27 62.11
CA LYS C 29 25.86 15.72 60.76
C LYS C 29 25.08 14.42 60.57
N LEU C 30 23.78 14.57 60.47
CA LEU C 30 22.89 13.41 60.39
C LEU C 30 22.62 13.04 58.93
N ALA C 31 21.97 11.89 58.76
CA ALA C 31 21.57 11.41 57.45
C ALA C 31 20.35 10.51 57.59
N LEU C 32 19.23 11.07 58.01
CA LEU C 32 18.03 10.30 58.32
C LEU C 32 16.88 10.73 57.41
N ASP C 33 15.80 9.96 57.44
CA ASP C 33 14.76 10.05 56.42
C ASP C 33 13.41 9.71 57.02
N LEU C 34 12.44 10.62 56.87
CA LEU C 34 11.06 10.39 57.30
C LEU C 34 10.10 10.40 56.12
N THR C 35 10.59 10.15 54.91
CA THR C 35 9.79 10.22 53.69
C THR C 35 9.30 8.86 53.23
N ARG C 36 10.07 7.81 53.49
CA ARG C 36 9.80 6.49 52.91
C ARG C 36 8.54 5.88 53.53
N GLY C 37 7.47 5.81 52.75
CA GLY C 37 6.29 5.09 53.15
C GLY C 37 6.39 3.63 52.80
N LYS C 38 7.35 2.93 53.41
CA LYS C 38 7.63 1.53 53.15
C LYS C 38 7.63 0.76 54.46
N PRO C 39 7.37 -0.55 54.39
CA PRO C 39 7.57 -1.37 55.57
C PRO C 39 9.05 -1.53 55.89
N SER C 40 9.35 -1.63 57.17
CA SER C 40 10.72 -1.89 57.59
C SER C 40 11.13 -3.30 57.16
N ALA C 41 12.44 -3.54 57.15
CA ALA C 41 12.95 -4.88 56.85
C ALA C 41 12.42 -5.91 57.85
N GLU C 42 12.22 -5.50 59.10
CA GLU C 42 11.67 -6.40 60.10
C GLU C 42 10.24 -6.81 59.75
N GLN C 43 9.46 -5.87 59.20
CA GLN C 43 8.12 -6.21 58.76
C GLN C 43 8.14 -7.18 57.59
N LEU C 44 9.01 -6.91 56.60
CA LEU C 44 9.11 -7.80 55.45
C LEU C 44 9.55 -9.20 55.85
N ASP C 45 10.28 -9.32 56.97
CA ASP C 45 10.75 -10.62 57.41
C ASP C 45 9.60 -11.54 57.82
N LEU C 46 8.48 -10.97 58.26
CA LEU C 46 7.33 -11.80 58.62
C LEU C 46 6.81 -12.62 57.45
N SER C 47 7.07 -12.19 56.22
CA SER C 47 6.55 -12.83 55.02
C SER C 47 7.61 -13.63 54.27
N ASN C 48 8.75 -13.91 54.90
CA ASN C 48 9.86 -14.55 54.20
C ASN C 48 9.56 -15.99 53.78
N GLN C 49 8.49 -16.60 54.31
CA GLN C 49 8.08 -17.91 53.81
C GLN C 49 7.66 -17.86 52.34
N LEU C 50 7.23 -16.68 51.87
CA LEU C 50 6.84 -16.54 50.46
C LEU C 50 8.00 -16.82 49.52
N LEU C 51 9.24 -16.60 49.98
CA LEU C 51 10.41 -16.77 49.12
C LEU C 51 10.65 -18.22 48.73
N SER C 52 9.99 -19.17 49.36
CA SER C 52 10.10 -20.58 48.99
C SER C 52 8.78 -21.19 48.56
N LEU C 53 7.71 -20.38 48.48
CA LEU C 53 6.39 -20.81 48.05
C LEU C 53 6.24 -20.60 46.55
N PRO C 54 5.27 -21.29 45.90
CA PRO C 54 4.28 -22.22 46.45
C PRO C 54 4.78 -23.64 46.66
N GLY C 55 5.94 -23.97 46.11
CA GLY C 55 6.44 -25.32 46.20
C GLY C 55 6.04 -26.15 44.99
N ASP C 56 6.24 -27.46 45.14
CA ASP C 56 6.03 -28.37 44.00
C ASP C 56 4.57 -28.41 43.56
N ASP C 57 3.63 -28.18 44.48
CA ASP C 57 2.21 -28.15 44.12
C ASP C 57 1.89 -26.80 43.52
N TYR C 58 1.97 -26.72 42.20
CA TYR C 58 1.70 -25.48 41.47
C TYR C 58 0.22 -25.30 41.17
N ARG C 59 -0.65 -26.20 41.62
CA ARG C 59 -2.07 -26.14 41.32
C ARG C 59 -2.84 -25.55 42.47
N ASP C 60 -3.77 -24.65 42.14
CA ASP C 60 -4.68 -24.08 43.12
C ASP C 60 -5.73 -25.12 43.49
N PRO C 61 -6.51 -24.89 44.56
CA PRO C 61 -7.49 -25.91 44.98
C PRO C 61 -8.46 -26.36 43.89
N GLU C 62 -8.64 -25.57 42.84
CA GLU C 62 -9.52 -25.93 41.74
C GLU C 62 -8.86 -26.83 40.69
N GLY C 63 -7.57 -27.11 40.83
CA GLY C 63 -6.84 -27.87 39.84
C GLY C 63 -6.19 -27.04 38.75
N THR C 64 -6.26 -25.71 38.85
CA THR C 64 -5.69 -24.84 37.82
C THR C 64 -4.17 -24.89 37.87
N ASP C 65 -3.56 -25.15 36.72
CA ASP C 65 -2.12 -25.03 36.57
C ASP C 65 -1.79 -23.54 36.48
N THR C 66 -1.32 -22.97 37.60
CA THR C 66 -1.05 -21.54 37.66
C THR C 66 0.14 -21.12 36.80
N ARG C 67 0.92 -22.06 36.29
CA ARG C 67 2.10 -21.73 35.50
C ARG C 67 1.76 -21.36 34.06
N ASN C 68 0.52 -21.51 33.63
CA ASN C 68 0.16 -21.39 32.22
C ASN C 68 -0.81 -20.23 32.01
N TYR C 69 -0.91 -19.83 30.73
CA TYR C 69 -1.77 -18.73 30.33
C TYR C 69 -3.22 -18.99 30.72
N GLY C 70 -3.96 -17.91 30.98
CA GLY C 70 -5.39 -17.99 31.15
C GLY C 70 -5.93 -17.39 32.43
N GLY C 71 -7.16 -16.89 32.37
CA GLY C 71 -7.84 -16.39 33.55
C GLY C 71 -7.52 -14.96 33.91
N GLN C 72 -8.50 -14.06 33.72
CA GLN C 72 -8.32 -12.65 34.04
C GLN C 72 -8.85 -12.27 35.41
N HIS C 73 -9.71 -13.09 36.01
CA HIS C 73 -10.28 -12.75 37.31
C HIS C 73 -9.30 -12.96 38.45
N GLY C 74 -8.40 -13.94 38.33
CA GLY C 74 -7.50 -14.29 39.40
C GLY C 74 -7.99 -15.52 40.15
N LEU C 75 -7.08 -16.07 40.95
CA LEU C 75 -7.36 -17.29 41.69
C LEU C 75 -8.54 -17.10 42.63
N PRO C 76 -9.59 -17.92 42.52
CA PRO C 76 -10.74 -17.75 43.43
C PRO C 76 -10.39 -17.96 44.89
N GLY C 77 -9.42 -18.83 45.19
CA GLY C 77 -9.07 -19.09 46.58
C GLY C 77 -8.55 -17.84 47.29
N LEU C 78 -7.72 -17.06 46.61
CA LEU C 78 -7.22 -15.82 47.21
C LEU C 78 -8.28 -14.73 47.18
N ARG C 79 -9.08 -14.65 46.11
CA ARG C 79 -10.16 -13.68 46.06
C ARG C 79 -11.17 -13.92 47.16
N ALA C 80 -11.33 -15.17 47.60
CA ALA C 80 -12.24 -15.47 48.70
C ALA C 80 -11.71 -14.93 50.01
N ILE C 81 -10.39 -15.03 50.21
CA ILE C 81 -9.78 -14.56 51.46
C ILE C 81 -10.06 -13.08 51.66
N PHE C 82 -9.85 -12.28 50.61
CA PHE C 82 -10.04 -10.83 50.70
C PHE C 82 -11.48 -10.42 50.42
N ALA C 83 -12.29 -11.32 49.86
CA ALA C 83 -13.73 -11.09 49.84
C ALA C 83 -14.27 -10.87 51.24
N GLU C 84 -13.85 -11.73 52.18
CA GLU C 84 -14.27 -11.60 53.57
C GLU C 84 -13.66 -10.36 54.22
N LEU C 85 -12.38 -10.09 53.94
CA LEU C 85 -11.70 -8.98 54.60
C LEU C 85 -12.24 -7.63 54.16
N LEU C 86 -12.80 -7.54 52.96
CA LEU C 86 -13.32 -6.28 52.42
C LEU C 86 -14.83 -6.19 52.42
N GLY C 87 -15.54 -7.30 52.62
CA GLY C 87 -16.99 -7.27 52.57
C GLY C 87 -17.52 -7.16 51.16
N ILE C 88 -16.94 -7.95 50.25
CA ILE C 88 -17.29 -7.93 48.84
C ILE C 88 -17.41 -9.36 48.36
N ALA C 89 -18.45 -9.65 47.57
CA ALA C 89 -18.63 -11.00 47.05
C ALA C 89 -17.48 -11.36 46.12
N VAL C 90 -17.20 -12.67 46.03
CA VAL C 90 -16.10 -13.14 45.19
C VAL C 90 -16.28 -12.75 43.73
N PRO C 91 -17.43 -12.96 43.09
CA PRO C 91 -17.57 -12.52 41.69
C PRO C 91 -17.43 -11.02 41.52
N ASN C 92 -17.56 -10.24 42.59
CA ASN C 92 -17.40 -8.79 42.54
C ASN C 92 -15.97 -8.35 42.80
N LEU C 93 -15.03 -9.29 42.88
CA LEU C 93 -13.65 -8.99 43.21
C LEU C 93 -12.73 -9.75 42.27
N ILE C 94 -11.65 -9.10 41.84
CA ILE C 94 -10.63 -9.73 41.04
C ILE C 94 -9.26 -9.45 41.65
N ALA C 95 -8.28 -10.27 41.28
CA ALA C 95 -6.92 -10.14 41.77
C ALA C 95 -5.98 -9.91 40.59
N GLY C 96 -5.14 -8.89 40.71
CA GLY C 96 -4.23 -8.53 39.64
C GLY C 96 -2.77 -8.76 39.97
N ASN C 97 -1.91 -7.83 39.57
CA ASN C 97 -0.47 -7.98 39.77
C ASN C 97 -0.01 -7.27 41.03
N ASN C 98 1.18 -6.68 40.99
CA ASN C 98 1.85 -6.18 42.18
C ASN C 98 1.51 -4.73 42.50
N SER C 99 0.57 -4.12 41.77
CA SER C 99 0.31 -2.69 41.94
C SER C 99 -1.18 -2.42 41.87
N SER C 100 -1.74 -1.94 42.98
CA SER C 100 -3.11 -1.42 42.96
C SER C 100 -3.15 -0.04 42.33
N LEU C 101 -2.06 0.72 42.43
CA LEU C 101 -1.99 2.02 41.78
C LEU C 101 -2.11 1.88 40.27
N GLU C 102 -1.61 0.78 39.70
CA GLU C 102 -1.71 0.57 38.27
C GLU C 102 -3.12 0.18 37.86
N LEU C 103 -3.90 -0.40 38.77
CA LEU C 103 -5.32 -0.58 38.50
C LEU C 103 -6.05 0.75 38.46
N MET C 104 -5.72 1.65 39.38
CA MET C 104 -6.36 2.97 39.40
C MET C 104 -5.99 3.78 38.17
N HIS C 105 -4.72 3.74 37.77
CA HIS C 105 -4.28 4.47 36.58
C HIS C 105 -4.98 3.93 35.34
N ASP C 106 -5.01 2.62 35.17
CA ASP C 106 -5.64 2.02 33.99
C ASP C 106 -7.12 2.35 33.93
N ILE C 107 -7.80 2.34 35.07
CA ILE C 107 -9.24 2.59 35.08
C ILE C 107 -9.53 4.05 34.71
N VAL C 108 -8.68 4.97 35.13
CA VAL C 108 -8.81 6.36 34.69
C VAL C 108 -8.52 6.46 33.19
N ALA C 109 -7.44 5.81 32.74
CA ALA C 109 -7.11 5.83 31.32
C ALA C 109 -8.20 5.21 30.48
N PHE C 110 -8.78 4.10 30.95
CA PHE C 110 -9.92 3.50 30.24
C PHE C 110 -11.09 4.47 30.21
N SER C 111 -11.34 5.16 31.31
CA SER C 111 -12.45 6.11 31.36
C SER C 111 -12.23 7.28 30.42
N MET C 112 -10.98 7.69 30.21
CA MET C 112 -10.72 8.80 29.30
C MET C 112 -10.81 8.36 27.84
N LEU C 113 -10.27 7.18 27.53
CA LEU C 113 -10.24 6.73 26.14
C LEU C 113 -11.55 6.07 25.72
N TYR C 114 -12.16 5.28 26.59
CA TYR C 114 -13.37 4.54 26.26
C TYR C 114 -14.58 4.92 27.10
N GLY C 115 -14.39 5.61 28.21
CA GLY C 115 -15.49 5.92 29.10
C GLY C 115 -15.90 4.73 29.96
N GLY C 116 -16.59 5.04 31.05
CA GLY C 116 -17.09 4.02 31.94
C GLY C 116 -18.17 3.17 31.30
N VAL C 117 -18.64 2.19 32.07
CA VAL C 117 -19.65 1.25 31.56
C VAL C 117 -20.95 1.94 31.21
N ASP C 118 -21.17 3.16 31.72
CA ASP C 118 -22.42 3.87 31.48
C ASP C 118 -22.17 5.35 31.19
N SER C 119 -21.05 5.68 30.58
CA SER C 119 -20.71 7.06 30.30
C SER C 119 -21.35 7.52 28.99
N PRO C 120 -21.75 8.80 28.91
CA PRO C 120 -22.29 9.31 27.65
C PRO C 120 -21.28 9.29 26.52
N ARG C 121 -20.00 9.46 26.83
CA ARG C 121 -18.91 9.43 25.86
C ARG C 121 -17.61 9.31 26.62
N PRO C 122 -16.53 8.90 25.96
CA PRO C 122 -15.22 8.89 26.62
C PRO C 122 -14.89 10.26 27.19
N TRP C 123 -14.23 10.27 28.35
CA TRP C 123 -13.99 11.52 29.07
C TRP C 123 -13.12 12.47 28.26
N ILE C 124 -12.24 11.94 27.41
CA ILE C 124 -11.38 12.80 26.60
C ILE C 124 -12.17 13.57 25.56
N GLN C 125 -13.39 13.10 25.23
CA GLN C 125 -14.24 13.79 24.27
C GLN C 125 -15.12 14.84 24.93
N GLU C 126 -15.01 15.03 26.24
CA GLU C 126 -15.79 16.04 26.95
C GLU C 126 -15.13 17.40 26.75
N GLN C 127 -15.81 18.30 26.03
CA GLN C 127 -15.27 19.64 25.84
C GLN C 127 -15.34 20.48 27.10
N ASP C 128 -16.16 20.09 28.07
CA ASP C 128 -16.26 20.79 29.34
C ASP C 128 -15.19 20.37 30.34
N GLY C 129 -14.16 19.64 29.89
CA GLY C 129 -13.13 19.16 30.79
C GLY C 129 -13.60 18.10 31.74
N ILE C 130 -12.68 17.49 32.48
CA ILE C 130 -12.99 16.48 33.48
C ILE C 130 -12.41 16.94 34.81
N LYS C 131 -13.17 16.71 35.88
CA LYS C 131 -12.78 17.17 37.21
C LYS C 131 -12.95 16.06 38.23
N PHE C 132 -12.03 16.00 39.19
CA PHE C 132 -12.08 15.07 40.31
C PHE C 132 -12.09 15.86 41.61
N LEU C 133 -12.88 15.38 42.57
CA LEU C 133 -12.84 15.90 43.93
C LEU C 133 -11.78 15.16 44.72
N CYS C 134 -10.97 15.90 45.47
CA CYS C 134 -9.82 15.33 46.18
C CYS C 134 -9.81 15.81 47.61
N PRO C 135 -10.38 15.04 48.54
CA PRO C 135 -10.26 15.36 49.96
C PRO C 135 -8.80 15.49 50.38
N VAL C 136 -8.52 16.52 51.15
CA VAL C 136 -7.15 16.84 51.55
C VAL C 136 -7.04 16.87 53.07
N PRO C 137 -5.89 16.48 53.67
CA PRO C 137 -4.69 15.99 52.98
C PRO C 137 -4.88 14.59 52.39
N GLY C 138 -4.35 14.38 51.18
CA GLY C 138 -4.58 13.14 50.47
C GLY C 138 -3.31 12.48 49.94
N TYR C 139 -3.50 11.55 49.01
CA TYR C 139 -2.41 10.75 48.45
C TYR C 139 -1.83 11.45 47.23
N ASP C 140 -0.51 11.66 47.24
CA ASP C 140 0.14 12.35 46.14
C ASP C 140 0.07 11.56 44.84
N ARG C 141 0.14 10.23 44.92
CA ARG C 141 0.08 9.39 43.73
C ARG C 141 -1.34 9.30 43.17
N HIS C 142 -2.36 9.53 44.00
CA HIS C 142 -3.70 9.73 43.47
C HIS C 142 -3.74 10.97 42.59
N PHE C 143 -3.16 12.07 43.06
CA PHE C 143 -3.24 13.33 42.34
C PHE C 143 -2.34 13.33 41.11
N ALA C 144 -1.22 12.60 41.16
CA ALA C 144 -0.34 12.53 40.00
C ALA C 144 -1.04 11.89 38.80
N ILE C 145 -1.92 10.92 39.06
CA ILE C 145 -2.68 10.31 37.97
C ILE C 145 -3.54 11.35 37.27
N THR C 146 -4.42 12.02 38.03
CA THR C 146 -5.31 13.01 37.44
C THR C 146 -4.55 14.22 36.92
N GLU C 147 -3.44 14.58 37.57
CA GLU C 147 -2.65 15.73 37.11
C GLU C 147 -2.02 15.43 35.75
N THR C 148 -1.43 14.24 35.61
CA THR C 148 -0.82 13.87 34.33
C THR C 148 -1.87 13.69 33.25
N MET C 149 -3.07 13.21 33.60
CA MET C 149 -4.13 13.01 32.62
C MET C 149 -4.89 14.28 32.29
N GLY C 150 -4.48 15.43 32.83
CA GLY C 150 -5.19 16.66 32.55
C GLY C 150 -6.55 16.77 33.20
N ILE C 151 -6.80 16.00 34.25
CA ILE C 151 -8.05 16.07 35.00
C ILE C 151 -7.89 17.12 36.11
N GLU C 152 -8.75 18.12 36.09
CA GLU C 152 -8.72 19.16 37.11
C GLU C 152 -9.12 18.58 38.45
N MET C 153 -8.49 19.07 39.52
CA MET C 153 -8.68 18.52 40.86
C MET C 153 -9.19 19.60 41.80
N ILE C 154 -10.17 19.23 42.62
CA ILE C 154 -10.87 20.15 43.52
C ILE C 154 -10.54 19.73 44.96
N PRO C 155 -9.78 20.52 45.71
CA PRO C 155 -9.52 20.18 47.10
C PRO C 155 -10.79 20.25 47.95
N ILE C 156 -10.93 19.28 48.84
CA ILE C 156 -12.09 19.18 49.73
C ILE C 156 -11.59 18.99 51.15
N PRO C 157 -12.08 19.76 52.12
CA PRO C 157 -11.60 19.60 53.50
C PRO C 157 -12.04 18.28 54.11
N MET C 158 -11.19 17.77 54.99
CA MET C 158 -11.45 16.53 55.71
C MET C 158 -11.99 16.87 57.10
N LEU C 159 -13.09 16.22 57.48
CA LEU C 159 -13.63 16.33 58.83
C LEU C 159 -13.27 15.04 59.58
N GLN C 160 -13.93 14.78 60.70
CA GLN C 160 -13.47 13.69 61.56
C GLN C 160 -14.02 12.34 61.10
N ASP C 161 -15.26 12.30 60.63
CA ASP C 161 -15.86 11.05 60.14
C ASP C 161 -15.78 10.90 58.63
N GLY C 162 -14.98 11.73 57.97
CA GLY C 162 -14.86 11.70 56.54
C GLY C 162 -14.78 13.09 55.96
N PRO C 163 -14.89 13.20 54.63
CA PRO C 163 -14.80 14.52 54.00
C PRO C 163 -16.07 15.33 54.19
N ASP C 164 -15.99 16.60 53.79
CA ASP C 164 -17.14 17.50 53.86
C ASP C 164 -18.21 17.07 52.87
N VAL C 165 -19.12 16.19 53.29
CA VAL C 165 -20.07 15.60 52.35
C VAL C 165 -21.09 16.63 51.88
N ASP C 166 -21.41 17.62 52.73
CA ASP C 166 -22.30 18.69 52.33
C ASP C 166 -21.71 19.48 51.17
N LEU C 167 -20.45 19.86 51.29
CA LEU C 167 -19.76 20.52 50.19
C LEU C 167 -19.70 19.62 48.97
N ILE C 168 -19.40 18.33 49.16
CA ILE C 168 -19.30 17.41 48.03
C ILE C 168 -20.63 17.34 47.28
N GLU C 169 -21.73 17.15 48.02
CA GLU C 169 -23.04 17.02 47.40
C GLU C 169 -23.47 18.29 46.67
N GLU C 170 -22.94 19.45 47.06
CA GLU C 170 -23.24 20.68 46.34
C GLU C 170 -22.53 20.71 44.98
N LEU C 171 -21.27 20.27 44.94
CA LEU C 171 -20.49 20.36 43.71
C LEU C 171 -20.95 19.34 42.68
N VAL C 172 -21.17 18.09 43.11
CA VAL C 172 -21.57 17.04 42.18
C VAL C 172 -22.97 17.28 41.62
N ALA C 173 -23.79 18.08 42.30
CA ALA C 173 -25.17 18.28 41.86
C ALA C 173 -25.27 19.27 40.70
N VAL C 174 -24.38 20.25 40.64
CA VAL C 174 -24.46 21.31 39.64
C VAL C 174 -23.44 21.15 38.52
N ASP C 175 -22.34 20.42 38.76
CA ASP C 175 -21.28 20.30 37.77
C ASP C 175 -21.26 18.92 37.13
N PRO C 176 -21.64 18.78 35.85
CA PRO C 176 -21.49 17.48 35.18
C PRO C 176 -20.05 17.11 34.89
N ALA C 177 -19.12 18.06 34.93
CA ALA C 177 -17.72 17.78 34.66
C ALA C 177 -17.05 16.99 35.78
N ILE C 178 -17.65 16.93 36.97
CA ILE C 178 -17.08 16.20 38.10
C ILE C 178 -17.42 14.73 37.89
N LYS C 179 -16.41 13.94 37.48
CA LYS C 179 -16.62 12.54 37.15
C LYS C 179 -16.17 11.58 38.24
N GLY C 180 -15.37 12.03 39.20
CA GLY C 180 -14.85 11.12 40.19
C GLY C 180 -14.35 11.83 41.43
N MET C 181 -13.87 11.02 42.38
CA MET C 181 -13.32 11.54 43.62
C MET C 181 -12.33 10.54 44.20
N TRP C 182 -11.16 11.04 44.60
CA TRP C 182 -10.15 10.20 45.23
C TRP C 182 -10.45 10.04 46.71
N THR C 183 -10.52 8.79 47.18
CA THR C 183 -10.80 8.51 48.59
C THR C 183 -9.89 7.41 49.10
N VAL C 184 -9.53 7.53 50.37
CA VAL C 184 -8.99 6.43 51.16
C VAL C 184 -9.91 6.23 52.36
N PRO C 185 -10.88 5.32 52.27
CA PRO C 185 -12.01 5.34 53.22
C PRO C 185 -11.67 4.87 54.63
N VAL C 186 -10.56 4.15 54.83
CA VAL C 186 -10.15 3.70 56.15
C VAL C 186 -8.68 4.02 56.33
N PHE C 187 -8.34 4.66 57.45
CA PHE C 187 -6.97 5.02 57.80
C PHE C 187 -6.31 5.80 56.66
N GLY C 188 -6.92 6.96 56.36
CA GLY C 188 -6.54 7.76 55.22
C GLY C 188 -5.08 8.15 55.14
N ASN C 189 -4.57 8.23 53.92
CA ASN C 189 -3.23 8.72 53.67
C ASN C 189 -3.32 10.21 53.40
N PRO C 190 -2.84 11.09 54.30
CA PRO C 190 -2.24 10.78 55.59
C PRO C 190 -3.08 11.23 56.79
N SER C 191 -4.35 11.57 56.56
CA SER C 191 -5.17 12.11 57.63
C SER C 191 -5.46 11.09 58.72
N GLY C 192 -5.38 9.80 58.41
CA GLY C 192 -5.74 8.75 59.35
C GLY C 192 -7.22 8.59 59.60
N VAL C 193 -8.06 9.32 58.88
CA VAL C 193 -9.50 9.32 59.11
C VAL C 193 -10.13 8.11 58.44
N THR C 194 -11.10 7.50 59.11
CA THR C 194 -11.89 6.41 58.57
C THR C 194 -13.32 6.90 58.35
N TYR C 195 -13.86 6.63 57.16
CA TYR C 195 -15.20 7.08 56.82
C TYR C 195 -16.23 6.35 57.67
N SER C 196 -17.23 7.08 58.14
CA SER C 196 -18.30 6.50 58.94
C SER C 196 -19.39 5.93 58.03
N TRP C 197 -20.19 5.02 58.61
CA TRP C 197 -21.32 4.45 57.88
C TRP C 197 -22.20 5.53 57.28
N GLU C 198 -22.40 6.63 58.02
CA GLU C 198 -23.23 7.72 57.50
C GLU C 198 -22.58 8.39 56.30
N THR C 199 -21.27 8.63 56.36
CA THR C 199 -20.58 9.27 55.23
C THR C 199 -20.64 8.39 53.99
N VAL C 200 -20.44 7.08 54.15
CA VAL C 200 -20.52 6.18 53.00
C VAL C 200 -21.93 6.17 52.44
N ARG C 201 -22.94 6.10 53.31
CA ARG C 201 -24.32 6.05 52.87
C ARG C 201 -24.69 7.27 52.03
N ARG C 202 -24.20 8.45 52.42
CA ARG C 202 -24.54 9.67 51.70
C ARG C 202 -23.79 9.74 50.37
N LEU C 203 -22.53 9.33 50.35
CA LEU C 203 -21.73 9.43 49.12
C LEU C 203 -22.27 8.53 48.01
N VAL C 204 -22.79 7.35 48.36
CA VAL C 204 -23.38 6.45 47.38
C VAL C 204 -24.82 6.80 47.05
N GLN C 205 -25.45 7.68 47.82
CA GLN C 205 -26.84 8.08 47.59
C GLN C 205 -26.98 9.46 46.97
N MET C 206 -26.00 10.35 47.19
CA MET C 206 -26.06 11.67 46.60
C MET C 206 -26.19 11.59 45.09
N ARG C 207 -27.03 12.44 44.53
CA ARG C 207 -27.27 12.40 43.10
C ARG C 207 -26.28 13.29 42.36
N THR C 208 -25.91 12.87 41.17
CA THR C 208 -24.79 13.44 40.44
C THR C 208 -25.27 14.08 39.15
N ALA C 209 -24.66 15.21 38.80
CA ALA C 209 -24.88 15.77 37.47
C ALA C 209 -24.23 14.89 36.40
N ALA C 210 -23.11 14.27 36.71
CA ALA C 210 -22.50 13.31 35.81
C ALA C 210 -23.14 11.94 36.04
N PRO C 211 -23.77 11.33 35.03
CA PRO C 211 -24.39 10.01 35.23
C PRO C 211 -23.38 8.92 35.51
N ASP C 212 -22.11 9.13 35.19
CA ASP C 212 -21.06 8.13 35.37
C ASP C 212 -20.06 8.55 36.45
N PHE C 213 -20.54 9.20 37.50
CA PHE C 213 -19.67 9.57 38.60
C PHE C 213 -19.13 8.33 39.30
N ARG C 214 -17.88 8.40 39.74
CA ARG C 214 -17.18 7.24 40.27
C ARG C 214 -16.49 7.60 41.58
N LEU C 215 -16.72 6.78 42.61
CA LEU C 215 -16.00 6.88 43.87
C LEU C 215 -14.78 5.97 43.79
N PHE C 216 -13.59 6.57 43.75
CA PHE C 216 -12.36 5.78 43.73
C PHE C 216 -12.06 5.37 45.17
N TRP C 217 -12.58 4.20 45.52
CA TRP C 217 -12.60 3.70 46.90
C TRP C 217 -11.33 2.90 47.18
N ASP C 218 -10.23 3.63 47.34
CA ASP C 218 -8.92 3.02 47.55
C ASP C 218 -8.80 2.59 49.00
N ASN C 219 -9.26 1.37 49.29
CA ASN C 219 -9.16 0.80 50.63
C ASN C 219 -7.78 0.17 50.84
N ALA C 220 -6.77 1.03 50.77
CA ALA C 220 -5.38 0.56 50.82
C ALA C 220 -4.99 0.06 52.20
N TYR C 221 -5.56 0.64 53.26
CA TYR C 221 -5.23 0.26 54.62
C TYR C 221 -6.44 -0.38 55.28
N ALA C 222 -7.04 -1.36 54.59
CA ALA C 222 -8.32 -1.93 55.03
C ALA C 222 -8.16 -2.71 56.33
N VAL C 223 -7.03 -3.39 56.51
CA VAL C 223 -6.82 -4.23 57.68
C VAL C 223 -5.52 -3.84 58.37
N HIS C 224 -5.10 -2.58 58.18
CA HIS C 224 -3.79 -2.12 58.65
C HIS C 224 -3.98 -1.34 59.94
N THR C 225 -4.39 -2.06 60.98
CA THR C 225 -4.68 -1.46 62.27
C THR C 225 -3.41 -1.24 63.07
N LEU C 226 -3.42 -0.18 63.89
CA LEU C 226 -2.37 0.08 64.86
C LEU C 226 -2.76 -0.28 66.28
N THR C 227 -3.95 -0.83 66.46
CA THR C 227 -4.39 -1.45 67.71
C THR C 227 -4.58 -2.95 67.44
N LEU C 228 -5.25 -3.63 68.37
CA LEU C 228 -5.56 -5.04 68.19
C LEU C 228 -6.97 -5.27 67.69
N ASP C 229 -7.75 -4.21 67.46
CA ASP C 229 -9.07 -4.32 66.87
C ASP C 229 -9.00 -3.97 65.38
N PHE C 230 -9.83 -4.64 64.60
CA PHE C 230 -9.90 -4.38 63.17
C PHE C 230 -11.15 -3.58 62.83
N PRO C 231 -11.07 -2.67 61.86
CA PRO C 231 -12.25 -1.87 61.50
C PRO C 231 -13.22 -2.70 60.67
N ARG C 232 -14.50 -2.62 61.01
CA ARG C 232 -15.52 -3.28 60.21
C ARG C 232 -15.67 -2.56 58.89
N GLN C 233 -15.52 -3.29 57.79
CA GLN C 233 -15.60 -2.67 56.46
C GLN C 233 -17.05 -2.31 56.14
N VAL C 234 -17.24 -1.10 55.64
CA VAL C 234 -18.55 -0.69 55.15
C VAL C 234 -18.81 -1.35 53.80
N ASP C 235 -20.02 -1.84 53.61
CA ASP C 235 -20.44 -2.42 52.32
C ASP C 235 -20.82 -1.28 51.40
N VAL C 236 -19.80 -0.65 50.81
CA VAL C 236 -20.03 0.46 49.90
C VAL C 236 -20.73 -0.01 48.63
N LEU C 237 -20.43 -1.23 48.19
CA LEU C 237 -21.07 -1.73 46.97
C LEU C 237 -22.54 -2.07 47.21
N GLY C 238 -22.84 -2.68 48.36
CA GLY C 238 -24.23 -3.02 48.66
C GLY C 238 -25.10 -1.80 48.87
N LEU C 239 -24.58 -0.79 49.56
CA LEU C 239 -25.33 0.44 49.75
C LEU C 239 -25.55 1.16 48.43
N ALA C 240 -24.56 1.10 47.54
CA ALA C 240 -24.71 1.73 46.23
C ALA C 240 -25.74 1.00 45.39
N ALA C 241 -25.73 -0.34 45.42
CA ALA C 241 -26.69 -1.12 44.65
C ALA C 241 -28.11 -0.86 45.11
N LYS C 242 -28.33 -0.87 46.44
CA LYS C 242 -29.66 -0.61 46.97
C LYS C 242 -30.11 0.82 46.74
N ALA C 243 -29.18 1.74 46.51
CA ALA C 243 -29.50 3.14 46.22
C ALA C 243 -29.66 3.42 44.74
N GLY C 244 -29.46 2.43 43.88
CA GLY C 244 -29.60 2.62 42.45
C GLY C 244 -28.36 3.11 41.75
N ASN C 245 -27.21 3.14 42.42
CA ASN C 245 -25.94 3.54 41.82
C ASN C 245 -24.92 2.42 41.94
N PRO C 246 -25.21 1.25 41.35
CA PRO C 246 -24.33 0.08 41.59
C PRO C 246 -22.93 0.26 41.04
N ASN C 247 -22.75 1.07 39.99
CA ASN C 247 -21.47 1.23 39.33
C ASN C 247 -20.61 2.34 39.93
N ARG C 248 -21.13 3.10 40.89
CA ARG C 248 -20.40 4.27 41.39
C ARG C 248 -19.07 3.91 42.06
N PRO C 249 -18.98 2.92 42.96
CA PRO C 249 -17.70 2.70 43.66
C PRO C 249 -16.74 1.77 42.93
N TYR C 250 -15.50 2.24 42.73
CA TYR C 250 -14.37 1.41 42.36
C TYR C 250 -13.56 1.13 43.63
N VAL C 251 -13.47 -0.14 44.02
CA VAL C 251 -12.78 -0.53 45.23
C VAL C 251 -11.39 -1.04 44.88
N PHE C 252 -10.39 -0.62 45.65
CA PHE C 252 -9.01 -1.04 45.46
C PHE C 252 -8.39 -1.44 46.79
N ALA C 253 -7.48 -2.42 46.73
CA ALA C 253 -6.74 -2.88 47.89
C ALA C 253 -5.42 -3.47 47.43
N SER C 254 -4.53 -3.74 48.39
CA SER C 254 -3.19 -4.20 48.07
C SER C 254 -2.66 -5.05 49.23
N THR C 255 -1.74 -5.97 48.89
CA THR C 255 -0.97 -6.70 49.88
C THR C 255 0.48 -6.22 49.93
N SER C 256 0.75 -5.04 49.37
CA SER C 256 2.10 -4.50 49.34
C SER C 256 2.58 -4.10 50.73
N LYS C 257 1.63 -3.78 51.60
CA LYS C 257 1.96 -3.45 53.00
C LYS C 257 1.57 -4.58 53.89
N ILE C 258 1.27 -5.73 53.29
CA ILE C 258 0.89 -6.92 54.04
C ILE C 258 1.98 -7.97 53.92
N THR C 259 2.53 -8.12 52.70
CA THR C 259 3.60 -9.06 52.44
C THR C 259 4.81 -8.30 51.96
N PHE C 260 5.04 -8.23 50.65
CA PHE C 260 6.17 -7.52 50.08
C PHE C 260 5.66 -6.27 49.37
N ALA C 261 6.37 -5.15 49.54
CA ALA C 261 6.04 -3.91 48.87
C ALA C 261 6.57 -3.97 47.45
N GLY C 262 5.66 -4.11 46.48
CA GLY C 262 6.05 -4.31 45.10
C GLY C 262 6.13 -5.78 44.69
N GLY C 263 5.88 -6.70 45.61
CA GLY C 263 5.88 -8.11 45.29
C GLY C 263 4.60 -8.80 45.71
N GLY C 264 3.57 -8.01 46.02
CA GLY C 264 2.29 -8.51 46.47
C GLY C 264 1.27 -8.64 45.36
N VAL C 265 0.01 -8.69 45.75
CA VAL C 265 -1.11 -8.82 44.83
C VAL C 265 -2.06 -7.65 45.03
N SER C 266 -2.62 -7.16 43.93
CA SER C 266 -3.59 -6.08 43.95
C SER C 266 -5.01 -6.63 43.76
N PHE C 267 -5.99 -5.81 44.14
CA PHE C 267 -7.39 -6.22 44.08
C PHE C 267 -8.25 -5.06 43.61
N PHE C 268 -9.29 -5.41 42.84
CA PHE C 268 -10.28 -4.45 42.37
C PHE C 268 -11.67 -5.02 42.61
N GLY C 269 -12.58 -4.19 43.10
CA GLY C 269 -13.93 -4.62 43.39
C GLY C 269 -14.96 -3.66 42.84
N GLY C 270 -16.09 -4.21 42.43
CA GLY C 270 -17.18 -3.39 41.93
C GLY C 270 -18.34 -4.26 41.50
N SER C 271 -19.32 -3.61 40.86
CA SER C 271 -20.45 -4.34 40.33
C SER C 271 -19.99 -5.26 39.20
N LEU C 272 -20.83 -6.25 38.90
CA LEU C 272 -20.49 -7.22 37.86
C LEU C 272 -20.30 -6.54 36.50
N GLY C 273 -20.97 -5.41 36.28
CA GLY C 273 -20.76 -4.69 35.04
C GLY C 273 -19.41 -4.00 34.99
N ASN C 274 -19.00 -3.39 36.11
CA ASN C 274 -17.69 -2.75 36.16
C ASN C 274 -16.56 -3.78 36.08
N ILE C 275 -16.76 -4.95 36.68
CA ILE C 275 -15.78 -6.03 36.52
C ILE C 275 -15.68 -6.45 35.06
N ALA C 276 -16.83 -6.66 34.41
CA ALA C 276 -16.83 -7.01 33.00
C ALA C 276 -16.27 -5.88 32.15
N TRP C 277 -16.60 -4.63 32.50
CA TRP C 277 -16.09 -3.48 31.77
C TRP C 277 -14.57 -3.42 31.86
N TYR C 278 -14.02 -3.55 33.07
CA TYR C 278 -12.57 -3.47 33.24
C TYR C 278 -11.87 -4.60 32.51
N LEU C 279 -12.38 -5.83 32.64
CA LEU C 279 -11.69 -6.97 32.06
C LEU C 279 -11.74 -6.96 30.54
N GLN C 280 -12.76 -6.34 29.95
CA GLN C 280 -12.82 -6.24 28.48
C GLN C 280 -11.65 -5.42 27.96
N TYR C 281 -11.29 -4.35 28.65
CA TYR C 281 -10.16 -3.52 28.23
C TYR C 281 -8.85 -3.97 28.84
N ALA C 282 -8.87 -4.57 30.03
CA ALA C 282 -7.66 -5.19 30.57
C ALA C 282 -7.22 -6.36 29.73
N GLY C 283 -8.15 -7.00 28.99
CA GLY C 283 -7.79 -8.06 28.08
C GLY C 283 -7.06 -7.60 26.85
N LYS C 284 -7.22 -6.34 26.46
CA LYS C 284 -6.42 -5.76 25.40
C LYS C 284 -5.00 -5.45 25.86
N LYS C 285 -4.78 -5.42 27.17
CA LYS C 285 -3.49 -5.09 27.77
C LYS C 285 -2.70 -6.31 28.20
N SER C 286 -3.34 -7.32 28.76
CA SER C 286 -2.63 -8.48 29.28
C SER C 286 -3.47 -9.74 29.09
N ILE C 287 -2.78 -10.85 28.86
CA ILE C 287 -3.41 -12.16 28.81
C ILE C 287 -3.98 -12.55 30.17
N GLY C 288 -3.43 -11.99 31.24
CA GLY C 288 -3.89 -12.28 32.58
C GLY C 288 -2.84 -11.95 33.63
N PRO C 289 -3.25 -11.89 34.89
CA PRO C 289 -2.31 -11.57 35.96
C PRO C 289 -1.50 -12.78 36.39
N ASP C 290 -0.54 -12.53 37.28
CA ASP C 290 0.38 -13.57 37.75
C ASP C 290 -0.37 -14.50 38.70
N LYS C 291 -0.69 -15.70 38.24
CA LYS C 291 -1.40 -16.67 39.08
C LYS C 291 -0.47 -17.37 40.05
N VAL C 292 0.82 -17.48 39.72
CA VAL C 292 1.77 -18.13 40.63
C VAL C 292 1.94 -17.31 41.90
N ASN C 293 2.09 -15.99 41.77
CA ASN C 293 2.20 -15.14 42.94
C ASN C 293 0.91 -15.12 43.74
N GLN C 294 -0.25 -15.20 43.07
CA GLN C 294 -1.51 -15.31 43.80
C GLN C 294 -1.62 -16.65 44.50
N LEU C 295 -1.01 -17.69 43.94
CA LEU C 295 -0.94 -18.97 44.64
C LEU C 295 0.03 -18.91 45.81
N ARG C 296 1.11 -18.14 45.67
CA ARG C 296 2.03 -17.94 46.79
C ARG C 296 1.31 -17.35 47.99
N HIS C 297 0.58 -16.25 47.77
CA HIS C 297 -0.12 -15.60 48.88
C HIS C 297 -1.24 -16.47 49.43
N LEU C 298 -1.90 -17.26 48.58
CA LEU C 298 -2.94 -18.15 49.06
C LEU C 298 -2.37 -19.21 49.99
N ARG C 299 -1.27 -19.85 49.59
CA ARG C 299 -0.61 -20.82 50.46
C ARG C 299 -0.12 -20.16 51.75
N PHE C 300 0.42 -18.94 51.64
CA PHE C 300 1.00 -18.27 52.79
C PHE C 300 -0.09 -17.87 53.79
N PHE C 301 -1.16 -17.24 53.30
CA PHE C 301 -2.21 -16.78 54.20
C PHE C 301 -3.02 -17.95 54.75
N GLY C 302 -3.43 -18.86 53.88
CA GLY C 302 -4.29 -19.97 54.29
C GLY C 302 -5.77 -19.62 54.33
N ASP C 303 -6.12 -18.51 54.99
CA ASP C 303 -7.50 -18.05 55.08
C ASP C 303 -7.50 -16.60 55.54
N ALA C 304 -8.70 -16.04 55.70
CA ALA C 304 -8.82 -14.65 56.10
C ALA C 304 -8.38 -14.44 57.55
N ASP C 305 -8.60 -15.44 58.42
CA ASP C 305 -8.13 -15.32 59.79
C ASP C 305 -6.61 -15.29 59.86
N GLY C 306 -5.94 -15.89 58.87
CA GLY C 306 -4.49 -15.82 58.84
C GLY C 306 -3.97 -14.42 58.53
N VAL C 307 -4.66 -13.71 57.63
CA VAL C 307 -4.25 -12.35 57.29
C VAL C 307 -4.40 -11.44 58.50
N ARG C 308 -5.50 -11.60 59.25
CA ARG C 308 -5.71 -10.79 60.45
C ARG C 308 -4.59 -11.00 61.46
N LEU C 309 -4.21 -12.27 61.69
CA LEU C 309 -3.08 -12.55 62.57
C LEU C 309 -1.80 -11.92 62.03
N HIS C 310 -1.60 -11.97 60.72
CA HIS C 310 -0.42 -11.36 60.12
C HIS C 310 -0.39 -9.86 60.35
N MET C 311 -1.56 -9.21 60.29
CA MET C 311 -1.62 -7.77 60.52
C MET C 311 -1.36 -7.41 61.98
N LEU C 312 -1.58 -8.34 62.91
CA LEU C 312 -1.23 -8.08 64.30
C LEU C 312 0.27 -8.17 64.54
N ARG C 313 0.97 -8.99 63.76
CA ARG C 313 2.42 -9.00 63.82
C ARG C 313 3.01 -7.71 63.28
N HIS C 314 2.43 -7.18 62.20
CA HIS C 314 2.83 -5.86 61.72
C HIS C 314 2.56 -4.79 62.77
N GLN C 315 1.45 -4.91 63.49
CA GLN C 315 1.09 -3.92 64.50
C GLN C 315 2.08 -3.90 65.66
N GLN C 316 2.63 -5.07 66.02
CA GLN C 316 3.63 -5.11 67.08
C GLN C 316 4.87 -4.32 66.70
N ILE C 317 5.21 -4.29 65.41
CA ILE C 317 6.39 -3.56 64.95
C ILE C 317 6.06 -2.09 64.73
N LEU C 318 4.84 -1.79 64.27
CA LEU C 318 4.48 -0.43 63.85
C LEU C 318 4.00 0.45 64.99
N ALA C 319 3.17 -0.08 65.88
CA ALA C 319 2.61 0.73 66.96
C ALA C 319 3.65 1.44 67.82
N PRO C 320 4.77 0.82 68.22
CA PRO C 320 5.77 1.57 69.00
C PRO C 320 6.36 2.75 68.25
N LYS C 321 6.43 2.66 66.91
CA LYS C 321 7.00 3.76 66.14
C LYS C 321 6.05 4.94 66.06
N PHE C 322 4.75 4.68 65.89
CA PHE C 322 3.77 5.76 65.92
C PHE C 322 3.67 6.37 67.31
N ALA C 323 3.76 5.53 68.34
CA ALA C 323 3.75 6.05 69.71
C ALA C 323 4.97 6.91 69.98
N LEU C 324 6.13 6.53 69.42
CA LEU C 324 7.35 7.30 69.63
C LEU C 324 7.22 8.69 69.02
N VAL C 325 6.73 8.78 67.78
CA VAL C 325 6.57 10.07 67.13
C VAL C 325 5.61 10.95 67.92
N ALA C 326 4.55 10.35 68.45
CA ALA C 326 3.59 11.12 69.25
C ALA C 326 4.24 11.66 70.53
N GLU C 327 5.07 10.84 71.18
CA GLU C 327 5.71 11.27 72.42
C GLU C 327 6.70 12.39 72.18
N VAL C 328 7.46 12.31 71.09
CA VAL C 328 8.49 13.33 70.82
C VAL C 328 7.84 14.66 70.45
N LEU C 329 6.82 14.63 69.60
CA LEU C 329 6.16 15.87 69.20
C LEU C 329 5.39 16.48 70.36
N ASP C 330 4.77 15.65 71.20
CA ASP C 330 4.10 16.17 72.39
C ASP C 330 5.10 16.86 73.32
N GLN C 331 6.29 16.28 73.47
CA GLN C 331 7.29 16.84 74.37
C GLN C 331 7.74 18.22 73.91
N ARG C 332 8.28 18.29 72.70
CA ARG C 332 8.94 19.52 72.24
C ARG C 332 7.96 20.58 71.74
N LEU C 333 6.77 20.20 71.30
CA LEU C 333 5.93 21.12 70.53
C LEU C 333 4.66 21.58 71.24
N SER C 334 4.08 20.75 72.11
CA SER C 334 2.75 21.08 72.65
C SER C 334 2.78 22.34 73.51
N GLU C 335 3.91 22.62 74.18
CA GLU C 335 3.95 23.76 75.09
C GLU C 335 3.74 25.08 74.35
N SER C 336 4.36 25.23 73.17
CA SER C 336 4.28 26.48 72.42
C SER C 336 2.98 26.58 71.63
N LYS C 337 2.23 25.48 71.49
CA LYS C 337 0.91 25.45 70.88
C LYS C 337 0.92 25.88 69.40
N ILE C 338 2.05 25.74 68.72
CA ILE C 338 2.12 26.09 67.31
C ILE C 338 1.69 24.95 66.39
N ALA C 339 1.73 23.71 66.86
CA ALA C 339 1.57 22.55 66.00
C ALA C 339 0.42 21.67 66.45
N SER C 340 -0.09 20.90 65.49
CA SER C 340 -1.07 19.86 65.74
C SER C 340 -0.73 18.67 64.85
N TRP C 341 -1.08 17.49 65.32
CA TRP C 341 -0.77 16.28 64.58
C TRP C 341 -1.80 15.20 64.89
N THR C 342 -1.97 14.29 63.93
CA THR C 342 -2.90 13.19 64.09
C THR C 342 -2.33 12.12 65.00
N GLU C 343 -3.23 11.36 65.64
CA GLU C 343 -2.90 10.14 66.35
C GLU C 343 -3.70 9.03 65.69
N PRO C 344 -3.20 8.46 64.60
CA PRO C 344 -4.00 7.52 63.82
C PRO C 344 -4.11 6.16 64.50
N LYS C 345 -5.32 5.61 64.47
CA LYS C 345 -5.56 4.25 64.92
C LYS C 345 -5.15 3.21 63.88
N GLY C 346 -4.67 3.64 62.73
CA GLY C 346 -4.24 2.74 61.68
C GLY C 346 -3.60 3.53 60.56
N GLY C 347 -3.18 2.80 59.53
CA GLY C 347 -2.50 3.41 58.41
C GLY C 347 -1.00 3.46 58.60
N TYR C 348 -0.36 4.26 57.75
CA TYR C 348 1.10 4.32 57.70
C TYR C 348 1.64 5.73 57.89
N PHE C 349 0.81 6.71 58.27
CA PHE C 349 1.26 8.08 58.22
C PHE C 349 0.66 8.90 59.36
N ILE C 350 1.46 9.85 59.85
CA ILE C 350 1.02 10.89 60.78
C ILE C 350 1.03 12.22 60.04
N SER C 351 -0.02 13.00 60.22
CA SER C 351 -0.15 14.30 59.56
C SER C 351 0.10 15.41 60.59
N LEU C 352 1.14 16.20 60.36
CA LEU C 352 1.54 17.25 61.29
C LEU C 352 1.33 18.61 60.64
N ASP C 353 0.64 19.50 61.35
CA ASP C 353 0.44 20.88 60.94
C ASP C 353 1.24 21.78 61.87
N VAL C 354 2.12 22.60 61.29
CA VAL C 354 2.85 23.59 62.07
C VAL C 354 2.17 24.94 61.81
N LEU C 355 2.81 26.02 62.23
CA LEU C 355 2.28 27.35 62.00
C LEU C 355 2.09 27.58 60.50
N PRO C 356 1.08 28.36 60.10
CA PRO C 356 0.95 28.70 58.68
C PRO C 356 2.12 29.53 58.19
N GLY C 357 2.52 29.28 56.94
CA GLY C 357 3.70 29.91 56.39
C GLY C 357 5.00 29.35 56.93
N THR C 358 4.99 28.10 57.39
CA THR C 358 6.12 27.50 58.07
C THR C 358 6.59 26.18 57.47
N ALA C 359 5.72 25.46 56.74
CA ALA C 359 6.04 24.11 56.30
C ALA C 359 7.21 24.10 55.33
N ARG C 360 7.14 24.92 54.27
CA ARG C 360 8.21 24.96 53.28
C ARG C 360 9.54 25.38 53.91
N ARG C 361 9.49 26.26 54.90
CA ARG C 361 10.72 26.63 55.61
C ARG C 361 11.21 25.50 56.50
N THR C 362 10.28 24.76 57.12
CA THR C 362 10.66 23.68 58.02
C THR C 362 11.36 22.56 57.28
N VAL C 363 10.87 22.19 56.09
CA VAL C 363 11.50 21.12 55.34
C VAL C 363 12.86 21.57 54.81
N ALA C 364 12.97 22.83 54.39
CA ALA C 364 14.26 23.36 53.95
C ALA C 364 15.27 23.33 55.10
N LEU C 365 14.84 23.78 56.28
CA LEU C 365 15.72 23.74 57.45
C LEU C 365 16.11 22.31 57.80
N ALA C 366 15.19 21.36 57.62
CA ALA C 366 15.47 19.97 57.96
C ALA C 366 16.38 19.32 56.92
N LYS C 367 16.20 19.67 55.64
CA LYS C 367 17.10 19.13 54.62
C LYS C 367 18.53 19.63 54.83
N ASP C 368 18.68 20.82 55.43
CA ASP C 368 19.99 21.39 55.70
C ASP C 368 20.65 20.80 56.94
N VAL C 369 20.01 19.87 57.64
CA VAL C 369 20.63 19.14 58.74
C VAL C 369 20.72 17.64 58.46
N GLY C 370 20.45 17.23 57.22
CA GLY C 370 20.50 15.83 56.88
C GLY C 370 19.26 15.04 57.25
N ILE C 371 18.13 15.70 57.42
CA ILE C 371 16.87 15.05 57.76
C ILE C 371 15.91 15.25 56.59
N ALA C 372 15.53 14.16 55.94
CA ALA C 372 14.68 14.20 54.76
C ALA C 372 13.21 14.23 55.20
N VAL C 373 12.53 15.33 54.89
CA VAL C 373 11.11 15.50 55.18
C VAL C 373 10.34 15.52 53.87
N THR C 374 9.19 14.86 53.84
CA THR C 374 8.35 14.88 52.64
C THR C 374 7.98 16.30 52.27
N GLU C 375 8.07 16.61 50.97
CA GLU C 375 7.88 17.96 50.47
C GLU C 375 6.61 18.59 51.03
N ALA C 376 6.72 19.86 51.42
CA ALA C 376 5.56 20.60 51.92
C ALA C 376 4.50 20.71 50.83
N GLY C 377 3.28 20.29 51.16
CA GLY C 377 2.19 20.31 50.21
C GLY C 377 1.99 19.03 49.43
N ALA C 378 2.85 18.03 49.61
CA ALA C 378 2.76 16.80 48.83
C ALA C 378 1.44 16.08 49.01
N SER C 379 0.68 16.40 50.06
CA SER C 379 -0.62 15.79 50.31
C SER C 379 -1.76 16.57 49.68
N PHE C 380 -1.46 17.50 48.77
CA PHE C 380 -2.46 18.35 48.16
C PHE C 380 -2.31 18.33 46.65
N PRO C 381 -3.41 18.49 45.90
CA PRO C 381 -3.31 18.52 44.45
C PRO C 381 -2.42 19.65 43.98
N TYR C 382 -1.56 19.36 43.00
CA TYR C 382 -0.54 20.28 42.51
C TYR C 382 0.40 20.76 43.62
N ARG C 383 0.46 20.00 44.72
CA ARG C 383 1.27 20.34 45.89
C ARG C 383 0.93 21.72 46.43
N LYS C 384 -0.33 22.12 46.32
CA LYS C 384 -0.78 23.45 46.72
C LYS C 384 -1.43 23.35 48.10
N ASP C 385 -0.62 23.56 49.15
CA ASP C 385 -1.15 23.75 50.49
C ASP C 385 -1.40 25.24 50.67
N PRO C 386 -2.66 25.68 50.71
CA PRO C 386 -2.91 27.13 50.78
C PRO C 386 -2.39 27.78 52.05
N ASP C 387 -2.28 27.02 53.13
CA ASP C 387 -1.84 27.57 54.41
C ASP C 387 -0.36 27.35 54.70
N ASP C 388 0.33 26.58 53.86
CA ASP C 388 1.77 26.29 54.00
C ASP C 388 2.08 25.84 55.43
N LYS C 389 1.48 24.72 55.82
CA LYS C 389 1.58 24.24 57.19
C LYS C 389 1.69 22.73 57.33
N ASN C 390 1.24 21.95 56.36
CA ASN C 390 1.14 20.50 56.53
C ASN C 390 2.47 19.82 56.20
N ILE C 391 2.80 18.81 57.00
CA ILE C 391 3.98 17.98 56.80
C ILE C 391 3.61 16.54 57.11
N ARG C 392 3.84 15.64 56.14
CA ARG C 392 3.56 14.23 56.32
C ARG C 392 4.76 13.54 56.96
N ILE C 393 4.48 12.64 57.91
CA ILE C 393 5.52 11.89 58.61
C ILE C 393 5.28 10.41 58.34
N ALA C 394 6.28 9.74 57.76
CA ALA C 394 6.21 8.31 57.49
C ALA C 394 7.12 7.57 58.46
N PRO C 395 6.59 7.06 59.58
CA PRO C 395 7.44 6.45 60.60
C PRO C 395 7.64 4.94 60.48
N SER C 396 7.23 4.32 59.37
CA SER C 396 7.21 2.87 59.31
C SER C 396 8.60 2.27 59.11
N PHE C 397 9.44 2.92 58.32
CA PHE C 397 10.69 2.30 57.88
C PHE C 397 11.83 2.39 58.89
N PRO C 398 12.22 3.58 59.36
CA PRO C 398 13.50 3.69 60.08
C PRO C 398 13.47 3.00 61.43
N SER C 399 14.67 2.79 61.96
CA SER C 399 14.81 2.26 63.31
C SER C 399 14.21 3.22 64.33
N VAL C 400 13.90 2.68 65.51
CA VAL C 400 13.42 3.52 66.60
C VAL C 400 14.43 4.60 66.97
N PRO C 401 15.73 4.32 67.11
CA PRO C 401 16.68 5.42 67.34
C PRO C 401 16.72 6.42 66.20
N ASP C 402 16.82 5.95 64.96
CA ASP C 402 16.79 6.86 63.82
C ASP C 402 15.52 7.69 63.81
N LEU C 403 14.41 7.10 64.24
CA LEU C 403 13.12 7.79 64.23
C LEU C 403 13.10 8.93 65.23
N ARG C 404 13.53 8.66 66.47
CA ARG C 404 13.46 9.68 67.52
C ARG C 404 14.36 10.86 67.21
N ASN C 405 15.52 10.61 66.59
CA ASN C 405 16.42 11.70 66.23
C ASN C 405 15.82 12.55 65.12
N ALA C 406 15.28 11.91 64.08
CA ALA C 406 14.70 12.66 62.97
C ALA C 406 13.49 13.47 63.42
N VAL C 407 12.65 12.88 64.27
CA VAL C 407 11.45 13.58 64.73
C VAL C 407 11.83 14.70 65.69
N ASP C 408 12.83 14.47 66.56
CA ASP C 408 13.30 15.53 67.43
C ASP C 408 13.97 16.64 66.64
N GLY C 409 14.78 16.27 65.63
CA GLY C 409 15.34 17.28 64.75
C GLY C 409 14.27 18.03 63.98
N LEU C 410 13.22 17.32 63.56
CA LEU C 410 12.10 17.96 62.90
C LEU C 410 11.47 19.03 63.78
N ALA C 411 11.32 18.73 65.08
CA ALA C 411 10.74 19.69 66.01
C ALA C 411 11.64 20.90 66.18
N THR C 412 12.96 20.69 66.18
CA THR C 412 13.89 21.82 66.28
C THR C 412 13.71 22.78 65.10
N CYS C 413 13.53 22.25 63.89
CA CYS C 413 13.37 23.11 62.73
C CYS C 413 12.01 23.80 62.73
N ALA C 414 10.96 23.09 63.15
CA ALA C 414 9.64 23.69 63.17
C ALA C 414 9.54 24.83 64.16
N LEU C 415 10.24 24.72 65.29
CA LEU C 415 10.25 25.81 66.27
C LEU C 415 11.07 27.00 65.76
N LEU C 416 12.22 26.73 65.14
CA LEU C 416 13.04 27.80 64.60
C LEU C 416 12.30 28.55 63.50
N ALA C 417 11.69 27.82 62.57
CA ALA C 417 10.91 28.46 61.52
C ALA C 417 9.69 29.18 62.08
N ALA C 418 9.20 28.75 63.25
CA ALA C 418 8.08 29.42 63.88
C ALA C 418 8.48 30.78 64.41
N THR C 419 9.48 30.82 65.30
CA THR C 419 10.00 32.10 65.79
C THR C 419 10.40 33.02 64.66
N GLU C 420 11.07 32.47 63.65
CA GLU C 420 11.48 33.25 62.48
C GLU C 420 10.31 33.99 61.84
N THR C 421 9.17 33.33 61.71
CA THR C 421 8.01 33.94 61.06
C THR C 421 7.30 34.91 61.99
N LEU C 422 7.22 34.58 63.28
CA LEU C 422 6.55 35.46 64.24
C LEU C 422 7.14 36.87 64.20
N LEU C 423 8.47 36.98 64.08
CA LEU C 423 9.09 38.29 64.00
C LEU C 423 8.60 39.05 62.77
N ASN C 424 8.49 38.37 61.65
CA ASN C 424 8.00 38.96 60.41
C ASN C 424 6.49 38.80 60.27
N PRO D 8 -16.41 54.43 -61.55
CA PRO D 8 -16.97 53.50 -60.57
C PRO D 8 -18.36 53.00 -60.96
N GLN D 9 -18.99 53.64 -61.95
CA GLN D 9 -20.27 53.15 -62.43
C GLN D 9 -20.11 51.83 -63.17
N GLU D 10 -18.99 51.62 -63.84
CA GLU D 10 -18.70 50.32 -64.45
C GLU D 10 -18.59 49.25 -63.38
N LEU D 11 -17.82 49.53 -62.33
CA LEU D 11 -17.63 48.56 -61.26
C LEU D 11 -18.95 48.27 -60.54
N ALA D 12 -19.77 49.30 -60.34
CA ALA D 12 -21.08 49.09 -59.74
C ALA D 12 -21.97 48.25 -60.64
N ALA D 13 -21.81 48.37 -61.96
CA ALA D 13 -22.62 47.59 -62.89
C ALA D 13 -22.21 46.13 -62.87
N LEU D 14 -20.90 45.85 -62.78
CA LEU D 14 -20.43 44.47 -62.75
C LEU D 14 -20.91 43.77 -61.48
N HIS D 15 -20.78 44.44 -60.34
CA HIS D 15 -21.24 43.88 -59.07
C HIS D 15 -22.68 43.40 -59.15
N ALA D 16 -23.52 44.13 -59.88
CA ALA D 16 -24.93 43.73 -60.03
C ALA D 16 -25.04 42.42 -60.77
N ARG D 17 -24.30 42.28 -61.89
CA ARG D 17 -24.29 41.01 -62.62
C ARG D 17 -23.77 39.88 -61.74
N HIS D 18 -22.74 40.17 -60.92
CA HIS D 18 -22.24 39.17 -60.00
C HIS D 18 -23.26 38.83 -58.91
N GLN D 19 -24.08 39.80 -58.52
CA GLN D 19 -25.09 39.54 -57.49
C GLN D 19 -26.13 38.52 -57.97
N GLN D 20 -26.59 38.68 -59.21
CA GLN D 20 -27.59 37.76 -59.75
C GLN D 20 -26.97 36.47 -60.28
N ASP D 21 -25.69 36.50 -60.66
CA ASP D 21 -24.96 35.25 -60.84
C ASP D 21 -24.99 34.44 -59.55
N TYR D 22 -24.71 35.10 -58.43
CA TYR D 22 -24.77 34.43 -57.13
C TYR D 22 -26.20 34.05 -56.78
N ALA D 23 -27.17 34.91 -57.12
CA ALA D 23 -28.57 34.59 -56.87
C ALA D 23 -28.99 33.36 -57.66
N ALA D 24 -28.62 33.30 -58.94
CA ALA D 24 -28.90 32.13 -59.74
C ALA D 24 -28.17 30.90 -59.20
N LEU D 25 -26.87 31.05 -58.89
CA LEU D 25 -26.11 29.96 -58.33
C LEU D 25 -26.73 29.45 -57.04
N GLN D 26 -27.19 30.36 -56.18
CA GLN D 26 -27.85 29.95 -54.95
C GLN D 26 -29.12 29.17 -55.24
N GLY D 27 -29.92 29.64 -56.20
CA GLY D 27 -31.18 28.99 -56.52
C GLY D 27 -31.03 27.56 -57.01
N MET D 28 -29.84 27.19 -57.48
CA MET D 28 -29.62 25.86 -58.04
C MET D 28 -29.47 24.77 -56.99
N LYS D 29 -29.44 25.13 -55.70
CA LYS D 29 -29.47 24.17 -54.59
C LYS D 29 -28.38 23.11 -54.74
N LEU D 30 -27.13 23.54 -54.60
CA LEU D 30 -26.00 22.66 -54.80
C LEU D 30 -25.61 21.97 -53.49
N ALA D 31 -24.82 20.90 -53.62
CA ALA D 31 -24.30 20.14 -52.50
C ALA D 31 -22.98 19.51 -52.95
N LEU D 32 -21.96 20.35 -53.11
CA LEU D 32 -20.66 19.93 -53.60
C LEU D 32 -19.60 20.17 -52.53
N ASP D 33 -18.41 19.61 -52.75
CA ASP D 33 -17.35 19.61 -51.75
C ASP D 33 -16.00 19.53 -52.45
N LEU D 34 -15.20 20.59 -52.33
CA LEU D 34 -13.85 20.63 -52.87
C LEU D 34 -12.78 20.58 -51.79
N THR D 35 -13.10 20.03 -50.62
CA THR D 35 -12.17 20.01 -49.50
C THR D 35 -11.48 18.67 -49.31
N ARG D 36 -12.06 17.59 -49.83
CA ARG D 36 -11.60 16.23 -49.53
C ARG D 36 -10.46 15.86 -50.48
N GLY D 37 -9.23 15.87 -49.97
CA GLY D 37 -8.09 15.47 -50.76
C GLY D 37 -7.86 13.98 -50.68
N LYS D 38 -8.81 13.20 -51.20
CA LYS D 38 -8.74 11.75 -51.17
C LYS D 38 -9.11 11.20 -52.54
N PRO D 39 -8.65 10.00 -52.87
CA PRO D 39 -8.90 9.46 -54.21
C PRO D 39 -10.38 9.24 -54.47
N SER D 40 -10.76 9.37 -55.74
CA SER D 40 -12.10 9.02 -56.14
C SER D 40 -12.32 7.51 -56.03
N ALA D 41 -13.58 7.10 -56.06
CA ALA D 41 -13.89 5.68 -56.04
C ALA D 41 -13.28 4.97 -57.25
N GLU D 42 -13.19 5.68 -58.38
CA GLU D 42 -12.60 5.09 -59.58
C GLU D 42 -11.12 4.79 -59.37
N GLN D 43 -10.40 5.69 -58.71
CA GLN D 43 -9.00 5.43 -58.38
C GLN D 43 -8.88 4.23 -57.46
N LEU D 44 -9.72 4.16 -56.43
CA LEU D 44 -9.67 3.06 -55.48
C LEU D 44 -10.01 1.73 -56.13
N ASP D 45 -10.73 1.74 -57.25
CA ASP D 45 -11.03 0.51 -57.97
C ASP D 45 -9.77 -0.12 -58.55
N LEU D 46 -8.75 0.70 -58.84
CA LEU D 46 -7.52 0.18 -59.43
C LEU D 46 -6.85 -0.86 -58.55
N SER D 47 -7.08 -0.80 -57.23
CA SER D 47 -6.41 -1.67 -56.28
C SER D 47 -7.37 -2.66 -55.61
N ASN D 48 -8.51 -2.95 -56.24
CA ASN D 48 -9.48 -3.84 -55.64
C ASN D 48 -8.99 -5.28 -55.53
N GLN D 49 -7.89 -5.64 -56.20
CA GLN D 49 -7.30 -6.95 -56.01
C GLN D 49 -6.78 -7.13 -54.59
N LEU D 50 -6.46 -6.03 -53.89
CA LEU D 50 -6.04 -6.13 -52.50
C LEU D 50 -7.12 -6.76 -51.63
N LEU D 51 -8.39 -6.62 -52.00
CA LEU D 51 -9.49 -7.09 -51.17
C LEU D 51 -9.51 -8.61 -51.04
N SER D 52 -8.78 -9.32 -51.90
CA SER D 52 -8.70 -10.78 -51.84
C SER D 52 -7.27 -11.27 -51.68
N LEU D 53 -6.34 -10.39 -51.32
CA LEU D 53 -4.95 -10.70 -51.08
C LEU D 53 -4.68 -10.81 -49.58
N PRO D 54 -3.59 -11.48 -49.17
CA PRO D 54 -2.57 -12.18 -49.97
C PRO D 54 -2.99 -13.57 -50.42
N GLY D 55 -4.07 -14.09 -49.87
CA GLY D 55 -4.49 -15.44 -50.17
C GLY D 55 -3.86 -16.45 -49.21
N ASP D 56 -3.79 -17.69 -49.67
CA ASP D 56 -3.41 -18.79 -48.79
C ASP D 56 -1.96 -18.67 -48.34
N ASP D 57 -1.07 -18.19 -49.21
CA ASP D 57 0.35 -18.10 -48.86
C ASP D 57 0.60 -16.87 -48.02
N TYR D 58 0.65 -17.07 -46.71
CA TYR D 58 0.81 -15.98 -45.74
C TYR D 58 2.26 -15.66 -45.43
N ARG D 59 3.22 -16.31 -46.09
CA ARG D 59 4.63 -16.09 -45.82
C ARG D 59 5.23 -15.16 -46.87
N ASP D 60 6.06 -14.23 -46.40
CA ASP D 60 6.80 -13.35 -47.29
C ASP D 60 7.95 -14.12 -47.93
N PRO D 61 8.64 -13.55 -48.94
CA PRO D 61 9.70 -14.29 -49.63
C PRO D 61 10.77 -14.88 -48.71
N GLU D 62 10.92 -14.33 -47.50
CA GLU D 62 11.92 -14.81 -46.55
C GLU D 62 11.43 -15.95 -45.68
N GLY D 63 10.16 -16.36 -45.82
CA GLY D 63 9.61 -17.39 -44.97
C GLY D 63 8.99 -16.90 -43.68
N THR D 64 8.85 -15.59 -43.51
CA THR D 64 8.27 -15.05 -42.29
C THR D 64 6.76 -15.25 -42.28
N ASP D 65 6.26 -15.86 -41.21
CA ASP D 65 4.82 -15.99 -40.99
C ASP D 65 4.28 -14.63 -40.57
N THR D 66 3.67 -13.92 -41.52
CA THR D 66 3.19 -12.56 -41.29
C THR D 66 2.02 -12.50 -40.32
N ARG D 67 1.38 -13.63 -40.01
CA ARG D 67 0.22 -13.65 -39.13
C ARG D 67 0.59 -13.59 -37.65
N ASN D 68 1.87 -13.51 -37.30
CA ASN D 68 2.30 -13.65 -35.92
C ASN D 68 3.10 -12.44 -35.47
N TYR D 69 3.23 -12.32 -34.14
CA TYR D 69 3.98 -11.23 -33.52
C TYR D 69 5.42 -11.21 -34.01
N GLY D 70 5.98 -9.99 -34.11
CA GLY D 70 7.39 -9.83 -34.36
C GLY D 70 7.72 -8.92 -35.54
N GLY D 71 8.83 -8.21 -35.43
CA GLY D 71 9.34 -7.42 -36.53
C GLY D 71 8.94 -5.95 -36.50
N GLN D 72 9.85 -5.10 -36.02
CA GLN D 72 9.60 -3.66 -36.01
C GLN D 72 9.88 -3.02 -37.36
N HIS D 73 10.79 -3.59 -38.14
CA HIS D 73 11.26 -2.94 -39.36
C HIS D 73 10.27 -3.07 -40.50
N GLY D 74 9.51 -4.15 -40.56
CA GLY D 74 8.57 -4.39 -41.64
C GLY D 74 9.15 -5.34 -42.68
N LEU D 75 8.28 -5.73 -43.60
CA LEU D 75 8.64 -6.73 -44.61
C LEU D 75 9.75 -6.20 -45.50
N PRO D 76 10.89 -6.90 -45.58
CA PRO D 76 11.98 -6.42 -46.45
C PRO D 76 11.58 -6.36 -47.92
N GLY D 77 10.74 -7.28 -48.38
CA GLY D 77 10.34 -7.26 -49.79
C GLY D 77 9.60 -5.98 -50.15
N LEU D 78 8.72 -5.51 -49.27
CA LEU D 78 8.01 -4.26 -49.53
C LEU D 78 8.94 -3.07 -49.39
N ARG D 79 9.81 -3.09 -48.37
CA ARG D 79 10.76 -2.00 -48.19
C ARG D 79 11.72 -1.90 -49.37
N ALA D 80 11.98 -3.02 -50.06
CA ALA D 80 12.87 -2.99 -51.22
C ALA D 80 12.21 -2.28 -52.39
N ILE D 81 10.90 -2.46 -52.57
CA ILE D 81 10.19 -1.79 -53.66
C ILE D 81 10.29 -0.28 -53.51
N PHE D 82 10.05 0.22 -52.30
CA PHE D 82 10.07 1.66 -52.04
C PHE D 82 11.48 2.16 -51.72
N ALA D 83 12.44 1.25 -51.51
CA ALA D 83 13.84 1.65 -51.50
C ALA D 83 14.22 2.27 -52.84
N GLU D 84 13.90 1.58 -53.93
CA GLU D 84 14.18 2.11 -55.27
C GLU D 84 13.39 3.40 -55.51
N LEU D 85 12.09 3.39 -55.17
CA LEU D 85 11.24 4.52 -55.51
C LEU D 85 11.67 5.80 -54.79
N LEU D 86 12.27 5.67 -53.61
CA LEU D 86 12.66 6.82 -52.82
C LEU D 86 14.15 7.11 -52.86
N GLY D 87 14.97 6.16 -53.29
CA GLY D 87 16.40 6.34 -53.27
C GLY D 87 16.97 6.23 -51.87
N ILE D 88 16.52 5.21 -51.14
CA ILE D 88 16.92 4.99 -49.76
C ILE D 88 17.24 3.51 -49.60
N ALA D 89 18.38 3.20 -48.97
CA ALA D 89 18.75 1.82 -48.74
C ALA D 89 17.72 1.12 -47.85
N VAL D 90 17.59 -0.19 -48.04
CA VAL D 90 16.59 -0.95 -47.28
C VAL D 90 16.83 -0.87 -45.77
N PRO D 91 18.04 -1.04 -45.25
CA PRO D 91 18.24 -0.87 -43.80
C PRO D 91 17.90 0.52 -43.30
N ASN D 92 17.87 1.52 -44.18
CA ASN D 92 17.50 2.87 -43.80
C ASN D 92 16.01 3.14 -43.96
N LEU D 93 15.21 2.12 -44.22
CA LEU D 93 13.78 2.29 -44.45
C LEU D 93 13.02 1.23 -43.67
N ILE D 94 11.99 1.65 -42.95
CA ILE D 94 11.07 0.73 -42.29
C ILE D 94 9.68 0.95 -42.85
N ALA D 95 8.81 -0.02 -42.63
CA ALA D 95 7.42 0.05 -43.06
C ALA D 95 6.53 -0.09 -41.84
N GLY D 96 5.54 0.80 -41.72
CA GLY D 96 4.63 0.79 -40.58
C GLY D 96 3.20 0.45 -40.93
N ASN D 97 2.26 1.19 -40.35
CA ASN D 97 0.84 0.91 -40.53
C ASN D 97 0.23 1.82 -41.58
N ASN D 98 -1.02 2.22 -41.37
CA ASN D 98 -1.83 2.86 -42.41
C ASN D 98 -1.67 4.37 -42.50
N SER D 99 -0.80 4.98 -41.68
CA SER D 99 -0.73 6.43 -41.62
C SER D 99 0.71 6.88 -41.44
N SER D 100 1.24 7.59 -42.44
CA SER D 100 2.54 8.24 -42.28
C SER D 100 2.45 9.44 -41.36
N LEU D 101 1.28 10.09 -41.31
CA LEU D 101 1.07 11.19 -40.37
C LEU D 101 1.28 10.71 -38.93
N GLU D 102 0.95 9.45 -38.65
CA GLU D 102 1.18 8.90 -37.32
C GLU D 102 2.67 8.79 -37.03
N LEU D 103 3.48 8.47 -38.04
CA LEU D 103 4.93 8.41 -37.85
C LEU D 103 5.50 9.77 -37.53
N MET D 104 5.05 10.80 -38.26
CA MET D 104 5.55 12.16 -38.00
C MET D 104 5.12 12.65 -36.63
N HIS D 105 3.86 12.38 -36.24
CA HIS D 105 3.39 12.80 -34.94
C HIS D 105 4.20 12.14 -33.82
N ASP D 106 4.42 10.83 -33.93
CA ASP D 106 5.18 10.11 -32.91
C ASP D 106 6.59 10.66 -32.78
N ILE D 107 7.22 10.98 -33.91
CA ILE D 107 8.62 11.40 -33.89
C ILE D 107 8.77 12.77 -33.24
N VAL D 108 7.79 13.66 -33.42
CA VAL D 108 7.81 14.93 -32.71
C VAL D 108 7.48 14.71 -31.24
N ALA D 109 6.54 13.82 -30.94
CA ALA D 109 6.22 13.52 -29.54
C ALA D 109 7.41 12.86 -28.85
N PHE D 110 8.11 11.96 -29.55
CA PHE D 110 9.32 11.38 -29.00
C PHE D 110 10.37 12.46 -28.76
N SER D 111 10.47 13.42 -29.68
CA SER D 111 11.44 14.50 -29.52
C SER D 111 11.08 15.39 -28.33
N MET D 112 9.78 15.59 -28.10
CA MET D 112 9.36 16.39 -26.95
C MET D 112 9.69 15.69 -25.64
N LEU D 113 9.34 14.40 -25.54
CA LEU D 113 9.47 13.67 -24.28
C LEU D 113 10.87 13.13 -24.04
N TYR D 114 11.55 12.64 -25.09
CA TYR D 114 12.85 12.00 -24.94
C TYR D 114 13.98 12.70 -25.68
N GLY D 115 13.67 13.58 -26.63
CA GLY D 115 14.69 14.20 -27.45
C GLY D 115 15.21 13.27 -28.53
N GLY D 116 15.73 13.85 -29.61
CA GLY D 116 16.28 13.08 -30.70
C GLY D 116 17.54 12.30 -30.29
N VAL D 117 18.09 11.59 -31.27
CA VAL D 117 19.21 10.71 -31.01
C VAL D 117 20.45 11.46 -30.53
N ASP D 118 20.53 12.77 -30.79
CA ASP D 118 21.67 13.58 -30.39
C ASP D 118 21.22 14.89 -29.76
N SER D 119 20.09 14.88 -29.07
CA SER D 119 19.58 16.10 -28.46
C SER D 119 20.30 16.38 -27.14
N PRO D 120 20.54 17.65 -26.82
CA PRO D 120 21.08 17.96 -25.48
C PRO D 120 20.12 17.58 -24.36
N ARG D 121 18.82 17.66 -24.62
CA ARG D 121 17.80 17.32 -23.63
C ARG D 121 16.48 17.18 -24.38
N PRO D 122 15.48 16.55 -23.76
CA PRO D 122 14.14 16.53 -24.38
C PRO D 122 13.63 17.94 -24.61
N TRP D 123 12.96 18.13 -25.75
CA TRP D 123 12.53 19.48 -26.14
C TRP D 123 11.58 20.09 -25.13
N ILE D 124 10.78 19.26 -24.44
CA ILE D 124 9.87 19.79 -23.43
C ILE D 124 10.63 20.42 -22.27
N GLN D 125 11.91 20.10 -22.12
CA GLN D 125 12.75 20.66 -21.06
C GLN D 125 13.47 21.94 -21.48
N GLU D 126 13.24 22.42 -22.70
CA GLU D 126 13.84 23.68 -23.14
C GLU D 126 13.00 24.85 -22.60
N GLN D 127 13.65 25.72 -21.84
CA GLN D 127 12.94 26.88 -21.29
C GLN D 127 12.58 27.88 -22.38
N ASP D 128 13.39 27.97 -23.43
CA ASP D 128 13.18 28.92 -24.50
C ASP D 128 12.23 28.42 -25.57
N GLY D 129 11.39 27.44 -25.25
CA GLY D 129 10.42 26.93 -26.21
C GLY D 129 11.07 26.22 -27.39
N ILE D 130 10.22 25.74 -28.28
CA ILE D 130 10.64 25.04 -29.48
C ILE D 130 9.96 25.69 -30.68
N LYS D 131 10.68 25.78 -31.80
CA LYS D 131 10.18 26.40 -33.01
C LYS D 131 10.40 25.50 -34.21
N PHE D 132 9.45 25.53 -35.13
CA PHE D 132 9.55 24.84 -36.41
C PHE D 132 9.44 25.87 -37.53
N LEU D 133 10.17 25.66 -38.61
CA LEU D 133 10.01 26.45 -39.82
C LEU D 133 8.93 25.82 -40.69
N CYS D 134 8.05 26.67 -41.23
CA CYS D 134 6.88 26.21 -41.97
C CYS D 134 6.80 26.90 -43.32
N PRO D 135 7.42 26.34 -44.35
CA PRO D 135 7.18 26.83 -45.72
C PRO D 135 5.70 26.87 -46.04
N VAL D 136 5.25 28.00 -46.59
CA VAL D 136 3.83 28.22 -46.85
C VAL D 136 3.62 28.60 -48.31
N PRO D 137 2.49 28.20 -48.95
CA PRO D 137 1.39 27.42 -48.35
C PRO D 137 1.78 25.97 -48.07
N GLY D 138 1.39 25.47 -46.91
CA GLY D 138 1.79 24.14 -46.48
C GLY D 138 0.66 23.21 -46.08
N TYR D 139 1.02 22.12 -45.41
CA TYR D 139 0.07 21.08 -45.02
C TYR D 139 -0.49 21.41 -43.63
N ASP D 140 -1.82 21.52 -43.55
CA ASP D 140 -2.45 21.90 -42.28
C ASP D 140 -2.23 20.85 -41.20
N ARG D 141 -2.18 19.57 -41.58
CA ARG D 141 -1.96 18.52 -40.59
C ARG D 141 -0.51 18.48 -40.12
N HIS D 142 0.42 19.04 -40.89
CA HIS D 142 1.76 19.30 -40.37
C HIS D 142 1.68 20.32 -39.22
N PHE D 143 0.96 21.42 -39.45
CA PHE D 143 0.91 22.49 -38.48
C PHE D 143 0.07 22.11 -37.25
N ALA D 144 -0.93 21.25 -37.42
CA ALA D 144 -1.72 20.80 -36.29
C ALA D 144 -0.88 20.04 -35.28
N ILE D 145 0.11 19.27 -35.74
CA ILE D 145 1.00 18.56 -34.84
C ILE D 145 1.78 19.53 -33.98
N THR D 146 2.44 20.51 -34.61
CA THR D 146 3.26 21.46 -33.86
C THR D 146 2.41 22.43 -33.06
N GLU D 147 1.24 22.81 -33.56
CA GLU D 147 0.34 23.67 -32.81
C GLU D 147 -0.13 22.98 -31.53
N THR D 148 -0.60 21.74 -31.65
CA THR D 148 -1.06 20.99 -30.49
C THR D 148 0.08 20.73 -29.51
N MET D 149 1.30 20.57 -30.02
CA MET D 149 2.46 20.30 -29.17
C MET D 149 3.06 21.55 -28.55
N GLY D 150 2.46 22.72 -28.76
CA GLY D 150 3.01 23.95 -28.24
C GLY D 150 4.28 24.40 -28.92
N ILE D 151 4.56 23.89 -30.12
CA ILE D 151 5.73 24.29 -30.89
C ILE D 151 5.36 25.50 -31.74
N GLU D 152 6.11 26.59 -31.59
CA GLU D 152 5.88 27.77 -32.39
C GLU D 152 6.26 27.52 -33.84
N MET D 153 5.54 28.16 -34.75
CA MET D 153 5.70 27.93 -36.19
C MET D 153 6.02 29.23 -36.90
N ILE D 154 7.05 29.20 -37.74
CA ILE D 154 7.55 30.37 -38.46
C ILE D 154 7.22 30.20 -39.93
N PRO D 155 6.30 30.98 -40.49
CA PRO D 155 6.02 30.88 -41.93
C PRO D 155 7.25 31.25 -42.76
N ILE D 156 7.45 30.50 -43.84
CA ILE D 156 8.57 30.70 -44.75
C ILE D 156 8.03 30.79 -46.18
N PRO D 157 8.41 31.82 -46.94
CA PRO D 157 7.89 31.92 -48.31
C PRO D 157 8.41 30.81 -49.20
N MET D 158 7.59 30.44 -50.17
CA MET D 158 7.93 29.42 -51.15
C MET D 158 8.38 30.07 -52.45
N LEU D 159 9.46 29.56 -53.02
CA LEU D 159 9.93 29.96 -54.34
C LEU D 159 9.60 28.86 -55.33
N GLN D 160 10.16 28.95 -56.54
CA GLN D 160 9.81 28.00 -57.58
C GLN D 160 10.51 26.66 -57.39
N ASP D 161 11.76 26.66 -56.93
CA ASP D 161 12.53 25.44 -56.76
C ASP D 161 12.63 25.00 -55.30
N GLY D 162 11.78 25.55 -54.43
CA GLY D 162 11.80 25.22 -53.03
C GLY D 162 11.59 26.45 -52.17
N PRO D 163 11.77 26.30 -50.86
CA PRO D 163 11.59 27.43 -49.95
C PRO D 163 12.77 28.38 -50.01
N ASP D 164 12.60 29.52 -49.33
CA ASP D 164 13.64 30.54 -49.26
C ASP D 164 14.81 30.07 -48.42
N VAL D 165 15.78 29.38 -49.04
CA VAL D 165 16.88 28.80 -48.29
C VAL D 165 17.79 29.87 -47.70
N ASP D 166 17.97 30.99 -48.40
CA ASP D 166 18.72 32.10 -47.84
C ASP D 166 18.12 32.55 -46.51
N LEU D 167 16.80 32.64 -46.45
CA LEU D 167 16.12 33.04 -45.23
C LEU D 167 16.19 31.94 -44.17
N ILE D 168 16.01 30.68 -44.58
CA ILE D 168 16.07 29.56 -43.64
C ILE D 168 17.44 29.49 -42.99
N GLU D 169 18.50 29.66 -43.79
CA GLU D 169 19.85 29.55 -43.24
C GLU D 169 20.15 30.66 -42.25
N GLU D 170 19.49 31.81 -42.39
CA GLU D 170 19.69 32.89 -41.42
C GLU D 170 18.96 32.62 -40.12
N LEU D 171 17.75 32.06 -40.19
CA LEU D 171 16.99 31.79 -38.97
C LEU D 171 17.63 30.68 -38.15
N VAL D 172 17.98 29.56 -38.79
CA VAL D 172 18.55 28.43 -38.07
C VAL D 172 19.95 28.74 -37.53
N ALA D 173 20.61 29.76 -38.08
CA ALA D 173 21.96 30.09 -37.62
C ALA D 173 21.95 30.86 -36.31
N VAL D 174 20.94 31.69 -36.07
CA VAL D 174 20.90 32.55 -34.89
C VAL D 174 19.94 32.07 -33.82
N ASP D 175 19.08 31.10 -34.11
CA ASP D 175 18.07 30.66 -33.14
C ASP D 175 18.27 29.19 -32.79
N PRO D 176 18.76 28.87 -31.58
CA PRO D 176 18.82 27.46 -31.17
C PRO D 176 17.45 26.85 -30.90
N ALA D 177 16.41 27.68 -30.73
CA ALA D 177 15.08 27.17 -30.48
C ALA D 177 14.46 26.51 -31.71
N ILE D 178 15.00 26.76 -32.90
CA ILE D 178 14.46 26.19 -34.13
C ILE D 178 14.99 24.77 -34.26
N LYS D 179 14.12 23.78 -34.00
CA LYS D 179 14.52 22.38 -33.98
C LYS D 179 14.13 21.60 -35.22
N GLY D 180 13.18 22.10 -36.01
CA GLY D 180 12.73 21.35 -37.16
C GLY D 180 12.11 22.25 -38.21
N MET D 181 11.72 21.63 -39.32
CA MET D 181 11.08 22.33 -40.42
C MET D 181 10.20 21.37 -41.20
N TRP D 182 8.94 21.75 -41.42
CA TRP D 182 8.01 20.92 -42.18
C TRP D 182 8.26 21.10 -43.68
N THR D 183 8.39 19.99 -44.40
CA THR D 183 8.63 20.04 -45.83
C THR D 183 7.80 18.99 -46.56
N VAL D 184 7.39 19.32 -47.77
CA VAL D 184 6.89 18.35 -48.74
C VAL D 184 7.77 18.49 -49.98
N PRO D 185 8.85 17.70 -50.10
CA PRO D 185 9.90 18.03 -51.08
C PRO D 185 9.54 17.74 -52.53
N VAL D 186 8.46 17.02 -52.79
CA VAL D 186 8.01 16.74 -54.15
C VAL D 186 6.52 16.98 -54.22
N PHE D 187 6.10 17.80 -55.19
CA PHE D 187 4.69 18.09 -55.43
C PHE D 187 4.01 18.55 -54.15
N GLY D 188 4.47 19.70 -53.64
CA GLY D 188 4.04 20.19 -52.34
C GLY D 188 2.54 20.33 -52.16
N ASN D 189 2.09 20.07 -50.93
CA ASN D 189 0.71 20.30 -50.56
C ASN D 189 0.63 21.69 -49.94
N PRO D 190 0.02 22.68 -50.61
CA PRO D 190 -0.59 22.57 -51.93
C PRO D 190 0.15 23.32 -53.04
N SER D 191 1.33 23.87 -52.74
CA SER D 191 2.02 24.72 -53.70
C SER D 191 2.40 23.98 -54.97
N GLY D 192 2.44 22.65 -54.93
CA GLY D 192 2.88 21.87 -56.07
C GLY D 192 4.37 21.98 -56.37
N VAL D 193 5.14 22.61 -55.48
CA VAL D 193 6.55 22.87 -55.71
C VAL D 193 7.36 21.63 -55.40
N THR D 194 8.37 21.36 -56.24
CA THR D 194 9.33 20.29 -56.02
C THR D 194 10.69 20.89 -55.73
N TYR D 195 11.35 20.39 -54.68
CA TYR D 195 12.64 20.93 -54.29
C TYR D 195 13.71 20.53 -55.31
N SER D 196 14.53 21.49 -55.72
CA SER D 196 15.65 21.20 -56.58
C SER D 196 16.77 20.52 -55.80
N TRP D 197 17.67 19.84 -56.53
CA TRP D 197 18.82 19.23 -55.89
C TRP D 197 19.65 20.25 -55.13
N GLU D 198 19.77 21.46 -55.68
CA GLU D 198 20.54 22.51 -55.02
C GLU D 198 19.89 22.92 -53.70
N THR D 199 18.56 23.00 -53.68
CA THR D 199 17.85 23.33 -52.45
C THR D 199 18.09 22.28 -51.37
N VAL D 200 17.97 21.01 -51.73
CA VAL D 200 18.21 19.93 -50.79
C VAL D 200 19.64 19.95 -50.29
N ARG D 201 20.59 20.18 -51.21
CA ARG D 201 22.01 20.16 -50.83
C ARG D 201 22.32 21.22 -49.78
N ARG D 202 21.75 22.42 -49.93
CA ARG D 202 22.03 23.48 -48.97
C ARG D 202 21.34 23.21 -47.63
N LEU D 203 20.13 22.65 -47.67
CA LEU D 203 19.39 22.41 -46.44
C LEU D 203 20.09 21.41 -45.53
N VAL D 204 20.75 20.40 -46.11
CA VAL D 204 21.47 19.40 -45.31
C VAL D 204 22.89 19.82 -44.96
N GLN D 205 23.38 20.93 -45.53
CA GLN D 205 24.71 21.43 -45.23
C GLN D 205 24.72 22.68 -44.36
N MET D 206 23.61 23.41 -44.28
CA MET D 206 23.59 24.66 -43.55
C MET D 206 23.89 24.46 -42.07
N ARG D 207 24.55 25.45 -41.48
CA ARG D 207 24.85 25.43 -40.05
C ARG D 207 23.61 25.80 -39.26
N THR D 208 23.35 25.04 -38.19
CA THR D 208 22.20 25.28 -37.33
C THR D 208 22.67 25.53 -35.91
N ALA D 209 22.06 26.52 -35.26
CA ALA D 209 22.35 26.76 -33.84
C ALA D 209 21.92 25.58 -32.98
N ALA D 210 20.83 24.91 -33.35
CA ALA D 210 20.40 23.71 -32.66
C ALA D 210 21.16 22.51 -33.20
N PRO D 211 21.91 21.78 -32.37
CA PRO D 211 22.67 20.63 -32.89
C PRO D 211 21.79 19.48 -33.35
N ASP D 212 20.53 19.44 -32.91
CA ASP D 212 19.61 18.37 -33.28
C ASP D 212 18.50 18.90 -34.20
N PHE D 213 18.85 19.80 -35.11
CA PHE D 213 17.88 20.27 -36.09
C PHE D 213 17.46 19.13 -37.01
N ARG D 214 16.19 19.12 -37.40
CA ARG D 214 15.62 18.00 -38.15
C ARG D 214 14.83 18.52 -39.34
N LEU D 215 15.06 17.93 -40.50
CA LEU D 215 14.26 18.17 -41.69
C LEU D 215 13.18 17.09 -41.74
N PHE D 216 11.91 17.49 -41.61
CA PHE D 216 10.81 16.55 -41.69
C PHE D 216 10.44 16.40 -43.16
N TRP D 217 11.07 15.41 -43.80
CA TRP D 217 11.06 15.24 -45.25
C TRP D 217 9.87 14.36 -45.64
N ASP D 218 8.68 14.98 -45.62
CA ASP D 218 7.44 14.26 -45.91
C ASP D 218 7.28 14.15 -47.43
N ASN D 219 7.92 13.14 -47.99
CA ASN D 219 7.83 12.86 -49.43
C ASN D 219 6.53 12.11 -49.74
N ALA D 220 5.41 12.78 -49.42
CA ALA D 220 4.12 12.13 -49.51
C ALA D 220 3.68 11.89 -50.95
N TYR D 221 4.13 12.74 -51.88
CA TYR D 221 3.75 12.65 -53.28
C TYR D 221 4.95 12.28 -54.15
N ALA D 222 5.73 11.29 -53.69
CA ALA D 222 7.02 10.99 -54.29
C ALA D 222 6.88 10.47 -55.72
N VAL D 223 5.80 9.76 -56.02
CA VAL D 223 5.63 9.19 -57.35
C VAL D 223 4.25 9.54 -57.88
N HIS D 224 3.66 10.61 -57.35
CA HIS D 224 2.27 10.96 -57.64
C HIS D 224 2.24 12.03 -58.75
N THR D 225 2.64 11.60 -59.94
CA THR D 225 2.75 12.49 -61.08
C THR D 225 1.39 12.73 -61.73
N LEU D 226 1.23 13.92 -62.30
CA LEU D 226 0.10 14.25 -63.15
C LEU D 226 0.47 14.27 -64.63
N THR D 227 1.71 13.91 -64.95
CA THR D 227 2.18 13.71 -66.32
C THR D 227 2.59 12.25 -66.47
N LEU D 228 3.25 11.94 -67.58
CA LEU D 228 3.77 10.60 -67.81
C LEU D 228 5.21 10.44 -67.34
N ASP D 229 5.78 11.48 -66.73
CA ASP D 229 7.16 11.46 -66.26
C ASP D 229 7.18 11.40 -64.74
N PHE D 230 8.21 10.74 -64.21
CA PHE D 230 8.38 10.66 -62.77
C PHE D 230 9.55 11.53 -62.33
N PRO D 231 9.42 12.26 -61.22
CA PRO D 231 10.51 13.14 -60.78
C PRO D 231 11.65 12.34 -60.19
N ARG D 232 12.87 12.80 -60.43
CA ARG D 232 14.04 12.17 -59.83
C ARG D 232 14.09 12.50 -58.35
N GLN D 233 14.22 11.48 -57.51
CA GLN D 233 14.29 11.68 -56.08
C GLN D 233 15.69 12.14 -55.70
N VAL D 234 15.77 13.19 -54.89
CA VAL D 234 17.05 13.65 -54.37
C VAL D 234 17.42 12.80 -53.16
N ASP D 235 18.66 12.29 -53.16
CA ASP D 235 19.17 11.49 -52.04
C ASP D 235 19.51 12.44 -50.90
N VAL D 236 18.47 12.81 -50.14
CA VAL D 236 18.66 13.72 -49.02
C VAL D 236 19.48 13.05 -47.91
N LEU D 237 19.33 11.74 -47.75
CA LEU D 237 20.08 11.04 -46.70
C LEU D 237 21.57 10.96 -47.03
N GLY D 238 21.88 10.65 -48.29
CA GLY D 238 23.28 10.57 -48.70
C GLY D 238 23.98 11.91 -48.66
N LEU D 239 23.30 12.97 -49.12
CA LEU D 239 23.88 14.31 -49.06
C LEU D 239 24.10 14.77 -47.63
N ALA D 240 23.17 14.42 -46.74
CA ALA D 240 23.32 14.80 -45.33
C ALA D 240 24.48 14.05 -44.68
N ALA D 241 24.64 12.77 -45.02
CA ALA D 241 25.76 12.00 -44.49
C ALA D 241 27.10 12.54 -45.00
N LYS D 242 27.18 12.82 -46.31
CA LYS D 242 28.40 13.39 -46.87
C LYS D 242 28.71 14.78 -46.32
N ALA D 243 27.71 15.48 -45.79
CA ALA D 243 27.89 16.80 -45.23
C ALA D 243 28.15 16.79 -43.73
N GLY D 244 28.14 15.63 -43.10
CA GLY D 244 28.36 15.52 -41.68
C GLY D 244 27.14 15.70 -40.81
N ASN D 245 25.95 15.74 -41.39
CA ASN D 245 24.69 15.84 -40.65
C ASN D 245 23.80 14.64 -40.96
N PRO D 246 24.26 13.42 -40.65
CA PRO D 246 23.50 12.23 -41.10
C PRO D 246 22.11 12.15 -40.51
N ASN D 247 21.90 12.65 -39.30
CA ASN D 247 20.63 12.52 -38.59
C ASN D 247 19.66 13.65 -38.90
N ARG D 248 20.01 14.60 -39.76
CA ARG D 248 19.13 15.75 -39.97
C ARG D 248 17.82 15.37 -40.65
N PRO D 249 17.79 14.59 -41.74
CA PRO D 249 16.49 14.34 -42.40
C PRO D 249 15.71 13.14 -41.86
N TYR D 250 14.42 13.38 -41.58
CA TYR D 250 13.43 12.32 -41.37
C TYR D 250 12.58 12.21 -42.62
N VAL D 251 12.60 11.07 -43.29
CA VAL D 251 11.89 10.87 -44.54
C VAL D 251 10.61 10.08 -44.28
N PHE D 252 9.51 10.50 -44.92
CA PHE D 252 8.22 9.83 -44.78
C PHE D 252 7.58 9.66 -46.14
N ALA D 253 6.81 8.59 -46.29
CA ALA D 253 6.02 8.34 -47.49
C ALA D 253 4.89 7.40 -47.12
N SER D 254 3.97 7.20 -48.06
CA SER D 254 2.77 6.42 -47.81
C SER D 254 2.22 5.88 -49.12
N THR D 255 1.46 4.80 -49.03
CA THR D 255 0.69 4.26 -50.14
C THR D 255 -0.80 4.61 -50.02
N SER D 256 -1.14 5.62 -49.23
CA SER D 256 -2.53 6.01 -49.01
C SER D 256 -3.15 6.58 -50.28
N LYS D 257 -2.33 7.18 -51.11
CA LYS D 257 -2.82 7.71 -52.39
C LYS D 257 -2.31 6.84 -53.49
N ILE D 258 -1.86 5.65 -53.12
CA ILE D 258 -1.35 4.68 -54.08
C ILE D 258 -2.31 3.51 -54.17
N THR D 259 -2.74 3.00 -53.01
CA THR D 259 -3.72 1.92 -52.96
C THR D 259 -5.01 2.39 -52.30
N PHE D 260 -5.12 2.20 -50.99
CA PHE D 260 -6.30 2.58 -50.22
C PHE D 260 -5.95 3.72 -49.28
N ALA D 261 -6.74 4.79 -49.29
CA ALA D 261 -6.54 5.90 -48.37
C ALA D 261 -7.00 5.47 -46.98
N GLY D 262 -6.05 5.33 -46.06
CA GLY D 262 -6.33 4.80 -44.74
C GLY D 262 -6.22 3.30 -44.61
N GLY D 263 -5.94 2.60 -45.71
CA GLY D 263 -5.74 1.17 -45.67
C GLY D 263 -4.43 0.73 -46.28
N GLY D 264 -3.50 1.67 -46.44
CA GLY D 264 -2.22 1.42 -47.04
C GLY D 264 -1.12 1.21 -46.02
N VAL D 265 0.12 1.43 -46.46
CA VAL D 265 1.31 1.23 -45.64
C VAL D 265 2.11 2.53 -45.62
N SER D 266 2.72 2.82 -44.48
CA SER D 266 3.54 4.01 -44.29
C SER D 266 5.02 3.62 -44.23
N PHE D 267 5.89 4.62 -44.43
CA PHE D 267 7.32 4.40 -44.46
C PHE D 267 8.05 5.54 -43.76
N PHE D 268 9.16 5.18 -43.12
CA PHE D 268 10.04 6.14 -42.47
C PHE D 268 11.48 5.82 -42.84
N GLY D 269 12.25 6.85 -43.18
CA GLY D 269 13.63 6.67 -43.61
C GLY D 269 14.57 7.63 -42.92
N GLY D 270 15.74 7.13 -42.55
CA GLY D 270 16.74 7.96 -41.92
C GLY D 270 18.04 7.21 -41.76
N SER D 271 18.98 7.85 -41.08
CA SER D 271 20.23 7.18 -40.75
C SER D 271 19.94 6.00 -39.81
N LEU D 272 20.89 5.05 -39.79
CA LEU D 272 20.72 3.87 -38.95
C LEU D 272 20.57 4.24 -37.48
N GLY D 273 21.10 5.39 -37.07
CA GLY D 273 20.89 5.84 -35.70
C GLY D 273 19.46 6.31 -35.47
N ASN D 274 18.91 7.06 -36.42
CA ASN D 274 17.53 7.50 -36.29
C ASN D 274 16.54 6.34 -36.37
N ILE D 275 16.85 5.34 -37.20
CA ILE D 275 16.02 4.14 -37.25
C ILE D 275 16.06 3.43 -35.90
N ALA D 276 17.25 3.22 -35.35
CA ALA D 276 17.36 2.60 -34.04
C ALA D 276 16.71 3.47 -32.97
N TRP D 277 16.86 4.79 -33.09
CA TRP D 277 16.25 5.69 -32.12
C TRP D 277 14.73 5.61 -32.17
N TYR D 278 14.15 5.65 -33.38
CA TYR D 278 12.70 5.59 -33.51
C TYR D 278 12.15 4.27 -33.00
N LEU D 279 12.71 3.15 -33.47
CA LEU D 279 12.22 1.83 -33.06
C LEU D 279 12.44 1.60 -31.57
N GLN D 280 13.42 2.28 -30.98
CA GLN D 280 13.65 2.15 -29.54
C GLN D 280 12.44 2.63 -28.74
N TYR D 281 11.80 3.71 -29.19
CA TYR D 281 10.62 4.24 -28.52
C TYR D 281 9.31 3.76 -29.13
N ALA D 282 9.30 3.43 -30.43
CA ALA D 282 8.13 2.80 -31.02
C ALA D 282 7.88 1.42 -30.42
N GLY D 283 8.91 0.77 -29.89
CA GLY D 283 8.75 -0.51 -29.22
C GLY D 283 8.05 -0.44 -27.89
N LYS D 284 8.03 0.74 -27.27
CA LYS D 284 7.20 0.95 -26.08
C LYS D 284 5.73 1.11 -26.45
N LYS D 285 5.45 1.46 -27.70
CA LYS D 285 4.11 1.76 -28.18
C LYS D 285 3.45 0.57 -28.87
N SER D 286 4.21 -0.22 -29.63
CA SER D 286 3.63 -1.31 -30.40
C SER D 286 4.60 -2.47 -30.47
N ILE D 287 4.03 -3.68 -30.49
CA ILE D 287 4.83 -4.88 -30.72
C ILE D 287 5.42 -4.87 -32.12
N GLY D 288 4.76 -4.19 -33.06
CA GLY D 288 5.20 -4.13 -34.43
C GLY D 288 4.05 -3.82 -35.37
N PRO D 289 4.36 -3.44 -36.60
CA PRO D 289 3.32 -3.08 -37.56
C PRO D 289 2.65 -4.30 -38.17
N ASP D 290 1.60 -4.04 -38.94
CA ASP D 290 0.79 -5.08 -39.57
C ASP D 290 1.55 -5.67 -40.75
N LYS D 291 2.08 -6.88 -40.59
CA LYS D 291 2.84 -7.52 -41.66
C LYS D 291 1.92 -8.10 -42.74
N VAL D 292 0.68 -8.44 -42.39
CA VAL D 292 -0.22 -9.03 -43.37
C VAL D 292 -0.61 -8.00 -44.43
N ASN D 293 -0.86 -6.76 -44.00
CA ASN D 293 -1.16 -5.72 -44.97
C ASN D 293 0.06 -5.36 -45.81
N GLN D 294 1.26 -5.41 -45.20
CA GLN D 294 2.48 -5.22 -45.98
C GLN D 294 2.69 -6.36 -46.97
N LEU D 295 2.29 -7.57 -46.60
CA LEU D 295 2.32 -8.68 -47.54
C LEU D 295 1.25 -8.52 -48.62
N ARG D 296 0.10 -7.95 -48.27
CA ARG D 296 -0.93 -7.64 -49.25
C ARG D 296 -0.38 -6.72 -50.34
N HIS D 297 0.31 -5.65 -49.93
CA HIS D 297 0.81 -4.68 -50.88
C HIS D 297 1.98 -5.25 -51.67
N LEU D 298 2.82 -6.06 -51.02
CA LEU D 298 3.94 -6.69 -51.72
C LEU D 298 3.44 -7.56 -52.88
N ARG D 299 2.50 -8.46 -52.60
CA ARG D 299 1.95 -9.30 -53.65
C ARG D 299 1.27 -8.48 -54.73
N PHE D 300 0.55 -7.43 -54.32
CA PHE D 300 -0.18 -6.61 -55.29
C PHE D 300 0.77 -5.86 -56.22
N PHE D 301 1.77 -5.19 -55.65
CA PHE D 301 2.70 -4.41 -56.45
C PHE D 301 3.60 -5.31 -57.30
N GLY D 302 4.23 -6.30 -56.66
CA GLY D 302 5.18 -7.14 -57.35
C GLY D 302 6.58 -6.56 -57.33
N ASP D 303 6.73 -5.34 -57.84
CA ASP D 303 8.04 -4.69 -57.92
C ASP D 303 7.83 -3.19 -58.03
N ALA D 304 8.95 -2.45 -58.06
CA ALA D 304 8.87 -1.00 -58.11
C ALA D 304 8.35 -0.51 -59.46
N ASP D 305 8.64 -1.23 -60.54
CA ASP D 305 8.07 -0.88 -61.83
C ASP D 305 6.56 -1.07 -61.85
N GLY D 306 6.02 -1.95 -61.01
CA GLY D 306 4.58 -2.09 -60.90
C GLY D 306 3.92 -0.86 -60.28
N VAL D 307 4.54 -0.33 -59.22
CA VAL D 307 4.00 0.88 -58.58
C VAL D 307 3.98 2.03 -59.58
N ARG D 308 5.05 2.19 -60.36
CA ARG D 308 5.10 3.27 -61.33
C ARG D 308 4.00 3.12 -62.38
N LEU D 309 3.76 1.90 -62.85
CA LEU D 309 2.64 1.66 -63.76
C LEU D 309 1.31 1.97 -63.09
N HIS D 310 1.19 1.62 -61.81
CA HIS D 310 -0.03 1.92 -61.05
C HIS D 310 -0.26 3.42 -60.94
N MET D 311 0.82 4.20 -60.82
CA MET D 311 0.68 5.64 -60.68
C MET D 311 0.29 6.29 -62.00
N LEU D 312 0.61 5.67 -63.12
CA LEU D 312 0.14 6.17 -64.41
C LEU D 312 -1.32 5.88 -64.63
N ARG D 313 -1.87 4.87 -63.96
CA ARG D 313 -3.31 4.63 -64.01
C ARG D 313 -4.07 5.65 -63.17
N HIS D 314 -3.49 6.03 -62.02
CA HIS D 314 -4.05 7.16 -61.27
C HIS D 314 -3.97 8.44 -62.07
N GLN D 315 -2.88 8.63 -62.81
CA GLN D 315 -2.70 9.86 -63.58
C GLN D 315 -3.78 9.99 -64.66
N GLN D 316 -4.18 8.87 -65.26
CA GLN D 316 -5.22 8.92 -66.29
C GLN D 316 -6.55 9.38 -65.72
N ILE D 317 -6.81 9.09 -64.45
CA ILE D 317 -8.05 9.53 -63.81
C ILE D 317 -7.91 10.97 -63.30
N LEU D 318 -6.73 11.32 -62.77
CA LEU D 318 -6.55 12.59 -62.07
C LEU D 318 -6.31 13.74 -63.04
N ALA D 319 -5.43 13.55 -64.01
CA ALA D 319 -5.05 14.65 -64.91
C ALA D 319 -6.22 15.36 -65.56
N PRO D 320 -7.26 14.69 -66.08
CA PRO D 320 -8.40 15.44 -66.63
C PRO D 320 -9.11 16.31 -65.62
N LYS D 321 -9.07 15.96 -64.34
CA LYS D 321 -9.73 16.78 -63.33
C LYS D 321 -8.93 18.03 -63.01
N PHE D 322 -7.60 17.93 -62.92
CA PHE D 322 -6.78 19.11 -62.75
C PHE D 322 -6.85 20.00 -63.99
N ALA D 323 -6.92 19.40 -65.17
CA ALA D 323 -7.08 20.17 -66.40
C ALA D 323 -8.40 20.92 -66.40
N LEU D 324 -9.48 20.28 -65.94
CA LEU D 324 -10.78 20.92 -65.92
C LEU D 324 -10.79 22.13 -65.00
N VAL D 325 -10.25 21.98 -63.79
CA VAL D 325 -10.20 23.10 -62.85
C VAL D 325 -9.43 24.27 -63.45
N ALA D 326 -8.32 23.97 -64.14
CA ALA D 326 -7.56 25.03 -64.79
C ALA D 326 -8.37 25.69 -65.91
N GLU D 327 -9.14 24.90 -66.65
CA GLU D 327 -9.94 25.46 -67.74
C GLU D 327 -11.06 26.35 -67.21
N VAL D 328 -11.71 25.93 -66.12
CA VAL D 328 -12.81 26.72 -65.57
C VAL D 328 -12.28 28.00 -64.93
N LEU D 329 -11.21 27.88 -64.14
CA LEU D 329 -10.60 29.06 -63.53
C LEU D 329 -10.13 30.04 -64.62
N ASP D 330 -9.57 29.51 -65.70
CA ASP D 330 -9.11 30.38 -66.78
C ASP D 330 -10.27 31.09 -67.47
N GLN D 331 -11.39 30.38 -67.65
CA GLN D 331 -12.51 30.96 -68.38
C GLN D 331 -13.21 32.03 -67.57
N ARG D 332 -13.38 31.80 -66.26
CA ARG D 332 -14.13 32.73 -65.43
C ARG D 332 -13.29 33.87 -64.85
N LEU D 333 -11.99 33.66 -64.64
CA LEU D 333 -11.21 34.56 -63.81
C LEU D 333 -10.08 35.29 -64.52
N SER D 334 -9.63 34.84 -65.69
CA SER D 334 -8.47 35.45 -66.31
C SER D 334 -8.76 36.89 -66.77
N GLU D 335 -9.96 37.12 -67.30
CA GLU D 335 -10.33 38.47 -67.73
C GLU D 335 -10.29 39.45 -66.56
N SER D 336 -10.70 39.01 -65.38
CA SER D 336 -10.70 39.87 -64.22
C SER D 336 -9.28 40.19 -63.76
N LYS D 337 -8.32 39.31 -64.06
CA LYS D 337 -6.95 39.45 -63.57
C LYS D 337 -6.92 39.60 -62.04
N ILE D 338 -7.93 39.02 -61.39
CA ILE D 338 -8.01 39.06 -59.93
C ILE D 338 -7.18 37.95 -59.31
N ALA D 339 -7.07 36.82 -60.00
CA ALA D 339 -6.65 35.57 -59.38
C ALA D 339 -5.44 34.97 -60.09
N SER D 340 -4.75 34.12 -59.35
CA SER D 340 -3.70 33.27 -59.87
C SER D 340 -3.85 31.89 -59.26
N TRP D 341 -3.37 30.88 -59.97
CA TRP D 341 -3.50 29.52 -59.48
C TRP D 341 -2.38 28.67 -60.05
N THR D 342 -2.01 27.64 -59.29
CA THR D 342 -0.96 26.73 -59.74
C THR D 342 -1.48 25.81 -60.84
N GLU D 343 -0.55 25.30 -61.64
CA GLU D 343 -0.79 24.21 -62.58
C GLU D 343 0.22 23.13 -62.22
N PRO D 344 -0.07 22.32 -61.20
CA PRO D 344 0.94 21.43 -60.65
C PRO D 344 1.25 20.26 -61.58
N LYS D 345 2.52 19.88 -61.63
CA LYS D 345 2.94 18.69 -62.36
C LYS D 345 2.66 17.41 -61.58
N GLY D 346 2.24 17.52 -60.34
CA GLY D 346 1.90 16.37 -59.53
C GLY D 346 1.24 16.80 -58.25
N GLY D 347 1.01 15.82 -57.38
CA GLY D 347 0.31 16.10 -56.15
C GLY D 347 -1.19 16.01 -56.29
N TYR D 348 -1.89 16.51 -55.28
CA TYR D 348 -3.33 16.36 -55.19
C TYR D 348 -4.07 17.69 -55.05
N PHE D 349 -3.40 18.83 -55.23
CA PHE D 349 -4.03 20.10 -54.89
C PHE D 349 -3.64 21.20 -55.87
N ILE D 350 -4.57 22.11 -56.09
CA ILE D 350 -4.35 23.34 -56.84
C ILE D 350 -4.44 24.50 -55.86
N SER D 351 -3.47 25.41 -55.93
CA SER D 351 -3.40 26.57 -55.05
C SER D 351 -3.98 27.77 -55.76
N LEU D 352 -5.04 28.36 -55.20
CA LEU D 352 -5.73 29.49 -55.80
C LEU D 352 -5.56 30.73 -54.91
N ASP D 353 -5.13 31.84 -55.52
CA ASP D 353 -5.06 33.13 -54.86
C ASP D 353 -6.09 34.04 -55.50
N VAL D 354 -6.98 34.61 -54.68
CA VAL D 354 -7.98 35.55 -55.18
C VAL D 354 -7.57 36.96 -54.77
N LEU D 355 -8.51 37.89 -54.82
CA LEU D 355 -8.22 39.26 -54.42
C LEU D 355 -7.89 39.28 -52.93
N PRO D 356 -6.81 39.94 -52.51
CA PRO D 356 -6.49 40.01 -51.09
C PRO D 356 -7.65 40.59 -50.28
N GLY D 357 -7.90 39.98 -49.13
CA GLY D 357 -9.01 40.38 -48.29
C GLY D 357 -10.35 39.83 -48.70
N THR D 358 -10.39 38.84 -49.59
CA THR D 358 -11.64 38.26 -50.05
C THR D 358 -11.71 36.74 -49.89
N ALA D 359 -10.63 36.10 -49.46
CA ALA D 359 -10.61 34.63 -49.37
C ALA D 359 -11.64 34.14 -48.37
N ARG D 360 -11.57 34.63 -47.12
CA ARG D 360 -12.54 34.24 -46.11
C ARG D 360 -13.96 34.55 -46.55
N ARG D 361 -14.16 35.72 -47.17
CA ARG D 361 -15.46 36.06 -47.72
C ARG D 361 -15.88 35.08 -48.81
N THR D 362 -14.94 34.72 -49.69
CA THR D 362 -15.25 33.82 -50.80
C THR D 362 -15.72 32.46 -50.31
N VAL D 363 -15.09 31.94 -49.26
CA VAL D 363 -15.49 30.64 -48.73
C VAL D 363 -16.84 30.74 -48.04
N ALA D 364 -17.08 31.85 -47.33
CA ALA D 364 -18.38 32.06 -46.71
C ALA D 364 -19.49 32.14 -47.75
N LEU D 365 -19.26 32.93 -48.82
CA LEU D 365 -20.23 33.00 -49.91
C LEU D 365 -20.43 31.63 -50.55
N ALA D 366 -19.37 30.84 -50.64
CA ALA D 366 -19.48 29.51 -51.26
C ALA D 366 -20.22 28.54 -50.37
N LYS D 367 -19.95 28.58 -49.05
CA LYS D 367 -20.68 27.72 -48.13
C LYS D 367 -22.18 28.01 -48.16
N ASP D 368 -22.55 29.28 -48.37
CA ASP D 368 -23.95 29.69 -48.39
C ASP D 368 -24.67 29.33 -49.68
N VAL D 369 -23.99 28.70 -50.63
CA VAL D 369 -24.63 28.19 -51.83
C VAL D 369 -24.42 26.69 -52.00
N GLY D 370 -23.98 26.01 -50.94
CA GLY D 370 -23.84 24.57 -50.96
C GLY D 370 -22.52 24.05 -51.48
N ILE D 371 -21.48 24.88 -51.56
CA ILE D 371 -20.18 24.47 -52.06
C ILE D 371 -19.18 24.56 -50.90
N ALA D 372 -18.66 23.40 -50.50
CA ALA D 372 -17.71 23.32 -49.40
C ALA D 372 -16.31 23.57 -49.93
N VAL D 373 -15.67 24.64 -49.47
CA VAL D 373 -14.33 25.02 -49.88
C VAL D 373 -13.44 25.02 -48.65
N THR D 374 -12.21 24.53 -48.83
CA THR D 374 -11.24 24.49 -47.72
C THR D 374 -11.13 25.85 -47.05
N GLU D 375 -11.22 25.85 -45.72
CA GLU D 375 -11.22 27.09 -44.95
C GLU D 375 -10.04 27.97 -45.33
N ALA D 376 -10.32 29.27 -45.49
CA ALA D 376 -9.30 30.22 -45.87
C ALA D 376 -8.18 30.24 -44.83
N GLY D 377 -6.94 30.13 -45.31
CA GLY D 377 -5.78 30.12 -44.44
C GLY D 377 -5.37 28.76 -43.92
N ALA D 378 -6.10 27.70 -44.30
CA ALA D 378 -5.78 26.36 -43.80
C ALA D 378 -4.39 25.90 -44.19
N SER D 379 -3.81 26.48 -45.24
CA SER D 379 -2.46 26.13 -45.68
C SER D 379 -1.37 26.87 -44.89
N PHE D 380 -1.74 27.59 -43.83
CA PHE D 380 -0.81 28.41 -43.09
C PHE D 380 -0.88 28.08 -41.60
N PRO D 381 0.23 28.19 -40.88
CA PRO D 381 0.21 27.93 -39.44
C PRO D 381 -0.76 28.86 -38.73
N TYR D 382 -1.51 28.30 -37.78
CA TYR D 382 -2.57 28.99 -37.05
C TYR D 382 -3.66 29.53 -37.97
N ARG D 383 -3.69 29.04 -39.22
CA ARG D 383 -4.69 29.46 -40.21
C ARG D 383 -4.61 30.96 -40.49
N LYS D 384 -3.42 31.55 -40.36
CA LYS D 384 -3.22 32.99 -40.57
C LYS D 384 -2.61 33.21 -41.95
N ASP D 385 -3.47 33.49 -42.94
CA ASP D 385 -3.01 34.00 -44.22
C ASP D 385 -2.97 35.52 -44.13
N PRO D 386 -1.79 36.14 -44.07
CA PRO D 386 -1.75 37.59 -43.84
C PRO D 386 -2.39 38.41 -44.94
N ASP D 387 -2.50 37.88 -46.16
CA ASP D 387 -3.11 38.60 -47.26
C ASP D 387 -4.57 38.23 -47.50
N ASP D 388 -5.09 37.21 -46.80
CA ASP D 388 -6.47 36.77 -46.92
C ASP D 388 -6.85 36.56 -48.39
N LYS D 389 -6.09 35.68 -49.06
CA LYS D 389 -6.26 35.46 -50.49
C LYS D 389 -6.18 34.01 -50.92
N ASN D 390 -5.58 33.11 -50.14
CA ASN D 390 -5.32 31.76 -50.59
C ASN D 390 -6.51 30.84 -50.37
N ILE D 391 -6.76 29.98 -51.35
CA ILE D 391 -7.84 28.99 -51.28
C ILE D 391 -7.31 27.68 -51.87
N ARG D 392 -7.43 26.60 -51.11
CA ARG D 392 -6.99 25.29 -51.57
C ARG D 392 -8.14 24.58 -52.28
N ILE D 393 -7.82 23.92 -53.40
CA ILE D 393 -8.80 23.20 -54.21
C ILE D 393 -8.34 21.75 -54.33
N ALA D 394 -9.17 20.83 -53.84
CA ALA D 394 -8.89 19.40 -53.93
C ALA D 394 -9.77 18.78 -55.00
N PRO D 395 -9.27 18.58 -56.22
CA PRO D 395 -10.12 18.13 -57.32
C PRO D 395 -10.17 16.63 -57.55
N SER D 396 -9.56 15.82 -56.67
CA SER D 396 -9.39 14.40 -56.96
C SER D 396 -10.69 13.63 -56.84
N PHE D 397 -11.52 13.95 -55.83
CA PHE D 397 -12.65 13.10 -55.49
C PHE D 397 -13.86 13.25 -56.42
N PRO D 398 -14.40 14.47 -56.63
CA PRO D 398 -15.70 14.57 -57.30
C PRO D 398 -15.64 14.18 -58.77
N SER D 399 -16.80 13.80 -59.29
CA SER D 399 -16.94 13.57 -60.72
C SER D 399 -16.69 14.88 -61.48
N VAL D 400 -16.39 14.75 -62.76
CA VAL D 400 -16.05 15.93 -63.57
C VAL D 400 -17.27 16.84 -63.80
N PRO D 401 -18.52 16.36 -63.77
CA PRO D 401 -19.62 17.34 -63.77
C PRO D 401 -19.79 18.02 -62.42
N ASP D 402 -19.72 17.26 -61.32
CA ASP D 402 -19.75 17.87 -59.99
C ASP D 402 -18.59 18.83 -59.81
N LEU D 403 -17.42 18.48 -60.34
CA LEU D 403 -16.26 19.36 -60.26
C LEU D 403 -16.49 20.65 -61.04
N ARG D 404 -17.05 20.54 -62.24
CA ARG D 404 -17.28 21.72 -63.08
C ARG D 404 -18.21 22.69 -62.39
N ASN D 405 -19.26 22.19 -61.72
CA ASN D 405 -20.20 23.08 -61.05
C ASN D 405 -19.59 23.73 -59.82
N ALA D 406 -18.78 22.97 -59.07
CA ALA D 406 -18.20 23.51 -57.84
C ALA D 406 -17.18 24.60 -58.14
N VAL D 407 -16.29 24.37 -59.11
CA VAL D 407 -15.29 25.37 -59.46
C VAL D 407 -15.95 26.58 -60.10
N ASP D 408 -16.97 26.35 -60.93
CA ASP D 408 -17.69 27.47 -61.54
C ASP D 408 -18.42 28.30 -60.48
N GLY D 409 -19.02 27.64 -59.50
CA GLY D 409 -19.64 28.37 -58.41
C GLY D 409 -18.61 29.12 -57.56
N LEU D 410 -17.47 28.48 -57.28
CA LEU D 410 -16.42 29.15 -56.53
C LEU D 410 -15.94 30.40 -57.25
N ALA D 411 -15.82 30.33 -58.58
CA ALA D 411 -15.41 31.50 -59.35
C ALA D 411 -16.43 32.62 -59.23
N THR D 412 -17.72 32.27 -59.24
CA THR D 412 -18.77 33.28 -59.08
C THR D 412 -18.64 34.01 -57.74
N CYS D 413 -18.37 33.26 -56.67
CA CYS D 413 -18.27 33.86 -55.35
C CYS D 413 -16.99 34.69 -55.21
N ALA D 414 -15.89 34.22 -55.83
CA ALA D 414 -14.65 34.99 -55.79
C ALA D 414 -14.80 36.31 -56.53
N LEU D 415 -15.58 36.32 -57.62
CA LEU D 415 -15.83 37.56 -58.34
C LEU D 415 -16.75 38.48 -57.55
N LEU D 416 -17.77 37.92 -56.91
CA LEU D 416 -18.67 38.73 -56.08
C LEU D 416 -17.91 39.35 -54.91
N ALA D 417 -17.11 38.55 -54.20
CA ALA D 417 -16.31 39.07 -53.11
C ALA D 417 -15.31 40.13 -53.59
N ALA D 418 -14.88 40.03 -54.84
CA ALA D 418 -13.97 40.99 -55.45
C ALA D 418 -14.61 42.36 -55.56
N THR D 419 -15.63 42.46 -56.42
CA THR D 419 -16.32 43.73 -56.63
C THR D 419 -16.85 44.28 -55.31
N GLU D 420 -17.28 43.40 -54.41
CA GLU D 420 -17.68 43.82 -53.07
C GLU D 420 -16.60 44.66 -52.42
N THR D 421 -15.41 44.09 -52.22
CA THR D 421 -14.34 44.81 -51.54
C THR D 421 -13.85 46.00 -52.36
N LEU D 422 -13.91 45.92 -53.70
CA LEU D 422 -13.53 47.06 -54.53
C LEU D 422 -14.47 48.24 -54.29
N LEU D 423 -15.77 48.00 -54.43
CA LEU D 423 -16.79 49.00 -54.09
C LEU D 423 -16.81 49.26 -52.59
N ASN D 424 -17.26 48.25 -51.81
CA ASN D 424 -17.72 48.45 -50.44
C ASN D 424 -16.60 48.81 -49.48
N GLN D 425 -15.40 49.06 -49.97
CA GLN D 425 -14.33 49.58 -49.10
C GLN D 425 -13.37 50.47 -49.88
N GLY D 426 -13.03 50.07 -51.10
CA GLY D 426 -12.02 50.77 -51.87
C GLY D 426 -12.32 52.22 -52.17
N1 PLP E . 3.88 -11.16 21.17
C2 PLP E . 3.78 -12.28 20.36
C2A PLP E . 4.27 -12.24 18.95
C3 PLP E . 3.20 -13.44 20.86
O3 PLP E . 3.09 -14.54 20.05
C4 PLP E . 2.74 -13.49 22.17
C4A PLP E . 2.28 -14.79 22.74
O4A PLP E . 1.71 -15.61 22.04
C5 PLP E . 2.85 -12.36 22.97
C6 PLP E . 3.42 -11.20 22.47
C5A PLP E . 2.35 -12.39 24.40
O4P PLP E . 3.47 -12.54 25.24
P PLP E . 3.45 -12.04 26.78
O1P PLP E . 2.39 -10.98 26.95
O2P PLP E . 4.80 -11.46 27.10
O3P PLP E . 3.16 -13.23 27.65
N1 PLP F . -2.12 -6.32 -23.11
C2 PLP F . -1.79 -7.50 -22.51
C2A PLP F . -2.23 -7.78 -21.10
C3 PLP F . -1.04 -8.46 -23.19
O3 PLP F . -0.72 -9.64 -22.58
C4 PLP F . -0.63 -8.21 -24.50
C4A PLP F . 0.24 -9.21 -25.20
O4A PLP F . -0.14 -10.37 -25.33
C5 PLP F . -0.97 -7.01 -25.11
C6 PLP F . -1.72 -6.07 -24.41
C5A PLP F . -0.55 -6.72 -26.53
O4P PLP F . -1.72 -6.78 -27.31
P PLP F . -1.86 -6.00 -28.70
O1P PLP F . -3.31 -5.62 -28.85
O2P PLP F . -1.01 -4.75 -28.68
O3P PLP F . -1.46 -6.90 -29.85
N GLU G . 2.45 -11.59 -24.90
CA GLU G . 3.80 -11.55 -25.45
C GLU G . 4.82 -11.42 -24.31
O GLU G . 5.95 -11.97 -24.42
CB GLU G . 3.93 -10.40 -26.44
CG GLU G . 5.36 -10.26 -26.96
CD GLU G . 5.70 -11.37 -27.94
OE1 GLU G . 5.74 -11.13 -29.17
OE2 GLU G . 5.96 -12.53 -27.52
OXT GLU G . 4.52 -10.79 -23.27
S SO4 H . -16.73 9.80 -37.17
O1 SO4 H . -16.91 10.10 -38.59
O2 SO4 H . -17.81 10.43 -36.42
O3 SO4 H . -16.76 8.35 -36.98
O4 SO4 H . -15.45 10.33 -36.73
C1 GOL I . -17.41 -18.29 -36.60
O1 GOL I . -17.17 -18.80 -35.34
C2 GOL I . -16.15 -17.50 -37.00
O2 GOL I . -16.47 -16.34 -37.67
C3 GOL I . -15.33 -18.46 -37.90
O3 GOL I . -15.58 -18.07 -39.22
N1 PLP J . -2.96 3.27 48.00
C2 PLP J . -2.53 4.05 49.00
C2A PLP J . -3.40 5.26 49.48
C3 PLP J . -1.29 3.76 49.65
O3 PLP J . -0.86 4.57 50.70
C4 PLP J . -0.53 2.69 49.25
C4A PLP J . 0.88 2.37 49.97
C5 PLP J . -0.96 1.90 48.22
C6 PLP J . -2.18 2.17 47.58
C5A PLP J . -0.11 0.69 47.74
O4P PLP J . -0.41 0.42 46.39
P PLP J . 0.51 -0.53 45.61
O1P PLP J . 0.47 -0.16 44.12
O2P PLP J . 1.89 -0.42 46.10
O3P PLP J . 0.04 -1.94 45.78
S SO4 K . 13.09 -6.62 -35.47
O1 SO4 K . 13.20 -7.71 -36.43
O2 SO4 K . 12.06 -5.69 -35.92
O3 SO4 K . 12.71 -7.16 -34.17
O4 SO4 K . 14.36 -5.92 -35.36
N1 PLP L . 1.51 13.87 -46.02
C2 PLP L . 1.00 14.77 -46.87
C2A PLP L . 1.72 16.13 -47.11
C3 PLP L . -0.21 14.48 -47.58
O3 PLP L . -0.73 15.42 -48.47
C4 PLP L . -0.85 13.27 -47.39
C4A PLP L . -2.22 12.93 -48.18
C5 PLP L . -0.34 12.36 -46.52
C6 PLP L . 0.85 12.65 -45.82
C5A PLP L . -1.05 11.00 -46.29
O4P PLP L . -0.62 10.49 -45.04
P PLP L . -1.28 9.22 -44.48
O1P PLP L . -2.64 9.05 -45.06
O2P PLP L . -0.45 8.04 -44.84
O3P PLP L . -1.36 9.34 -42.95
#